data_7F3E
#
_entry.id   7F3E
#
_cell.length_a   1.00
_cell.length_b   1.00
_cell.length_c   1.00
_cell.angle_alpha   90.00
_cell.angle_beta   90.00
_cell.angle_gamma   90.00
#
_symmetry.space_group_name_H-M   'P 1'
#
_entity_poly.entity_id   1
_entity_poly.type   'polypeptide(L)'
_entity_poly.pdbx_seq_one_letter_code
;ATSMDVFVLDTSVFTNPEIYRTFEEDQRGAMETFIHLALNSRAEFYMPTSVYTEMRKIMDVGELWAEFEMVVKIRSPRRF
QLTVPADFLYEFIEELRYRINKGLRIAEEHTREASGCEDVGKLIARLREKYREALRQGILDSKEDVDVLLLAYELDGVLV
SADEGLRTWADKIGIKLIDPKNFKNILESLVRHRF
;
_entity_poly.pdbx_strand_id   E,F,C,D,A,B,H,G,J,I,L,K
#
# COMPACT_ATOMS: atom_id res chain seq x y z
N MET A 4 26.22 -16.93 -1.19
CA MET A 4 25.90 -17.98 -2.16
C MET A 4 24.58 -18.64 -1.78
N ASP A 5 24.23 -19.71 -2.49
CA ASP A 5 22.96 -20.40 -2.27
C ASP A 5 22.91 -21.01 -0.87
N VAL A 6 21.70 -21.10 -0.32
CA VAL A 6 21.47 -21.61 1.03
C VAL A 6 20.60 -22.85 0.91
N PHE A 7 21.07 -23.96 1.50
CA PHE A 7 20.36 -25.23 1.38
C PHE A 7 19.55 -25.51 2.64
N VAL A 8 18.31 -25.94 2.45
CA VAL A 8 17.47 -26.37 3.55
C VAL A 8 17.54 -27.89 3.64
N LEU A 9 18.20 -28.39 4.69
CA LEU A 9 18.41 -29.82 4.83
C LEU A 9 17.11 -30.50 5.22
N ASP A 10 17.22 -31.79 5.49
CA ASP A 10 16.06 -32.61 5.87
C ASP A 10 16.59 -33.86 6.56
N THR A 11 15.69 -34.66 7.10
CA THR A 11 16.08 -35.93 7.68
C THR A 11 16.40 -36.96 6.61
N SER A 12 15.89 -36.77 5.40
CA SER A 12 15.94 -37.79 4.37
C SER A 12 17.14 -37.60 3.45
N VAL A 13 18.22 -37.05 4.00
CA VAL A 13 19.43 -36.77 3.22
C VAL A 13 20.64 -37.52 3.78
N PHE A 14 20.63 -37.84 5.07
CA PHE A 14 21.65 -38.73 5.62
C PHE A 14 21.11 -39.70 6.66
N THR A 15 19.94 -40.30 6.38
CA THR A 15 19.56 -41.54 7.04
C THR A 15 19.03 -42.57 6.06
N ASN A 16 18.57 -42.12 4.89
CA ASN A 16 18.08 -43.04 3.88
C ASN A 16 19.24 -43.88 3.36
N PRO A 17 19.10 -45.20 3.26
CA PRO A 17 20.26 -46.04 2.91
C PRO A 17 20.95 -45.68 1.61
N GLU A 18 20.21 -45.33 0.56
CA GLU A 18 20.86 -45.01 -0.72
C GLU A 18 21.71 -43.75 -0.59
N ILE A 19 21.20 -42.72 0.09
CA ILE A 19 21.97 -41.50 0.22
C ILE A 19 22.98 -41.65 1.36
N TYR A 20 22.76 -42.61 2.24
CA TYR A 20 23.82 -43.07 3.14
C TYR A 20 25.02 -43.57 2.34
N ARG A 21 24.76 -44.38 1.31
CA ARG A 21 25.83 -45.00 0.54
C ARG A 21 26.53 -44.00 -0.36
N THR A 22 25.79 -43.15 -1.07
CA THR A 22 26.45 -42.22 -2.00
C THR A 22 27.30 -41.20 -1.27
N PHE A 23 27.14 -41.08 0.05
CA PHE A 23 27.90 -40.12 0.86
C PHE A 23 29.10 -40.82 1.51
N GLU A 24 30.06 -41.21 0.67
CA GLU A 24 31.35 -41.73 1.14
C GLU A 24 31.19 -42.99 1.98
N GLU A 25 30.06 -43.67 1.83
CA GLU A 25 29.77 -44.91 2.56
C GLU A 25 29.99 -44.77 4.07
N ARG A 28 28.50 -43.68 10.07
CA ARG A 28 29.18 -42.60 10.77
C ARG A 28 30.08 -41.82 9.83
N GLY A 29 30.78 -42.53 8.95
CA GLY A 29 31.68 -41.86 8.02
C GLY A 29 30.96 -40.91 7.09
N ALA A 30 29.73 -41.23 6.70
CA ALA A 30 28.95 -40.34 5.86
C ALA A 30 28.77 -38.98 6.52
N MET A 31 28.43 -38.97 7.81
CA MET A 31 28.22 -37.72 8.52
C MET A 31 29.47 -36.85 8.52
N GLU A 32 30.64 -37.42 8.84
CA GLU A 32 31.84 -36.61 8.95
C GLU A 32 32.33 -36.14 7.59
N THR A 33 32.24 -36.99 6.57
CA THR A 33 32.59 -36.56 5.22
C THR A 33 31.66 -35.44 4.76
N PHE A 34 30.36 -35.59 5.01
CA PHE A 34 29.41 -34.52 4.71
C PHE A 34 29.76 -33.24 5.45
N ILE A 35 30.16 -33.36 6.71
CA ILE A 35 30.48 -32.18 7.51
C ILE A 35 31.68 -31.45 6.94
N HIS A 36 32.75 -32.18 6.63
CA HIS A 36 33.94 -31.54 6.07
C HIS A 36 33.61 -30.87 4.74
N LEU A 37 32.88 -31.58 3.88
CA LEU A 37 32.49 -31.00 2.61
C LEU A 37 31.64 -29.75 2.80
N ALA A 38 30.74 -29.79 3.79
CA ALA A 38 29.83 -28.67 4.05
C ALA A 38 30.55 -27.44 4.56
N LEU A 39 31.55 -27.62 5.43
CA LEU A 39 32.23 -26.47 6.03
C LEU A 39 32.91 -25.61 4.97
N ASN A 40 33.14 -26.14 3.78
CA ASN A 40 33.83 -25.40 2.74
C ASN A 40 32.87 -24.61 1.87
N SER A 41 33.37 -23.49 1.35
CA SER A 41 32.74 -22.62 0.35
C SER A 41 31.56 -21.81 0.88
N ARG A 42 31.26 -21.88 2.17
CA ARG A 42 30.26 -21.03 2.81
C ARG A 42 28.90 -21.15 2.14
N ALA A 43 28.51 -22.37 1.81
CA ALA A 43 27.14 -22.67 1.44
C ALA A 43 26.35 -22.89 2.72
N GLU A 44 25.63 -21.85 3.17
CA GLU A 44 24.91 -21.91 4.43
C GLU A 44 23.82 -22.97 4.34
N PHE A 45 23.74 -23.83 5.34
CA PHE A 45 22.68 -24.84 5.39
C PHE A 45 21.66 -24.44 6.44
N TYR A 46 20.58 -25.21 6.52
CA TYR A 46 19.59 -25.00 7.56
C TYR A 46 18.85 -26.32 7.80
N MET A 47 18.29 -26.46 9.00
CA MET A 47 17.46 -27.62 9.30
C MET A 47 16.58 -27.32 10.49
N PRO A 48 15.28 -27.54 10.38
CA PRO A 48 14.37 -27.24 11.50
C PRO A 48 14.61 -28.13 12.71
N THR A 49 14.24 -27.58 13.88
CA THR A 49 14.45 -28.29 15.14
C THR A 49 13.66 -29.58 15.21
N SER A 50 12.41 -29.57 14.74
CA SER A 50 11.58 -30.76 14.80
C SER A 50 12.23 -31.92 14.04
N VAL A 51 12.68 -31.66 12.82
CA VAL A 51 13.40 -32.67 12.04
C VAL A 51 14.63 -33.13 12.81
N TYR A 52 15.32 -32.19 13.47
CA TYR A 52 16.52 -32.54 14.21
C TYR A 52 16.21 -33.52 15.34
N THR A 53 15.15 -33.26 16.10
CA THR A 53 14.85 -34.13 17.22
C THR A 53 14.33 -35.50 16.75
N GLU A 54 13.53 -35.53 15.68
CA GLU A 54 13.12 -36.84 15.15
C GLU A 54 14.32 -37.63 14.65
N MET A 55 15.24 -36.97 13.96
CA MET A 55 16.40 -37.68 13.43
C MET A 55 17.29 -38.19 14.54
N ARG A 56 17.58 -37.34 15.54
CA ARG A 56 18.45 -37.77 16.63
C ARG A 56 17.79 -38.87 17.46
N LYS A 57 16.46 -38.80 17.62
CA LYS A 57 15.75 -39.90 18.27
C LYS A 57 15.86 -41.19 17.48
N ILE A 58 15.78 -41.10 16.15
CA ILE A 58 15.84 -42.31 15.33
C ILE A 58 17.27 -42.78 15.17
N MET A 59 18.21 -41.86 14.92
CA MET A 59 19.60 -42.21 14.65
C MET A 59 20.51 -41.39 15.54
N ASP A 60 21.57 -42.02 16.02
CA ASP A 60 22.50 -41.36 16.95
C ASP A 60 23.94 -41.68 16.55
N VAL A 61 24.79 -40.66 16.56
CA VAL A 61 26.22 -40.80 16.34
C VAL A 61 26.95 -40.19 17.52
N GLY A 62 28.04 -40.84 17.95
CA GLY A 62 28.75 -40.41 19.14
C GLY A 62 29.71 -39.25 18.95
N GLU A 63 29.42 -38.13 19.59
CA GLU A 63 30.34 -37.01 19.76
C GLU A 63 30.67 -36.31 18.45
N LEU A 64 30.16 -36.81 17.33
CA LEU A 64 30.32 -36.13 16.04
C LEU A 64 29.36 -34.96 15.89
N TRP A 65 28.35 -34.87 16.74
CA TRP A 65 27.32 -33.85 16.60
C TRP A 65 27.88 -32.43 16.71
N ALA A 66 29.07 -32.26 17.30
CA ALA A 66 29.56 -30.92 17.56
C ALA A 66 29.69 -30.10 16.28
N GLU A 67 30.38 -30.65 15.28
CA GLU A 67 30.54 -29.89 14.04
C GLU A 67 29.23 -29.81 13.28
N PHE A 68 28.32 -30.77 13.50
CA PHE A 68 27.01 -30.68 12.89
C PHE A 68 26.24 -29.49 13.42
N GLU A 69 26.31 -29.26 14.73
CA GLU A 69 25.76 -28.03 15.29
C GLU A 69 26.52 -26.81 14.78
N MET A 70 27.80 -26.98 14.47
CA MET A 70 28.59 -25.88 13.91
C MET A 70 28.03 -25.40 12.59
N VAL A 71 27.83 -26.30 11.63
CA VAL A 71 27.60 -25.90 10.24
C VAL A 71 26.11 -25.83 9.91
N VAL A 72 25.35 -26.85 10.30
CA VAL A 72 23.94 -26.94 9.93
C VAL A 72 23.12 -26.21 10.99
N LYS A 73 22.65 -25.02 10.65
CA LYS A 73 21.88 -24.22 11.60
C LYS A 73 20.52 -24.85 11.86
N ILE A 74 20.04 -24.71 13.09
CA ILE A 74 18.82 -25.37 13.56
C ILE A 74 17.83 -24.32 14.02
N ARG A 75 16.95 -23.90 13.12
CA ARG A 75 15.96 -22.87 13.43
C ARG A 75 14.57 -23.47 13.56
N SER A 76 13.60 -22.58 13.73
CA SER A 76 12.19 -22.84 13.54
C SER A 76 11.67 -21.81 12.55
N PRO A 77 10.64 -22.15 11.76
CA PRO A 77 10.33 -21.33 10.58
C PRO A 77 9.87 -19.91 10.87
N ARG A 78 9.66 -19.53 12.13
CA ARG A 78 8.98 -18.27 12.46
C ARG A 78 7.59 -18.26 11.81
N ARG A 79 6.76 -19.21 12.24
CA ARG A 79 5.48 -19.44 11.60
C ARG A 79 4.47 -18.33 11.85
N PHE A 80 4.88 -17.22 12.46
CA PHE A 80 3.95 -16.12 12.70
C PHE A 80 3.97 -15.08 11.59
N GLN A 81 5.04 -15.03 10.80
CA GLN A 81 5.14 -14.04 9.73
C GLN A 81 5.00 -14.66 8.34
N LEU A 82 4.58 -15.92 8.26
CA LEU A 82 4.47 -16.61 6.98
C LEU A 82 3.01 -16.88 6.63
N THR A 83 2.74 -16.90 5.33
CA THR A 83 1.40 -17.17 4.82
C THR A 83 1.51 -18.11 3.63
N VAL A 84 0.65 -19.12 3.61
CA VAL A 84 0.63 -20.12 2.55
C VAL A 84 -0.62 -19.91 1.71
N PRO A 85 -0.53 -19.91 0.38
CA PRO A 85 -1.71 -19.59 -0.44
C PRO A 85 -2.83 -20.60 -0.24
N ALA A 86 -4.06 -20.11 -0.37
CA ALA A 86 -5.23 -20.91 -0.05
C ALA A 86 -5.39 -22.12 -0.97
N ASP A 87 -5.04 -21.97 -2.25
CA ASP A 87 -5.21 -23.07 -3.18
C ASP A 87 -4.35 -24.27 -2.79
N PHE A 88 -3.21 -24.02 -2.14
CA PHE A 88 -2.39 -25.10 -1.62
C PHE A 88 -3.16 -25.95 -0.63
N LEU A 89 -3.78 -25.31 0.36
CA LEU A 89 -4.58 -26.04 1.33
C LEU A 89 -5.76 -26.73 0.68
N TYR A 90 -6.41 -26.06 -0.27
CA TYR A 90 -7.54 -26.65 -0.98
C TYR A 90 -7.15 -27.96 -1.65
N GLU A 91 -6.05 -27.93 -2.41
CA GLU A 91 -5.61 -29.13 -3.09
C GLU A 91 -5.17 -30.22 -2.12
N PHE A 92 -4.47 -29.84 -1.04
CA PHE A 92 -4.06 -30.81 -0.04
C PHE A 92 -5.24 -31.59 0.49
N ILE A 93 -6.28 -30.87 0.95
CA ILE A 93 -7.41 -31.55 1.57
C ILE A 93 -8.24 -32.31 0.54
N GLU A 94 -8.35 -31.78 -0.68
CA GLU A 94 -9.07 -32.49 -1.74
C GLU A 94 -8.43 -33.84 -2.04
N GLU A 95 -7.10 -33.88 -2.09
CA GLU A 95 -6.43 -35.16 -2.32
C GLU A 95 -6.50 -36.08 -1.11
N LEU A 96 -6.41 -35.49 0.10
CA LEU A 96 -6.45 -36.30 1.30
C LEU A 96 -7.76 -37.06 1.44
N ARG A 97 -8.87 -36.45 1.01
CA ARG A 97 -10.14 -37.17 1.08
C ARG A 97 -10.11 -38.46 0.28
N TYR A 98 -9.58 -38.42 -0.95
CA TYR A 98 -9.46 -39.63 -1.76
C TYR A 98 -8.57 -40.65 -1.07
N ARG A 99 -7.46 -40.19 -0.49
CA ARG A 99 -6.57 -41.13 0.19
C ARG A 99 -7.29 -41.85 1.33
N ILE A 100 -8.08 -41.12 2.11
CA ILE A 100 -8.79 -41.72 3.24
C ILE A 100 -9.78 -42.78 2.75
N ASN A 101 -10.52 -42.48 1.68
CA ASN A 101 -11.45 -43.47 1.15
C ASN A 101 -10.73 -44.72 0.68
N LYS A 102 -9.60 -44.56 -0.01
CA LYS A 102 -8.84 -45.71 -0.46
C LYS A 102 -8.37 -46.57 0.72
N GLY A 103 -7.90 -45.91 1.79
CA GLY A 103 -7.48 -46.65 2.96
C GLY A 103 -8.61 -47.44 3.59
N LEU A 104 -9.81 -46.83 3.65
CA LEU A 104 -10.95 -47.55 4.20
C LEU A 104 -11.29 -48.77 3.36
N ARG A 105 -11.25 -48.64 2.03
CA ARG A 105 -11.55 -49.79 1.18
C ARG A 105 -10.53 -50.92 1.38
N ILE A 106 -9.25 -50.57 1.50
CA ILE A 106 -8.23 -51.59 1.73
C ILE A 106 -8.47 -52.27 3.08
N ALA A 107 -8.82 -51.50 4.11
CA ALA A 107 -9.12 -52.10 5.40
C ALA A 107 -10.27 -53.08 5.30
N GLU A 108 -11.33 -52.69 4.58
CA GLU A 108 -12.46 -53.59 4.37
C GLU A 108 -12.03 -54.91 3.73
N GLU A 109 -11.30 -54.82 2.60
CA GLU A 109 -10.96 -56.05 1.88
C GLU A 109 -10.05 -56.95 2.73
N HIS A 110 -9.17 -56.33 3.52
CA HIS A 110 -8.34 -57.17 4.39
C HIS A 110 -9.13 -57.78 5.54
N THR A 111 -10.18 -57.10 6.03
CA THR A 111 -11.04 -57.73 7.01
C THR A 111 -11.70 -58.99 6.45
N ARG A 112 -12.21 -58.90 5.21
CA ARG A 112 -12.83 -60.07 4.60
C ARG A 112 -11.82 -61.19 4.38
N GLU A 113 -10.60 -60.84 3.94
CA GLU A 113 -9.58 -61.87 3.76
C GLU A 113 -9.22 -62.52 5.09
N ALA A 114 -9.17 -61.74 6.17
CA ALA A 114 -8.92 -62.32 7.49
C ALA A 114 -10.04 -63.27 7.89
N SER A 115 -11.29 -62.90 7.60
CA SER A 115 -12.40 -63.81 7.86
C SER A 115 -12.26 -65.09 7.04
N GLY A 116 -11.67 -64.98 5.85
CA GLY A 116 -11.55 -66.15 4.99
C GLY A 116 -10.65 -67.24 5.54
N CYS A 117 -9.42 -66.88 5.93
CA CYS A 117 -8.41 -67.85 6.31
C CYS A 117 -7.70 -67.43 7.59
N GLU A 118 -7.09 -68.42 8.26
CA GLU A 118 -6.39 -68.19 9.52
C GLU A 118 -4.89 -68.04 9.28
N ASP A 119 -4.51 -66.88 8.73
CA ASP A 119 -3.12 -66.50 8.51
C ASP A 119 -2.89 -65.09 9.02
N VAL A 120 -3.28 -64.85 10.27
CA VAL A 120 -3.47 -63.49 10.77
C VAL A 120 -2.19 -62.67 10.70
N GLY A 121 -1.04 -63.27 11.04
CA GLY A 121 0.19 -62.49 11.10
C GLY A 121 0.62 -61.94 9.75
N LYS A 122 0.60 -62.80 8.72
CA LYS A 122 0.98 -62.35 7.38
C LYS A 122 0.02 -61.29 6.87
N LEU A 123 -1.28 -61.45 7.14
CA LEU A 123 -2.24 -60.45 6.68
C LEU A 123 -2.08 -59.13 7.42
N ILE A 124 -1.74 -59.18 8.71
CA ILE A 124 -1.46 -57.94 9.44
C ILE A 124 -0.25 -57.24 8.84
N ALA A 125 0.81 -58.00 8.52
CA ALA A 125 1.96 -57.39 7.86
C ALA A 125 1.58 -56.78 6.53
N ARG A 126 0.75 -57.47 5.74
CA ARG A 126 0.30 -56.92 4.47
C ARG A 126 -0.54 -55.67 4.66
N LEU A 127 -1.35 -55.63 5.71
CA LEU A 127 -2.13 -54.43 6.01
C LEU A 127 -1.23 -53.26 6.36
N ARG A 128 -0.19 -53.51 7.16
CA ARG A 128 0.80 -52.46 7.41
C ARG A 128 1.39 -51.93 6.11
N GLU A 129 1.75 -52.81 5.20
CA GLU A 129 2.29 -52.37 3.91
C GLU A 129 1.29 -51.56 3.10
N LYS A 130 0.05 -52.03 2.99
CA LYS A 130 -0.91 -51.41 2.08
C LYS A 130 -1.49 -50.11 2.63
N TYR A 131 -1.80 -50.05 3.93
CA TYR A 131 -2.40 -48.85 4.50
C TYR A 131 -1.43 -47.66 4.44
N ARG A 132 -0.16 -47.90 4.79
CA ARG A 132 0.84 -46.84 4.73
C ARG A 132 1.00 -46.33 3.31
N GLU A 133 1.01 -47.23 2.33
CA GLU A 133 1.07 -46.80 0.93
C GLU A 133 -0.19 -46.04 0.54
N ALA A 134 -1.33 -46.39 1.12
CA ALA A 134 -2.59 -45.75 0.75
C ALA A 134 -2.67 -44.32 1.26
N LEU A 135 -2.18 -44.07 2.47
CA LEU A 135 -2.32 -42.75 3.08
C LEU A 135 -1.02 -41.96 3.15
N ARG A 136 -0.01 -42.53 3.80
CA ARG A 136 1.17 -41.73 4.11
C ARG A 136 2.04 -41.47 2.89
N GLN A 137 1.91 -42.30 1.86
CA GLN A 137 2.76 -42.18 0.69
C GLN A 137 2.15 -41.22 -0.32
N GLY A 138 2.87 -40.15 -0.63
CA GLY A 138 2.50 -39.25 -1.72
C GLY A 138 2.29 -37.81 -1.32
N ILE A 139 1.88 -37.54 -0.08
CA ILE A 139 1.61 -36.17 0.36
C ILE A 139 2.35 -35.89 1.65
N LEU A 140 2.18 -34.69 2.17
CA LEU A 140 2.76 -34.27 3.45
C LEU A 140 2.08 -35.06 4.56
N ASP A 141 2.82 -35.96 5.21
CA ASP A 141 2.21 -36.82 6.21
C ASP A 141 2.34 -36.23 7.61
N SER A 142 3.56 -35.99 8.07
CA SER A 142 3.81 -35.53 9.42
C SER A 142 4.07 -34.03 9.44
N LYS A 143 4.41 -33.50 10.63
CA LYS A 143 4.63 -32.08 10.77
C LYS A 143 6.05 -31.67 10.40
N GLU A 144 7.00 -32.61 10.44
CA GLU A 144 8.37 -32.30 10.07
C GLU A 144 8.45 -31.83 8.62
N ASP A 145 7.65 -32.44 7.74
CA ASP A 145 7.66 -32.04 6.33
C ASP A 145 7.13 -30.64 6.14
N VAL A 146 6.04 -30.29 6.84
CA VAL A 146 5.50 -28.95 6.77
C VAL A 146 6.50 -27.94 7.31
N ASP A 147 7.20 -28.32 8.38
CA ASP A 147 8.23 -27.44 8.92
C ASP A 147 9.34 -27.22 7.91
N VAL A 148 9.75 -28.27 7.19
CA VAL A 148 10.77 -28.12 6.16
C VAL A 148 10.29 -27.18 5.07
N LEU A 149 9.04 -27.35 4.63
CA LEU A 149 8.50 -26.45 3.61
C LEU A 149 8.54 -25.01 4.07
N LEU A 150 8.02 -24.72 5.27
CA LEU A 150 7.92 -23.33 5.70
C LEU A 150 9.29 -22.72 5.93
N LEU A 151 10.23 -23.47 6.51
CA LEU A 151 11.59 -22.94 6.67
C LEU A 151 12.22 -22.66 5.32
N ALA A 152 12.05 -23.56 4.35
CA ALA A 152 12.64 -23.35 3.03
C ALA A 152 11.91 -22.30 2.22
N TYR A 153 10.69 -21.94 2.64
CA TYR A 153 9.88 -21.00 1.86
C TYR A 153 10.25 -19.56 2.19
N GLU A 154 10.59 -19.28 3.45
CA GLU A 154 10.93 -17.90 3.81
C GLU A 154 12.36 -17.52 3.46
N LEU A 155 13.30 -18.46 3.53
CA LEU A 155 14.70 -18.15 3.24
C LEU A 155 15.03 -18.24 1.76
N ASP A 156 14.07 -18.62 0.92
CA ASP A 156 14.32 -18.86 -0.49
C ASP A 156 15.46 -19.86 -0.66
N GLY A 157 15.40 -20.93 0.13
CA GLY A 157 16.44 -21.94 0.12
C GLY A 157 16.16 -23.08 -0.85
N VAL A 158 17.17 -23.91 -1.05
CA VAL A 158 17.10 -25.00 -2.00
C VAL A 158 16.76 -26.26 -1.22
N LEU A 159 15.49 -26.68 -1.29
CA LEU A 159 15.04 -27.85 -0.54
C LEU A 159 15.77 -29.10 -1.02
N VAL A 160 16.16 -29.95 -0.08
CA VAL A 160 16.91 -31.17 -0.37
C VAL A 160 16.22 -32.32 0.34
N SER A 161 15.57 -33.20 -0.41
CA SER A 161 14.87 -34.31 0.22
C SER A 161 14.73 -35.46 -0.76
N ALA A 162 14.68 -36.67 -0.19
CA ALA A 162 14.39 -37.88 -0.94
C ALA A 162 12.93 -38.28 -0.84
N ASP A 163 12.09 -37.45 -0.23
CA ASP A 163 10.68 -37.75 -0.07
C ASP A 163 9.92 -37.35 -1.32
N GLU A 164 9.24 -38.31 -1.95
CA GLU A 164 8.52 -38.02 -3.17
C GLU A 164 7.19 -37.34 -2.92
N GLY A 165 6.71 -37.33 -1.68
CA GLY A 165 5.51 -36.58 -1.35
C GLY A 165 5.80 -35.16 -0.94
N LEU A 166 7.06 -34.86 -0.63
CA LEU A 166 7.47 -33.50 -0.31
C LEU A 166 7.79 -32.71 -1.58
N ARG A 167 8.36 -33.36 -2.59
CA ARG A 167 8.83 -32.65 -3.76
C ARG A 167 7.69 -32.01 -4.54
N THR A 168 6.60 -32.74 -4.76
CA THR A 168 5.51 -32.18 -5.53
C THR A 168 4.87 -31.00 -4.81
N TRP A 169 4.69 -31.11 -3.50
CA TRP A 169 4.06 -30.03 -2.76
C TRP A 169 4.99 -28.84 -2.60
N ALA A 170 6.30 -29.06 -2.61
CA ALA A 170 7.24 -27.95 -2.66
C ALA A 170 7.27 -27.32 -4.04
N ASP A 171 6.98 -28.08 -5.08
CA ASP A 171 6.91 -27.52 -6.42
C ASP A 171 5.66 -26.67 -6.60
N LYS A 172 4.55 -27.06 -5.95
CA LYS A 172 3.33 -26.27 -6.06
C LYS A 172 3.49 -24.89 -5.44
N ILE A 173 4.25 -24.80 -4.34
CA ILE A 173 4.30 -23.56 -3.58
C ILE A 173 5.25 -22.54 -4.20
N GLY A 174 6.26 -23.00 -4.93
CA GLY A 174 7.22 -22.11 -5.53
C GLY A 174 8.62 -22.20 -4.97
N ILE A 175 8.95 -23.28 -4.25
CA ILE A 175 10.30 -23.46 -3.76
C ILE A 175 11.15 -24.09 -4.84
N LYS A 176 12.37 -23.59 -5.01
CA LYS A 176 13.30 -24.21 -5.93
C LYS A 176 13.84 -25.49 -5.33
N LEU A 177 13.83 -26.56 -6.12
CA LEU A 177 14.26 -27.87 -5.66
C LEU A 177 15.63 -28.19 -6.26
N ILE A 178 16.23 -29.28 -5.76
CA ILE A 178 17.49 -29.78 -6.27
C ILE A 178 17.36 -31.30 -6.41
N ASP A 179 18.27 -31.89 -7.17
CA ASP A 179 18.28 -33.34 -7.31
C ASP A 179 18.87 -33.96 -6.05
N PRO A 180 18.11 -34.77 -5.32
CA PRO A 180 18.66 -35.36 -4.08
C PRO A 180 19.75 -36.37 -4.34
N LYS A 181 19.71 -37.05 -5.49
CA LYS A 181 20.71 -38.07 -5.79
C LYS A 181 22.06 -37.48 -6.16
N ASN A 182 22.09 -36.24 -6.63
CA ASN A 182 23.32 -35.57 -7.01
C ASN A 182 23.79 -34.53 -6.00
N PHE A 183 23.25 -34.56 -4.78
CA PHE A 183 23.61 -33.54 -3.81
C PHE A 183 25.08 -33.60 -3.43
N LYS A 184 25.62 -34.80 -3.27
CA LYS A 184 27.02 -34.94 -2.88
C LYS A 184 27.95 -34.36 -3.94
N ASN A 185 27.74 -34.75 -5.20
CA ASN A 185 28.56 -34.22 -6.30
C ASN A 185 28.36 -32.72 -6.45
N ILE A 186 27.13 -32.24 -6.26
CA ILE A 186 26.85 -30.80 -6.35
C ILE A 186 27.65 -30.05 -5.29
N LEU A 187 27.62 -30.55 -4.05
CA LEU A 187 28.34 -29.89 -2.98
C LEU A 187 29.84 -29.92 -3.26
N GLU A 188 30.34 -31.05 -3.77
CA GLU A 188 31.77 -31.15 -4.07
C GLU A 188 32.20 -30.17 -5.14
N SER A 189 31.44 -30.09 -6.23
CA SER A 189 31.81 -29.20 -7.32
C SER A 189 31.67 -27.73 -6.92
N LEU A 190 30.72 -27.42 -6.04
CA LEU A 190 30.64 -26.07 -5.52
C LEU A 190 31.82 -25.76 -4.59
N VAL A 191 32.29 -26.76 -3.85
CA VAL A 191 33.43 -26.57 -2.95
C VAL A 191 34.71 -26.34 -3.73
N ARG A 192 34.97 -27.17 -4.73
CA ARG A 192 36.27 -27.15 -5.41
C ARG A 192 36.41 -25.94 -6.31
N HIS A 193 35.58 -25.83 -7.34
CA HIS A 193 35.65 -24.72 -8.28
C HIS A 193 34.93 -23.49 -7.74
N MET B 4 -26.00 -4.58 6.34
CA MET B 4 -26.08 -5.36 7.57
C MET B 4 -25.16 -6.58 7.45
N ASP B 5 -25.23 -7.47 8.43
CA ASP B 5 -24.37 -8.64 8.48
C ASP B 5 -24.65 -9.56 7.30
N VAL B 6 -23.62 -10.27 6.86
CA VAL B 6 -23.70 -11.17 5.71
C VAL B 6 -23.39 -12.59 6.19
N PHE B 7 -24.29 -13.52 5.89
CA PHE B 7 -24.17 -14.89 6.38
C PHE B 7 -23.60 -15.79 5.30
N VAL B 8 -22.63 -16.62 5.65
CA VAL B 8 -22.10 -17.63 4.76
C VAL B 8 -22.79 -18.95 5.06
N LEU B 9 -23.64 -19.40 4.15
CA LEU B 9 -24.42 -20.61 4.39
C LEU B 9 -23.54 -21.84 4.27
N ASP B 10 -24.17 -23.00 4.35
CA ASP B 10 -23.47 -24.28 4.27
C ASP B 10 -24.50 -25.34 3.90
N THR B 11 -24.02 -26.55 3.64
CA THR B 11 -24.94 -27.65 3.39
C THR B 11 -25.57 -28.15 4.67
N SER B 12 -24.96 -27.86 5.82
CA SER B 12 -25.36 -28.47 7.08
C SER B 12 -26.33 -27.56 7.84
N VAL B 13 -27.13 -26.80 7.10
CA VAL B 13 -28.08 -25.87 7.72
C VAL B 13 -29.50 -26.17 7.31
N PHE B 14 -29.71 -26.81 6.15
CA PHE B 14 -31.03 -27.30 5.80
C PHE B 14 -30.98 -28.65 5.09
N THR B 15 -30.15 -29.57 5.58
CA THR B 15 -30.34 -30.99 5.29
C THR B 15 -30.20 -31.85 6.55
N ASN B 16 -29.55 -31.33 7.58
CA ASN B 16 -29.41 -32.07 8.83
C ASN B 16 -30.77 -32.18 9.47
N PRO B 17 -31.17 -33.38 9.92
CA PRO B 17 -32.55 -33.56 10.42
C PRO B 17 -32.96 -32.62 11.54
N GLU B 18 -32.08 -32.33 12.50
CA GLU B 18 -32.48 -31.46 13.59
C GLU B 18 -32.76 -30.04 13.10
N ILE B 19 -31.90 -29.53 12.21
CA ILE B 19 -32.12 -28.18 11.71
C ILE B 19 -33.18 -28.20 10.60
N TYR B 20 -33.41 -29.38 10.02
CA TYR B 20 -34.62 -29.58 9.21
C TYR B 20 -35.87 -29.33 10.05
N ARG B 21 -35.89 -29.87 11.27
CA ARG B 21 -37.09 -29.77 12.11
C ARG B 21 -37.28 -28.37 12.67
N THR B 22 -36.21 -27.74 13.16
CA THR B 22 -36.39 -26.43 13.79
C THR B 22 -36.79 -25.37 12.76
N PHE B 23 -36.67 -25.68 11.47
CA PHE B 23 -37.02 -24.75 10.40
C PHE B 23 -38.44 -25.05 9.89
N GLU B 24 -39.43 -24.78 10.73
CA GLU B 24 -40.83 -24.83 10.36
C GLU B 24 -41.25 -26.23 9.89
N GLU B 25 -40.48 -27.24 10.27
CA GLU B 25 -40.76 -28.64 9.92
C GLU B 25 -40.98 -28.82 8.42
N ARG B 28 -39.52 -30.06 2.44
CA ARG B 28 -39.76 -29.02 1.43
C ARG B 28 -40.21 -27.72 2.08
N GLY B 29 -41.09 -27.83 3.07
CA GLY B 29 -41.58 -26.64 3.76
C GLY B 29 -40.49 -25.84 4.43
N ALA B 30 -39.47 -26.54 4.95
CA ALA B 30 -38.36 -25.83 5.58
C ALA B 30 -37.68 -24.89 4.60
N MET B 31 -37.44 -25.37 3.37
CA MET B 31 -36.78 -24.54 2.37
C MET B 31 -37.57 -23.27 2.06
N GLU B 32 -38.88 -23.38 1.84
CA GLU B 32 -39.67 -22.22 1.45
C GLU B 32 -39.86 -21.25 2.61
N THR B 33 -40.04 -21.77 3.83
CA THR B 33 -40.11 -20.89 4.98
C THR B 33 -38.79 -20.15 5.19
N PHE B 34 -37.67 -20.88 5.06
CA PHE B 34 -36.35 -20.26 5.12
C PHE B 34 -36.21 -19.18 4.06
N ILE B 35 -36.69 -19.46 2.84
CA ILE B 35 -36.56 -18.50 1.74
C ILE B 35 -37.32 -17.23 2.03
N HIS B 36 -38.58 -17.36 2.46
CA HIS B 36 -39.36 -16.17 2.77
C HIS B 36 -38.72 -15.37 3.89
N LEU B 37 -38.30 -16.05 4.95
CA LEU B 37 -37.63 -15.37 6.04
C LEU B 37 -36.36 -14.67 5.56
N ALA B 38 -35.60 -15.32 4.68
CA ALA B 38 -34.34 -14.79 4.19
C ALA B 38 -34.54 -13.55 3.33
N LEU B 39 -35.57 -13.54 2.49
CA LEU B 39 -35.75 -12.41 1.57
C LEU B 39 -35.97 -11.11 2.31
N ASN B 40 -36.33 -11.16 3.59
CA ASN B 40 -36.61 -9.96 4.36
C ASN B 40 -35.35 -9.42 5.04
N SER B 41 -35.32 -8.10 5.22
CA SER B 41 -34.35 -7.32 5.98
C SER B 41 -32.98 -7.24 5.33
N ARG B 42 -32.81 -7.77 4.12
CA ARG B 42 -31.58 -7.59 3.34
C ARG B 42 -30.34 -8.06 4.09
N ALA B 43 -30.47 -9.20 4.76
CA ALA B 43 -29.31 -9.92 5.27
C ALA B 43 -28.75 -10.77 4.13
N GLU B 44 -27.71 -10.27 3.47
CA GLU B 44 -27.14 -10.95 2.32
C GLU B 44 -26.57 -12.29 2.75
N PHE B 45 -26.89 -13.35 2.01
CA PHE B 45 -26.35 -14.67 2.28
C PHE B 45 -25.32 -15.01 1.23
N TYR B 46 -24.64 -16.14 1.43
CA TYR B 46 -23.72 -16.64 0.43
C TYR B 46 -23.59 -18.14 0.57
N MET B 47 -23.20 -18.81 -0.51
CA MET B 47 -22.93 -20.24 -0.43
C MET B 47 -22.07 -20.66 -1.62
N PRO B 48 -20.96 -21.35 -1.39
CA PRO B 48 -20.08 -21.74 -2.48
C PRO B 48 -20.72 -22.74 -3.43
N THR B 49 -20.23 -22.72 -4.68
CA THR B 49 -20.79 -23.59 -5.72
C THR B 49 -20.59 -25.06 -5.39
N SER B 50 -19.41 -25.43 -4.87
CA SER B 50 -19.14 -26.83 -4.57
C SER B 50 -20.15 -27.37 -3.58
N VAL B 51 -20.39 -26.64 -2.49
CA VAL B 51 -21.41 -27.03 -1.53
C VAL B 51 -22.77 -27.14 -2.20
N TYR B 52 -23.06 -26.22 -3.12
CA TYR B 52 -24.33 -26.23 -3.82
C TYR B 52 -24.52 -27.51 -4.62
N THR B 53 -23.49 -27.92 -5.36
CA THR B 53 -23.62 -29.10 -6.20
C THR B 53 -23.68 -30.37 -5.35
N GLU B 54 -22.90 -30.45 -4.27
CA GLU B 54 -23.01 -31.61 -3.40
C GLU B 54 -24.41 -31.70 -2.78
N MET B 55 -24.94 -30.56 -2.33
CA MET B 55 -26.26 -30.57 -1.69
C MET B 55 -27.34 -30.95 -2.69
N ARG B 56 -27.32 -30.36 -3.88
CA ARG B 56 -28.34 -30.67 -4.88
C ARG B 56 -28.23 -32.12 -5.34
N LYS B 57 -27.01 -32.64 -5.44
CA LYS B 57 -26.83 -34.05 -5.74
C LYS B 57 -27.41 -34.94 -4.64
N ILE B 58 -27.22 -34.55 -3.38
CA ILE B 58 -27.72 -35.36 -2.28
C ILE B 58 -29.22 -35.15 -2.08
N MET B 59 -29.67 -33.91 -2.13
CA MET B 59 -31.07 -33.58 -1.86
C MET B 59 -31.62 -32.72 -2.98
N ASP B 60 -32.88 -32.97 -3.35
CA ASP B 60 -33.51 -32.27 -4.45
C ASP B 60 -34.93 -31.86 -4.07
N VAL B 61 -35.30 -30.62 -4.41
CA VAL B 61 -36.65 -30.12 -4.23
C VAL B 61 -37.14 -29.60 -5.57
N GLY B 62 -38.42 -29.84 -5.88
CA GLY B 62 -38.95 -29.49 -7.18
C GLY B 62 -39.36 -28.03 -7.34
N GLU B 63 -38.68 -27.34 -8.25
CA GLU B 63 -39.07 -26.03 -8.77
C GLU B 63 -39.01 -24.93 -7.70
N LEU B 64 -38.69 -25.28 -6.46
CA LEU B 64 -38.50 -24.29 -5.42
C LEU B 64 -37.14 -23.61 -5.52
N TRP B 65 -36.22 -24.17 -6.31
CA TRP B 65 -34.87 -23.65 -6.39
C TRP B 65 -34.81 -22.22 -6.90
N ALA B 66 -35.85 -21.74 -7.58
CA ALA B 66 -35.78 -20.43 -8.22
C ALA B 66 -35.50 -19.32 -7.20
N GLU B 67 -36.29 -19.25 -6.13
CA GLU B 67 -36.05 -18.20 -5.15
C GLU B 67 -34.78 -18.46 -4.35
N PHE B 68 -34.37 -19.73 -4.28
CA PHE B 68 -33.09 -20.02 -3.63
C PHE B 68 -31.94 -19.42 -4.42
N GLU B 69 -31.98 -19.54 -5.74
CA GLU B 69 -31.01 -18.84 -6.57
C GLU B 69 -31.18 -17.33 -6.44
N MET B 70 -32.41 -16.87 -6.17
CA MET B 70 -32.65 -15.45 -5.98
C MET B 70 -31.87 -14.90 -4.79
N VAL B 71 -31.99 -15.52 -3.63
CA VAL B 71 -31.54 -14.90 -2.38
C VAL B 71 -30.14 -15.36 -1.99
N VAL B 72 -29.87 -16.65 -2.06
CA VAL B 72 -28.60 -17.20 -1.60
C VAL B 72 -27.63 -17.16 -2.76
N LYS B 73 -26.68 -16.23 -2.72
CA LYS B 73 -25.72 -16.10 -3.81
C LYS B 73 -24.74 -17.26 -3.81
N ILE B 74 -24.32 -17.66 -5.02
CA ILE B 74 -23.51 -18.85 -5.21
C ILE B 74 -22.19 -18.45 -5.87
N ARG B 75 -21.17 -18.20 -5.07
CA ARG B 75 -19.88 -17.79 -5.59
C ARG B 75 -18.85 -18.91 -5.48
N SER B 76 -17.61 -18.56 -5.82
CA SER B 76 -16.43 -19.31 -5.49
C SER B 76 -15.47 -18.35 -4.78
N PRO B 77 -14.63 -18.85 -3.87
CA PRO B 77 -13.94 -17.95 -2.93
C PRO B 77 -12.97 -16.97 -3.56
N ARG B 78 -12.70 -17.05 -4.86
CA ARG B 78 -11.59 -16.32 -5.47
C ARG B 78 -10.28 -16.71 -4.78
N ARG B 79 -9.93 -17.98 -4.90
CA ARG B 79 -8.81 -18.53 -4.14
C ARG B 79 -7.46 -18.03 -4.61
N PHE B 80 -7.42 -17.04 -5.51
CA PHE B 80 -6.13 -16.53 -5.99
C PHE B 80 -5.68 -15.31 -5.20
N GLN B 81 -6.58 -14.62 -4.51
CA GLN B 81 -6.21 -13.44 -3.75
C GLN B 81 -6.25 -13.67 -2.24
N LEU B 82 -6.38 -14.92 -1.80
CA LEU B 82 -6.49 -15.23 -0.39
C LEU B 82 -5.25 -15.96 0.10
N THR B 83 -4.93 -15.75 1.37
CA THR B 83 -3.79 -16.40 2.01
C THR B 83 -4.20 -16.86 3.41
N VAL B 84 -3.82 -18.09 3.74
CA VAL B 84 -4.15 -18.69 5.02
C VAL B 84 -2.86 -18.79 5.85
N PRO B 85 -2.88 -18.40 7.12
CA PRO B 85 -1.63 -18.38 7.90
C PRO B 85 -1.02 -19.78 8.04
N ALA B 86 0.31 -19.80 8.11
CA ALA B 86 1.04 -21.07 8.07
C ALA B 86 0.75 -21.93 9.28
N ASP B 87 0.56 -21.33 10.45
CA ASP B 87 0.32 -22.11 11.66
C ASP B 87 -0.97 -22.92 11.54
N PHE B 88 -1.93 -22.41 10.79
CA PHE B 88 -3.17 -23.17 10.53
C PHE B 88 -2.86 -24.50 9.85
N LEU B 89 -2.09 -24.44 8.77
CA LEU B 89 -1.71 -25.66 8.06
C LEU B 89 -0.87 -26.57 8.94
N TYR B 90 0.05 -25.99 9.71
CA TYR B 90 0.88 -26.78 10.60
C TYR B 90 0.04 -27.58 11.58
N GLU B 91 -0.91 -26.93 12.24
CA GLU B 91 -1.78 -27.61 13.20
C GLU B 91 -2.67 -28.65 12.52
N PHE B 92 -3.21 -28.31 11.34
CA PHE B 92 -4.04 -29.26 10.61
C PHE B 92 -3.29 -30.56 10.37
N ILE B 93 -2.09 -30.47 9.81
CA ILE B 93 -1.36 -31.69 9.45
C ILE B 93 -0.87 -32.42 10.70
N GLU B 94 -0.46 -31.67 11.73
CA GLU B 94 -0.03 -32.31 12.97
C GLU B 94 -1.15 -33.15 13.58
N GLU B 95 -2.38 -32.65 13.57
CA GLU B 95 -3.50 -33.43 14.10
C GLU B 95 -3.87 -34.58 13.16
N LEU B 96 -3.78 -34.35 11.86
CA LEU B 96 -4.14 -35.39 10.89
C LEU B 96 -3.26 -36.62 11.04
N ARG B 97 -1.98 -36.42 11.38
CA ARG B 97 -1.11 -37.59 11.56
C ARG B 97 -1.62 -38.50 12.67
N TYR B 98 -2.01 -37.92 13.81
CA TYR B 98 -2.56 -38.72 14.90
C TYR B 98 -3.82 -39.43 14.46
N ARG B 99 -4.68 -38.73 13.72
CA ARG B 99 -5.92 -39.38 13.25
C ARG B 99 -5.61 -40.59 12.39
N ILE B 100 -4.63 -40.48 11.49
CA ILE B 100 -4.30 -41.60 10.61
C ILE B 100 -3.81 -42.79 11.42
N ASN B 101 -2.94 -42.55 12.40
CA ASN B 101 -2.46 -43.65 13.22
C ASN B 101 -3.60 -44.34 13.97
N LYS B 102 -4.53 -43.55 14.52
CA LYS B 102 -5.66 -44.14 15.22
C LYS B 102 -6.50 -45.00 14.29
N GLY B 103 -6.73 -44.53 13.07
CA GLY B 103 -7.48 -45.32 12.11
C GLY B 103 -6.79 -46.62 11.77
N LEU B 104 -5.46 -46.59 11.62
CA LEU B 104 -4.73 -47.83 11.34
C LEU B 104 -4.87 -48.82 12.49
N ARG B 105 -4.78 -48.33 13.74
CA ARG B 105 -4.93 -49.23 14.88
C ARG B 105 -6.32 -49.86 14.92
N ILE B 106 -7.35 -49.06 14.65
CA ILE B 106 -8.71 -49.61 14.63
C ILE B 106 -8.85 -50.67 13.53
N ALA B 107 -8.27 -50.41 12.37
CA ALA B 107 -8.33 -51.38 11.28
C ALA B 107 -7.65 -52.69 11.71
N GLU B 108 -6.49 -52.58 12.37
CA GLU B 108 -5.81 -53.77 12.86
C GLU B 108 -6.70 -54.58 13.80
N GLU B 109 -7.26 -53.92 14.83
CA GLU B 109 -8.02 -54.68 15.82
C GLU B 109 -9.27 -55.30 15.19
N HIS B 110 -9.88 -54.63 14.22
CA HIS B 110 -11.01 -55.24 13.55
C HIS B 110 -10.61 -56.40 12.65
N THR B 111 -9.41 -56.36 12.06
CA THR B 111 -8.92 -57.53 11.33
C THR B 111 -8.80 -58.74 12.25
N ARG B 112 -8.22 -58.54 13.44
CA ARG B 112 -8.11 -59.66 14.37
C ARG B 112 -9.46 -60.17 14.82
N GLU B 113 -10.41 -59.26 15.08
CA GLU B 113 -11.75 -59.69 15.47
C GLU B 113 -12.42 -60.47 14.34
N ALA B 114 -12.21 -60.05 13.09
CA ALA B 114 -12.74 -60.82 11.96
C ALA B 114 -12.13 -62.20 11.89
N SER B 115 -10.82 -62.31 12.14
CA SER B 115 -10.19 -63.62 12.20
C SER B 115 -10.79 -64.46 13.31
N GLY B 116 -11.21 -63.82 14.41
CA GLY B 116 -11.75 -64.57 15.54
C GLY B 116 -13.04 -65.30 15.23
N CYS B 117 -14.04 -64.59 14.70
CA CYS B 117 -15.38 -65.14 14.54
C CYS B 117 -15.93 -64.82 13.16
N GLU B 118 -16.92 -65.62 12.73
CA GLU B 118 -17.55 -65.47 11.42
C GLU B 118 -18.84 -64.66 11.53
N ASP B 119 -18.67 -63.36 11.73
CA ASP B 119 -19.78 -62.40 11.77
C ASP B 119 -19.45 -61.20 10.89
N VAL B 120 -19.07 -61.48 9.64
CA VAL B 120 -18.37 -60.50 8.80
C VAL B 120 -19.22 -59.25 8.59
N GLY B 121 -20.53 -59.40 8.36
CA GLY B 121 -21.34 -58.24 8.02
C GLY B 121 -21.43 -57.22 9.15
N LYS B 122 -21.70 -57.71 10.37
CA LYS B 122 -21.79 -56.81 11.51
C LYS B 122 -20.45 -56.13 11.79
N LEU B 123 -19.36 -56.87 11.65
CA LEU B 123 -18.04 -56.27 11.87
C LEU B 123 -17.70 -55.24 10.79
N ILE B 124 -18.10 -55.49 9.55
CA ILE B 124 -17.91 -54.48 8.51
C ILE B 124 -18.68 -53.22 8.83
N ALA B 125 -19.94 -53.38 9.28
CA ALA B 125 -20.71 -52.20 9.68
C ALA B 125 -20.04 -51.45 10.84
N ARG B 126 -19.51 -52.20 11.81
CA ARG B 126 -18.81 -51.56 12.93
C ARG B 126 -17.55 -50.85 12.46
N LEU B 127 -16.85 -51.42 11.48
CA LEU B 127 -15.67 -50.77 10.93
C LEU B 127 -16.05 -49.47 10.22
N ARG B 128 -17.14 -49.48 9.46
CA ARG B 128 -17.64 -48.23 8.88
C ARG B 128 -17.88 -47.18 9.96
N GLU B 129 -18.52 -47.57 11.07
CA GLU B 129 -18.76 -46.62 12.15
C GLU B 129 -17.47 -46.10 12.76
N LYS B 130 -16.53 -46.99 13.08
CA LYS B 130 -15.34 -46.59 13.83
C LYS B 130 -14.33 -45.83 12.99
N TYR B 131 -14.09 -46.24 11.74
CA TYR B 131 -13.09 -45.58 10.91
C TYR B 131 -13.49 -44.15 10.60
N ARG B 132 -14.77 -43.94 10.26
CA ARG B 132 -15.25 -42.58 9.98
C ARG B 132 -15.11 -41.69 11.20
N GLU B 133 -15.42 -42.23 12.38
CA GLU B 133 -15.23 -41.45 13.60
C GLU B 133 -13.75 -41.20 13.86
N ALA B 134 -12.88 -42.12 13.46
CA ALA B 134 -11.46 -41.97 13.72
C ALA B 134 -10.83 -40.88 12.86
N LEU B 135 -11.24 -40.78 11.58
CA LEU B 135 -10.61 -39.84 10.67
C LEU B 135 -11.50 -38.65 10.31
N ARG B 136 -12.69 -38.90 9.78
CA ARG B 136 -13.46 -37.81 9.20
C ARG B 136 -14.07 -36.92 10.27
N GLN B 137 -14.23 -37.42 11.48
CA GLN B 137 -14.89 -36.66 12.53
C GLN B 137 -13.88 -35.80 13.27
N GLY B 138 -14.10 -34.48 13.25
CA GLY B 138 -13.34 -33.56 14.08
C GLY B 138 -12.58 -32.49 13.33
N ILE B 139 -12.17 -32.74 12.09
CA ILE B 139 -11.39 -31.77 11.33
C ILE B 139 -12.04 -31.57 9.96
N LEU B 140 -11.42 -30.72 9.15
CA LEU B 140 -11.86 -30.46 7.78
C LEU B 140 -11.62 -31.73 6.96
N ASP B 141 -12.69 -32.38 6.53
CA ASP B 141 -12.54 -33.65 5.83
C ASP B 141 -12.50 -33.45 4.31
N SER B 142 -13.54 -32.86 3.75
CA SER B 142 -13.66 -32.71 2.30
C SER B 142 -13.29 -31.30 1.88
N LYS B 143 -13.45 -31.02 0.57
CA LYS B 143 -13.10 -29.71 0.05
C LYS B 143 -14.21 -28.70 0.21
N GLU B 144 -15.45 -29.15 0.37
CA GLU B 144 -16.56 -28.22 0.57
C GLU B 144 -16.36 -27.40 1.83
N ASP B 145 -15.82 -28.01 2.88
CA ASP B 145 -15.60 -27.29 4.14
C ASP B 145 -14.53 -26.22 3.98
N VAL B 146 -13.44 -26.55 3.28
CA VAL B 146 -12.39 -25.56 3.03
C VAL B 146 -12.93 -24.43 2.18
N ASP B 147 -13.78 -24.75 1.21
CA ASP B 147 -14.41 -23.71 0.40
C ASP B 147 -15.28 -22.80 1.25
N VAL B 148 -16.03 -23.37 2.20
CA VAL B 148 -16.84 -22.56 3.09
C VAL B 148 -15.96 -21.63 3.92
N LEU B 149 -14.86 -22.17 4.46
CA LEU B 149 -13.95 -21.34 5.23
C LEU B 149 -13.43 -20.18 4.40
N LEU B 150 -12.90 -20.46 3.22
CA LEU B 150 -12.28 -19.39 2.43
C LEU B 150 -13.29 -18.36 1.97
N LEU B 151 -14.50 -18.79 1.56
CA LEU B 151 -15.52 -17.82 1.19
C LEU B 151 -15.92 -16.96 2.38
N ALA B 152 -16.07 -17.56 3.56
CA ALA B 152 -16.44 -16.79 4.74
C ALA B 152 -15.30 -15.96 5.28
N TYR B 153 -14.07 -16.24 4.86
CA TYR B 153 -12.91 -15.55 5.40
C TYR B 153 -12.68 -14.22 4.68
N GLU B 154 -12.95 -14.17 3.37
CA GLU B 154 -12.72 -12.93 2.64
C GLU B 154 -13.86 -11.92 2.80
N LEU B 155 -15.10 -12.36 2.93
CA LEU B 155 -16.23 -11.45 3.05
C LEU B 155 -16.49 -11.02 4.48
N ASP B 156 -15.71 -11.51 5.44
CA ASP B 156 -15.96 -11.26 6.85
C ASP B 156 -17.39 -11.63 7.21
N GLY B 157 -17.82 -12.79 6.75
CA GLY B 157 -19.17 -13.25 6.95
C GLY B 157 -19.32 -14.11 8.20
N VAL B 158 -20.57 -14.37 8.55
CA VAL B 158 -20.90 -15.12 9.76
C VAL B 158 -21.14 -16.56 9.36
N LEU B 159 -20.15 -17.42 9.61
CA LEU B 159 -20.25 -18.82 9.22
C LEU B 159 -21.39 -19.50 9.98
N VAL B 160 -22.14 -20.33 9.27
CA VAL B 160 -23.30 -21.02 9.84
C VAL B 160 -23.18 -22.50 9.49
N SER B 161 -22.90 -23.33 10.49
CA SER B 161 -22.73 -24.75 10.21
C SER B 161 -23.02 -25.56 11.46
N ALA B 162 -23.50 -26.78 11.25
CA ALA B 162 -23.68 -27.76 12.30
C ALA B 162 -22.51 -28.74 12.40
N ASP B 163 -21.45 -28.50 11.64
CA ASP B 163 -20.29 -29.39 11.64
C ASP B 163 -19.36 -29.00 12.78
N GLU B 164 -19.10 -29.96 13.68
CA GLU B 164 -18.25 -29.68 14.82
C GLU B 164 -16.77 -29.68 14.47
N GLY B 165 -16.40 -30.19 13.30
CA GLY B 165 -15.03 -30.10 12.86
C GLY B 165 -14.74 -28.84 12.07
N LEU B 166 -15.79 -28.17 11.62
CA LEU B 166 -15.63 -26.89 10.94
C LEU B 166 -15.54 -25.73 11.91
N ARG B 167 -16.25 -25.82 13.04
CA ARG B 167 -16.33 -24.68 13.95
C ARG B 167 -14.99 -24.38 14.60
N THR B 168 -14.28 -25.41 15.06
CA THR B 168 -13.00 -25.16 15.71
C THR B 168 -11.99 -24.55 14.76
N TRP B 169 -11.94 -25.08 13.53
CA TRP B 169 -10.97 -24.57 12.57
C TRP B 169 -11.35 -23.20 12.04
N ALA B 170 -12.64 -22.87 12.04
CA ALA B 170 -13.04 -21.50 11.73
C ALA B 170 -12.74 -20.57 12.89
N ASP B 171 -12.72 -21.09 14.12
CA ASP B 171 -12.35 -20.27 15.26
C ASP B 171 -10.86 -19.99 15.28
N LYS B 172 -10.04 -20.94 14.83
CA LYS B 172 -8.60 -20.71 14.80
C LYS B 172 -8.23 -19.60 13.81
N ILE B 173 -8.96 -19.50 12.70
CA ILE B 173 -8.53 -18.61 11.63
C ILE B 173 -8.96 -17.17 11.91
N GLY B 174 -10.02 -16.97 12.68
CA GLY B 174 -10.50 -15.64 12.96
C GLY B 174 -11.85 -15.30 12.36
N ILE B 175 -12.63 -16.29 11.95
CA ILE B 175 -13.97 -16.04 11.43
C ILE B 175 -14.93 -15.97 12.60
N LYS B 176 -15.83 -14.99 12.56
CA LYS B 176 -16.88 -14.92 13.56
C LYS B 176 -17.93 -15.98 13.28
N LEU B 177 -18.31 -16.70 14.33
CA LEU B 177 -19.26 -17.80 14.22
C LEU B 177 -20.60 -17.38 14.79
N ILE B 178 -21.60 -18.21 14.57
CA ILE B 178 -22.93 -18.01 15.12
C ILE B 178 -23.42 -19.35 15.66
N ASP B 179 -24.45 -19.31 16.49
CA ASP B 179 -25.04 -20.53 17.01
C ASP B 179 -25.90 -21.18 15.93
N PRO B 180 -25.57 -22.39 15.48
CA PRO B 180 -26.38 -23.00 14.42
C PRO B 180 -27.78 -23.38 14.87
N LYS B 181 -27.94 -23.69 16.16
CA LYS B 181 -29.26 -24.11 16.66
C LYS B 181 -30.23 -22.94 16.79
N ASN B 182 -29.73 -21.72 16.91
CA ASN B 182 -30.56 -20.53 17.03
C ASN B 182 -30.62 -19.70 15.76
N PHE B 183 -30.21 -20.26 14.62
CA PHE B 183 -30.17 -19.48 13.39
C PHE B 183 -31.57 -19.04 12.97
N LYS B 184 -32.56 -19.93 13.09
CA LYS B 184 -33.91 -19.58 12.68
C LYS B 184 -34.47 -18.41 13.49
N ASN B 185 -34.36 -18.50 14.82
CA ASN B 185 -34.83 -17.43 15.68
C ASN B 185 -34.03 -16.15 15.44
N ILE B 186 -32.73 -16.27 15.22
CA ILE B 186 -31.90 -15.11 14.93
C ILE B 186 -32.38 -14.41 13.67
N LEU B 187 -32.62 -15.18 12.61
CA LEU B 187 -33.08 -14.59 11.37
C LEU B 187 -34.43 -13.94 11.56
N GLU B 188 -35.32 -14.59 12.32
CA GLU B 188 -36.66 -14.03 12.55
C GLU B 188 -36.59 -12.71 13.30
N SER B 189 -35.80 -12.65 14.36
CA SER B 189 -35.72 -11.43 15.16
C SER B 189 -35.01 -10.32 14.40
N LEU B 190 -34.08 -10.67 13.52
CA LEU B 190 -33.49 -9.64 12.67
C LEU B 190 -34.50 -9.15 11.63
N VAL B 191 -35.37 -10.02 11.15
CA VAL B 191 -36.38 -9.64 10.17
C VAL B 191 -37.41 -8.70 10.78
N ARG B 192 -37.92 -9.07 11.96
CA ARG B 192 -39.06 -8.35 12.54
C ARG B 192 -38.65 -6.98 13.07
N HIS B 193 -37.79 -6.97 14.08
CA HIS B 193 -37.36 -5.71 14.68
C HIS B 193 -36.23 -5.08 13.89
N MET C 4 31.26 -14.53 11.27
CA MET C 4 30.83 -15.88 11.63
C MET C 4 29.66 -15.79 12.60
N ASP C 5 29.24 -16.94 13.13
CA ASP C 5 28.09 -17.00 14.01
C ASP C 5 28.35 -16.21 15.30
N VAL C 6 27.27 -15.67 15.87
CA VAL C 6 27.33 -14.85 17.07
C VAL C 6 26.54 -15.54 18.17
N PHE C 7 27.17 -15.75 19.32
CA PHE C 7 26.55 -16.49 20.41
C PHE C 7 26.01 -15.53 21.46
N VAL C 8 24.78 -15.78 21.90
CA VAL C 8 24.19 -15.03 23.00
C VAL C 8 24.37 -15.84 24.29
N LEU C 9 25.24 -15.35 25.16
CA LEU C 9 25.57 -16.08 26.38
C LEU C 9 24.42 -15.99 27.36
N ASP C 10 24.65 -16.53 28.55
CA ASP C 10 23.64 -16.56 29.60
C ASP C 10 24.37 -16.77 30.92
N THR C 11 23.63 -16.68 32.03
CA THR C 11 24.21 -16.98 33.33
C THR C 11 24.39 -18.48 33.52
N SER C 12 23.65 -19.29 32.77
CA SER C 12 23.56 -20.72 33.03
C SER C 12 24.56 -21.50 32.18
N VAL C 13 25.69 -20.87 31.87
CA VAL C 13 26.70 -21.49 31.02
C VAL C 13 28.04 -21.61 31.74
N PHE C 14 28.30 -20.74 32.72
CA PHE C 14 29.46 -20.93 33.58
C PHE C 14 29.18 -20.57 35.03
N THR C 15 28.04 -21.01 35.56
CA THR C 15 27.86 -21.13 37.00
C THR C 15 27.22 -22.45 37.38
N ASN C 16 26.52 -23.09 36.45
CA ASN C 16 25.90 -24.38 36.72
C ASN C 16 27.00 -25.42 36.92
N PRO C 17 26.92 -26.24 37.98
CA PRO C 17 28.04 -27.14 38.29
C PRO C 17 28.46 -28.07 37.16
N GLU C 18 27.51 -28.63 36.41
CA GLU C 18 27.88 -29.55 35.35
C GLU C 18 28.66 -28.85 34.25
N ILE C 19 28.22 -27.65 33.86
CA ILE C 19 28.92 -26.93 32.81
C ILE C 19 30.14 -26.22 33.40
N TYR C 20 30.16 -26.02 34.72
CA TYR C 20 31.40 -25.68 35.41
C TYR C 20 32.44 -26.77 35.19
N ARG C 21 32.04 -28.03 35.33
CA ARG C 21 32.99 -29.13 35.23
C ARG C 21 33.46 -29.37 33.80
N THR C 22 32.53 -29.37 32.83
CA THR C 22 32.94 -29.68 31.47
C THR C 22 33.85 -28.60 30.90
N PHE C 23 33.94 -27.44 31.55
CA PHE C 23 34.77 -26.34 31.10
C PHE C 23 36.10 -26.35 31.83
N GLU C 24 36.92 -27.36 31.53
CA GLU C 24 38.31 -27.43 32.01
C GLU C 24 38.39 -27.46 33.54
N GLU C 25 37.30 -27.83 34.19
CA GLU C 25 37.22 -27.91 35.65
C GLU C 25 37.72 -26.64 36.34
N ARG C 28 37.32 -20.97 39.00
CA ARG C 28 38.05 -19.86 38.39
C ARG C 28 38.71 -20.29 37.09
N GLY C 29 39.28 -21.49 37.07
CA GLY C 29 39.93 -21.98 35.88
C GLY C 29 38.99 -22.09 34.69
N ALA C 30 37.74 -22.45 34.94
CA ALA C 30 36.76 -22.53 33.87
C ALA C 30 36.62 -21.20 33.15
N MET C 31 36.54 -20.10 33.91
CA MET C 31 36.39 -18.78 33.31
C MET C 31 37.55 -18.44 32.40
N GLU C 32 38.79 -18.64 32.86
CA GLU C 32 39.94 -18.23 32.07
C GLU C 32 40.14 -19.13 30.85
N THR C 33 39.90 -20.43 31.00
CA THR C 33 39.96 -21.32 29.84
C THR C 33 38.90 -20.94 28.81
N PHE C 34 37.67 -20.67 29.28
CA PHE C 34 36.62 -20.19 28.41
C PHE C 34 37.02 -18.90 27.71
N ILE C 35 37.66 -17.99 28.43
CA ILE C 35 38.06 -16.70 27.87
C ILE C 35 39.08 -16.89 26.76
N HIS C 36 40.11 -17.69 27.02
CA HIS C 36 41.13 -17.91 25.99
C HIS C 36 40.52 -18.58 24.76
N LEU C 37 39.68 -19.60 24.98
CA LEU C 37 39.01 -20.25 23.87
C LEU C 37 38.15 -19.27 23.09
N ALA C 38 37.45 -18.38 23.80
CA ALA C 38 36.55 -17.43 23.19
C ALA C 38 37.27 -16.40 22.35
N LEU C 39 38.42 -15.91 22.82
CA LEU C 39 39.12 -14.86 22.09
C LEU C 39 39.54 -15.30 20.71
N ASN C 40 39.57 -16.60 20.44
CA ASN C 40 40.01 -17.10 19.15
C ASN C 40 38.85 -17.24 18.18
N SER C 41 39.17 -17.08 16.89
CA SER C 41 38.31 -17.31 15.72
C SER C 41 37.20 -16.29 15.54
N ARG C 42 37.16 -15.23 16.37
CA ARG C 42 36.25 -14.11 16.18
C ARG C 42 34.79 -14.56 16.12
N ALA C 43 34.43 -15.48 17.00
CA ALA C 43 33.03 -15.79 17.26
C ALA C 43 32.52 -14.77 18.28
N GLU C 44 31.83 -13.74 17.79
CA GLU C 44 31.36 -12.66 18.66
C GLU C 44 30.35 -13.21 19.64
N PHE C 45 30.50 -12.89 20.91
CA PHE C 45 29.55 -13.29 21.94
C PHE C 45 28.72 -12.09 22.36
N TYR C 46 27.73 -12.34 23.20
CA TYR C 46 26.94 -11.25 23.76
C TYR C 46 26.35 -11.72 25.09
N MET C 47 26.04 -10.77 25.96
CA MET C 47 25.35 -11.09 27.20
C MET C 47 24.69 -9.84 27.76
N PRO C 48 23.41 -9.90 28.09
CA PRO C 48 22.71 -8.71 28.59
C PRO C 48 23.23 -8.25 29.95
N THR C 49 23.06 -6.96 30.22
CA THR C 49 23.55 -6.36 31.46
C THR C 49 22.87 -6.96 32.68
N SER C 50 21.55 -7.18 32.61
CA SER C 50 20.83 -7.72 33.75
C SER C 50 21.39 -9.07 34.18
N VAL C 51 21.59 -9.97 33.21
CA VAL C 51 22.20 -11.25 33.50
C VAL C 51 23.58 -11.05 34.10
N TYR C 52 24.33 -10.07 33.59
CA TYR C 52 25.67 -9.80 34.09
C TYR C 52 25.65 -9.41 35.56
N THR C 53 24.73 -8.52 35.94
CA THR C 53 24.70 -8.07 37.32
C THR C 53 24.20 -9.17 38.26
N GLU C 54 23.21 -9.97 37.83
CA GLU C 54 22.78 -11.09 38.67
C GLU C 54 23.91 -12.08 38.85
N MET C 55 24.65 -12.39 37.78
CA MET C 55 25.73 -13.36 37.88
C MET C 55 26.85 -12.86 38.77
N ARG C 56 27.27 -11.59 38.58
CA ARG C 56 28.35 -11.05 39.40
C ARG C 56 27.92 -10.94 40.86
N LYS C 57 26.65 -10.61 41.11
CA LYS C 57 26.15 -10.62 42.47
C LYS C 57 26.19 -12.02 43.07
N ILE C 58 25.85 -13.04 42.29
CA ILE C 58 25.83 -14.40 42.80
C ILE C 58 27.24 -14.97 42.88
N MET C 59 28.04 -14.76 41.84
CA MET C 59 29.38 -15.34 41.76
C MET C 59 30.39 -14.26 41.42
N ASP C 60 31.57 -14.35 42.04
CA ASP C 60 32.61 -13.34 41.86
C ASP C 60 33.96 -14.02 41.68
N VAL C 61 34.73 -13.52 40.72
CA VAL C 61 36.10 -13.96 40.47
C VAL C 61 37.00 -12.74 40.52
N GLY C 62 38.18 -12.89 41.11
CA GLY C 62 39.08 -11.77 41.30
C GLY C 62 39.91 -11.38 40.09
N GLU C 63 39.68 -10.17 39.58
CA GLU C 63 40.54 -9.50 38.61
C GLU C 63 40.58 -10.21 37.26
N LEU C 64 39.89 -11.35 37.12
CA LEU C 64 39.77 -12.01 35.84
C LEU C 64 38.72 -11.36 34.95
N TRP C 65 37.88 -10.49 35.51
CA TRP C 65 36.79 -9.90 34.76
C TRP C 65 37.26 -9.07 33.57
N ALA C 66 38.52 -8.64 33.57
CA ALA C 66 38.99 -7.71 32.53
C ALA C 66 38.81 -8.30 31.15
N GLU C 67 39.33 -9.51 30.92
CA GLU C 67 39.21 -10.09 29.59
C GLU C 67 37.77 -10.52 29.31
N PHE C 68 37.00 -10.78 30.37
CA PHE C 68 35.58 -11.07 30.17
C PHE C 68 34.86 -9.86 29.60
N GLU C 69 35.15 -8.67 30.13
CA GLU C 69 34.65 -7.45 29.53
C GLU C 69 35.21 -7.26 28.13
N MET C 70 36.42 -7.76 27.89
CA MET C 70 37.02 -7.68 26.56
C MET C 70 36.18 -8.41 25.51
N VAL C 71 35.86 -9.68 25.77
CA VAL C 71 35.36 -10.54 24.70
C VAL C 71 33.83 -10.61 24.70
N VAL C 72 33.22 -10.78 25.86
CA VAL C 72 31.78 -10.96 25.96
C VAL C 72 31.13 -9.59 26.08
N LYS C 73 30.52 -9.12 24.99
CA LYS C 73 29.90 -7.80 24.99
C LYS C 73 28.65 -7.79 25.86
N ILE C 74 28.41 -6.65 26.50
CA ILE C 74 27.35 -6.51 27.50
C ILE C 74 26.40 -5.41 27.05
N ARG C 75 25.33 -5.79 26.35
CA ARG C 75 24.36 -4.84 25.84
C ARG C 75 23.06 -4.90 26.63
N SER C 76 22.08 -4.14 26.14
CA SER C 76 20.68 -4.27 26.47
C SER C 76 19.91 -4.43 25.17
N PRO C 77 18.79 -5.13 25.18
CA PRO C 77 18.20 -5.59 23.90
C PRO C 77 17.71 -4.49 22.97
N ARG C 78 17.74 -3.22 23.38
CA ARG C 78 17.04 -2.16 22.66
C ARG C 78 15.56 -2.51 22.51
N ARG C 79 14.89 -2.60 23.66
CA ARG C 79 13.53 -3.10 23.70
C ARG C 79 12.51 -2.13 23.09
N PHE C 80 12.96 -1.06 22.43
CA PHE C 80 12.03 -0.13 21.84
C PHE C 80 11.77 -0.44 20.36
N GLN C 81 12.66 -1.17 19.71
CA GLN C 81 12.50 -1.49 18.30
C GLN C 81 12.13 -2.95 18.06
N LEU C 82 11.79 -3.69 19.11
CA LEU C 82 11.49 -5.11 18.99
C LEU C 82 10.01 -5.37 19.24
N THR C 83 9.49 -6.40 18.59
CA THR C 83 8.10 -6.81 18.74
C THR C 83 8.04 -8.32 18.84
N VAL C 84 7.26 -8.82 19.79
CA VAL C 84 7.11 -10.26 20.02
C VAL C 84 5.70 -10.66 19.58
N PRO C 85 5.54 -11.75 18.83
CA PRO C 85 4.21 -12.10 18.31
C PRO C 85 3.22 -12.38 19.43
N ALA C 86 1.95 -12.06 19.14
CA ALA C 86 0.92 -12.10 20.17
C ALA C 86 0.68 -13.53 20.67
N ASP C 87 0.76 -14.52 19.79
CA ASP C 87 0.49 -15.90 20.20
C ASP C 87 1.47 -16.36 21.25
N PHE C 88 2.70 -15.83 21.23
CA PHE C 88 3.68 -16.13 22.26
C PHE C 88 3.15 -15.72 23.64
N LEU C 89 2.69 -14.47 23.76
CA LEU C 89 2.14 -14.00 25.02
C LEU C 89 0.91 -14.79 25.42
N TYR C 90 0.04 -15.09 24.44
CA TYR C 90 -1.16 -15.86 24.73
C TYR C 90 -0.81 -17.21 25.36
N GLU C 91 0.11 -17.94 24.73
CA GLU C 91 0.50 -19.25 25.27
C GLU C 91 1.18 -19.12 26.62
N PHE C 92 2.04 -18.12 26.80
CA PHE C 92 2.70 -17.91 28.08
C PHE C 92 1.69 -17.77 29.21
N ILE C 93 0.71 -16.88 29.04
CA ILE C 93 -0.23 -16.63 30.11
C ILE C 93 -1.19 -17.80 30.29
N GLU C 94 -1.58 -18.47 29.20
CA GLU C 94 -2.44 -19.64 29.32
C GLU C 94 -1.77 -20.73 30.15
N GLU C 95 -0.47 -20.96 29.95
CA GLU C 95 0.22 -21.96 30.76
C GLU C 95 0.43 -21.49 32.19
N LEU C 96 0.70 -20.20 32.36
CA LEU C 96 0.96 -19.67 33.70
C LEU C 96 -0.26 -19.83 34.61
N ARG C 97 -1.47 -19.71 34.04
CA ARG C 97 -2.65 -19.91 34.87
C ARG C 97 -2.68 -21.31 35.49
N TYR C 98 -2.41 -22.33 34.69
CA TYR C 98 -2.37 -23.69 35.21
C TYR C 98 -1.30 -23.83 36.28
N ARG C 99 -0.13 -23.23 36.05
CA ARG C 99 0.93 -23.32 37.05
C ARG C 99 0.49 -22.72 38.38
N ILE C 100 -0.19 -21.57 38.34
CA ILE C 100 -0.63 -20.92 39.57
C ILE C 100 -1.61 -21.81 40.33
N ASN C 101 -2.56 -22.41 39.61
CA ASN C 101 -3.52 -23.28 40.27
C ASN C 101 -2.82 -24.48 40.92
N LYS C 102 -1.86 -25.08 40.23
CA LYS C 102 -1.12 -26.20 40.80
C LYS C 102 -0.38 -25.79 42.08
N GLY C 103 0.23 -24.61 42.05
CA GLY C 103 0.91 -24.13 43.24
C GLY C 103 -0.03 -23.92 44.42
N LEU C 104 -1.22 -23.38 44.14
CA LEU C 104 -2.20 -23.21 45.21
C LEU C 104 -2.61 -24.55 45.81
N ARG C 105 -2.83 -25.56 44.96
CA ARG C 105 -3.21 -26.88 45.47
C ARG C 105 -2.11 -27.47 46.34
N ILE C 106 -0.85 -27.34 45.92
CA ILE C 106 0.26 -27.85 46.72
C ILE C 106 0.32 -27.13 48.06
N ALA C 107 0.12 -25.81 48.05
CA ALA C 107 0.12 -25.06 49.31
C ALA C 107 -0.98 -25.57 50.24
N GLU C 108 -2.17 -25.81 49.68
CA GLU C 108 -3.26 -26.35 50.50
C GLU C 108 -2.87 -27.68 51.14
N GLU C 109 -2.39 -28.63 50.34
CA GLU C 109 -2.11 -29.95 50.90
C GLU C 109 -1.01 -29.89 51.94
N HIS C 110 -0.02 -29.00 51.75
CA HIS C 110 1.01 -28.86 52.77
C HIS C 110 0.48 -28.19 54.03
N THR C 111 -0.49 -27.28 53.92
CA THR C 111 -1.11 -26.74 55.13
C THR C 111 -1.78 -27.84 55.93
N ARG C 112 -2.52 -28.73 55.26
CA ARG C 112 -3.17 -29.83 55.97
C ARG C 112 -2.15 -30.76 56.61
N GLU C 113 -1.06 -31.06 55.89
CA GLU C 113 -0.03 -31.92 56.46
C GLU C 113 0.62 -31.26 57.67
N ALA C 114 0.81 -29.94 57.63
CA ALA C 114 1.35 -29.23 58.79
C ALA C 114 0.39 -29.32 59.96
N SER C 115 -0.91 -29.19 59.71
CA SER C 115 -1.90 -29.36 60.76
C SER C 115 -1.83 -30.78 61.34
N GLY C 116 -1.48 -31.76 60.50
CA GLY C 116 -1.46 -33.15 60.96
C GLY C 116 -0.39 -33.42 62.01
N CYS C 117 0.86 -33.05 61.73
CA CYS C 117 1.97 -33.43 62.58
C CYS C 117 2.89 -32.23 62.84
N GLU C 118 3.67 -32.31 63.91
CA GLU C 118 4.59 -31.25 64.30
C GLU C 118 6.01 -31.54 63.81
N ASP C 119 6.18 -31.36 62.50
CA ASP C 119 7.48 -31.50 61.84
C ASP C 119 7.72 -30.30 60.93
N VAL C 120 7.56 -29.10 61.50
CA VAL C 120 7.38 -27.89 60.69
C VAL C 120 8.58 -27.65 59.78
N GLY C 121 9.80 -27.85 60.26
CA GLY C 121 10.97 -27.50 59.47
C GLY C 121 11.10 -28.33 58.21
N LYS C 122 10.94 -29.65 58.34
CA LYS C 122 11.04 -30.53 57.17
C LYS C 122 9.93 -30.22 56.18
N LEU C 123 8.72 -29.94 56.66
CA LEU C 123 7.62 -29.62 55.75
C LEU C 123 7.84 -28.29 55.06
N ILE C 124 8.42 -27.31 55.75
CA ILE C 124 8.75 -26.05 55.10
C ILE C 124 9.78 -26.27 54.00
N ALA C 125 10.79 -27.10 54.27
CA ALA C 125 11.77 -27.42 53.23
C ALA C 125 11.10 -28.10 52.04
N ARG C 126 10.19 -29.03 52.32
CA ARG C 126 9.47 -29.71 51.24
C ARG C 126 8.61 -28.73 50.44
N LEU C 127 8.00 -27.76 51.13
CA LEU C 127 7.22 -26.75 50.43
C LEU C 127 8.10 -25.90 49.53
N ARG C 128 9.28 -25.51 50.01
CA ARG C 128 10.25 -24.83 49.14
C ARG C 128 10.54 -25.65 47.89
N GLU C 129 10.77 -26.94 48.04
CA GLU C 129 11.03 -27.79 46.89
C GLU C 129 9.84 -27.86 45.92
N LYS C 130 8.64 -28.08 46.45
CA LYS C 130 7.48 -28.34 45.60
C LYS C 130 6.94 -27.09 44.93
N TYR C 131 6.88 -25.96 45.65
CA TYR C 131 6.33 -24.74 45.07
C TYR C 131 7.18 -24.22 43.93
N ARG C 132 8.50 -24.24 44.10
CA ARG C 132 9.41 -23.79 43.05
C ARG C 132 9.28 -24.67 41.81
N GLU C 133 9.15 -25.99 42.01
CA GLU C 133 8.91 -26.88 40.88
C GLU C 133 7.56 -26.62 40.24
N ALA C 134 6.57 -26.20 41.03
CA ALA C 134 5.23 -25.99 40.50
C ALA C 134 5.15 -24.75 39.63
N LEU C 135 5.84 -23.67 40.01
CA LEU C 135 5.74 -22.41 39.29
C LEU C 135 6.99 -22.06 38.49
N ARG C 136 8.14 -21.98 39.14
CA ARG C 136 9.31 -21.41 38.47
C ARG C 136 9.90 -22.36 37.45
N GLN C 137 9.62 -23.65 37.58
CA GLN C 137 10.24 -24.64 36.70
C GLN C 137 9.38 -24.83 35.45
N GLY C 138 9.97 -24.56 34.29
CA GLY C 138 9.34 -24.88 33.01
C GLY C 138 9.12 -23.71 32.08
N ILE C 139 8.93 -22.50 32.61
CA ILE C 139 8.66 -21.33 31.78
C ILE C 139 9.63 -20.21 32.16
N LEU C 140 9.48 -19.07 31.47
CA LEU C 140 10.26 -17.87 31.76
C LEU C 140 9.85 -17.34 33.12
N ASP C 141 10.76 -17.42 34.09
CA ASP C 141 10.40 -17.03 35.45
C ASP C 141 10.75 -15.56 35.73
N SER C 142 12.03 -15.20 35.58
CA SER C 142 12.50 -13.87 35.91
C SER C 142 12.66 -13.03 34.66
N LYS C 143 13.18 -11.81 34.83
CA LYS C 143 13.34 -10.90 33.70
C LYS C 143 14.63 -11.14 32.95
N GLU C 144 15.63 -11.76 33.59
CA GLU C 144 16.89 -12.04 32.90
C GLU C 144 16.66 -12.97 31.72
N ASP C 145 15.75 -13.93 31.84
CA ASP C 145 15.47 -14.85 30.75
C ASP C 145 14.82 -14.13 29.57
N VAL C 146 13.87 -13.24 29.85
CA VAL C 146 13.24 -12.46 28.80
C VAL C 146 14.25 -11.56 28.11
N ASP C 147 15.16 -11.00 28.90
CA ASP C 147 16.22 -10.18 28.31
C ASP C 147 17.10 -11.01 27.39
N VAL C 148 17.43 -12.24 27.80
CA VAL C 148 18.23 -13.11 26.95
C VAL C 148 17.49 -13.40 25.65
N LEU C 149 16.20 -13.71 25.74
CA LEU C 149 15.42 -13.96 24.53
C LEU C 149 15.45 -12.76 23.59
N LEU C 150 15.15 -11.57 24.11
CA LEU C 150 15.05 -10.40 23.23
C LEU C 150 16.40 -10.03 22.64
N LEU C 151 17.48 -10.11 23.42
CA LEU C 151 18.79 -9.84 22.86
C LEU C 151 19.15 -10.85 21.78
N ALA C 152 18.85 -12.13 22.00
CA ALA C 152 19.17 -13.15 21.01
C ALA C 152 18.23 -13.11 19.82
N TYR C 153 17.09 -12.43 19.95
CA TYR C 153 16.10 -12.43 18.89
C TYR C 153 16.43 -11.38 17.83
N GLU C 154 16.98 -10.24 18.24
CA GLU C 154 17.30 -9.19 17.27
C GLU C 154 18.61 -9.44 16.53
N LEU C 155 19.61 -10.03 17.18
CA LEU C 155 20.89 -10.25 16.54
C LEU C 155 20.95 -11.55 15.75
N ASP C 156 19.87 -12.33 15.74
CA ASP C 156 19.86 -13.65 15.12
C ASP C 156 21.01 -14.49 15.67
N GLY C 157 21.17 -14.46 16.99
CA GLY C 157 22.25 -15.16 17.64
C GLY C 157 21.86 -16.55 18.08
N VAL C 158 22.87 -17.32 18.48
CA VAL C 158 22.70 -18.72 18.88
C VAL C 158 22.58 -18.75 20.39
N LEU C 159 21.35 -18.90 20.89
CA LEU C 159 21.13 -18.91 22.34
C LEU C 159 21.84 -20.10 22.97
N VAL C 160 22.45 -19.87 24.13
CA VAL C 160 23.20 -20.90 24.84
C VAL C 160 22.74 -20.89 26.29
N SER C 161 22.02 -21.93 26.70
CA SER C 161 21.51 -21.96 28.06
C SER C 161 21.26 -23.40 28.49
N ALA C 162 21.40 -23.64 29.80
CA ALA C 162 21.05 -24.90 30.42
C ALA C 162 19.66 -24.88 31.04
N ASP C 163 18.91 -23.80 30.82
CA ASP C 163 17.57 -23.67 31.40
C ASP C 163 16.57 -24.37 30.49
N GLU C 164 15.85 -25.34 31.04
CA GLU C 164 14.88 -26.09 30.24
C GLU C 164 13.58 -25.33 30.03
N GLY C 165 13.35 -24.26 30.79
CA GLY C 165 12.19 -23.43 30.54
C GLY C 165 12.47 -22.31 29.56
N LEU C 166 13.74 -22.04 29.30
CA LEU C 166 14.12 -21.06 28.29
C LEU C 166 14.14 -21.66 26.90
N ARG C 167 14.54 -22.92 26.78
CA ARG C 167 14.74 -23.53 25.47
C ARG C 167 13.44 -23.66 24.70
N THR C 168 12.38 -24.12 25.35
CA THR C 168 11.11 -24.29 24.64
C THR C 168 10.55 -22.96 24.18
N TRP C 169 10.63 -21.93 25.01
CA TRP C 169 10.08 -20.64 24.64
C TRP C 169 10.95 -19.94 23.61
N ALA C 170 12.25 -20.23 23.57
CA ALA C 170 13.09 -19.74 22.49
C ALA C 170 12.81 -20.51 21.20
N ASP C 171 12.39 -21.76 21.30
CA ASP C 171 12.02 -22.52 20.11
C ASP C 171 10.71 -22.02 19.52
N LYS C 172 9.77 -21.59 20.37
CA LYS C 172 8.51 -21.09 19.85
C LYS C 172 8.71 -19.80 19.05
N ILE C 173 9.64 -18.96 19.46
CA ILE C 173 9.75 -17.63 18.86
C ILE C 173 10.50 -17.68 17.54
N GLY C 174 11.37 -18.65 17.34
CA GLY C 174 12.16 -18.74 16.13
C GLY C 174 13.65 -18.51 16.29
N ILE C 175 14.16 -18.58 17.51
CA ILE C 175 15.60 -18.44 17.73
C ILE C 175 16.27 -19.78 17.50
N LYS C 176 17.40 -19.78 16.81
CA LYS C 176 18.18 -21.00 16.65
C LYS C 176 18.90 -21.30 17.95
N LEU C 177 18.81 -22.55 18.38
CA LEU C 177 19.40 -22.99 19.64
C LEU C 177 20.65 -23.82 19.36
N ILE C 178 21.38 -24.10 20.43
CA ILE C 178 22.56 -24.95 20.36
C ILE C 178 22.50 -25.92 21.54
N ASP C 179 23.30 -26.98 21.45
CA ASP C 179 23.37 -27.92 22.56
C ASP C 179 24.23 -27.33 23.68
N PRO C 180 23.67 -27.11 24.87
CA PRO C 180 24.48 -26.51 25.93
C PRO C 180 25.57 -27.43 26.46
N LYS C 181 25.36 -28.74 26.38
CA LYS C 181 26.34 -29.69 26.89
C LYS C 181 27.55 -29.82 25.98
N ASN C 182 27.41 -29.49 24.70
CA ASN C 182 28.51 -29.57 23.75
C ASN C 182 29.09 -28.21 23.38
N PHE C 183 28.79 -27.18 24.17
CA PHE C 183 29.26 -25.84 23.81
C PHE C 183 30.79 -25.75 23.83
N LYS C 184 31.41 -26.37 24.82
CA LYS C 184 32.88 -26.30 24.93
C LYS C 184 33.55 -26.95 23.72
N ASN C 185 33.13 -28.16 23.36
CA ASN C 185 33.69 -28.84 22.21
C ASN C 185 33.37 -28.09 20.93
N ILE C 186 32.17 -27.52 20.83
CA ILE C 186 31.79 -26.73 19.66
C ILE C 186 32.73 -25.54 19.50
N LEU C 187 32.96 -24.81 20.59
CA LEU C 187 33.83 -23.66 20.52
C LEU C 187 35.25 -24.07 20.15
N GLU C 188 35.72 -25.20 20.72
CA GLU C 188 37.06 -25.66 20.42
C GLU C 188 37.22 -26.02 18.95
N SER C 189 36.26 -26.77 18.40
CA SER C 189 36.36 -27.18 17.01
C SER C 189 36.20 -26.01 16.06
N LEU C 190 35.42 -25.00 16.44
CA LEU C 190 35.36 -23.79 15.64
C LEU C 190 36.67 -23.02 15.70
N VAL C 191 37.34 -23.04 16.86
CA VAL C 191 38.61 -22.33 17.01
C VAL C 191 39.71 -22.99 16.19
N ARG C 192 39.82 -24.32 16.27
CA ARG C 192 40.95 -25.00 15.68
C ARG C 192 40.85 -25.06 14.16
N HIS C 193 39.83 -25.73 13.65
CA HIS C 193 39.66 -25.87 12.20
C HIS C 193 38.98 -24.64 11.62
N MET D 4 -19.11 5.06 13.46
CA MET D 4 -18.91 5.61 14.80
C MET D 4 -17.97 4.72 15.60
N ASP D 5 -17.80 5.02 16.88
CA ASP D 5 -16.88 4.28 17.73
C ASP D 5 -17.32 2.83 17.87
N VAL D 6 -16.35 1.95 18.06
CA VAL D 6 -16.58 0.51 18.17
C VAL D 6 -16.12 0.06 19.55
N PHE D 7 -16.99 -0.61 20.28
CA PHE D 7 -16.70 -1.01 21.66
C PHE D 7 -16.30 -2.48 21.71
N VAL D 8 -15.24 -2.78 22.44
CA VAL D 8 -14.83 -4.15 22.69
C VAL D 8 -15.37 -4.57 24.05
N LEU D 9 -16.35 -5.46 24.04
CA LEU D 9 -17.00 -5.86 25.27
C LEU D 9 -16.09 -6.77 26.08
N ASP D 10 -16.62 -7.30 27.17
CA ASP D 10 -15.88 -8.17 28.06
C ASP D 10 -16.89 -8.95 28.89
N THR D 11 -16.40 -9.92 29.66
CA THR D 11 -17.28 -10.64 30.57
C THR D 11 -17.64 -9.80 31.79
N SER D 12 -16.84 -8.78 32.09
CA SER D 12 -16.97 -8.05 33.34
C SER D 12 -17.83 -6.80 33.18
N VAL D 13 -18.79 -6.86 32.26
CA VAL D 13 -19.66 -5.73 31.99
C VAL D 13 -21.12 -6.07 32.22
N PHE D 14 -21.50 -7.34 32.13
CA PHE D 14 -22.84 -7.75 32.55
C PHE D 14 -22.83 -9.10 33.25
N THR D 15 -21.88 -9.33 34.15
CA THR D 15 -22.04 -10.35 35.18
C THR D 15 -21.63 -9.84 36.55
N ASN D 16 -20.82 -8.79 36.60
CA ASN D 16 -20.40 -8.21 37.87
C ASN D 16 -21.62 -7.59 38.54
N PRO D 17 -21.87 -7.85 39.83
CA PRO D 17 -23.12 -7.39 40.46
C PRO D 17 -23.37 -5.89 40.38
N GLU D 18 -22.34 -5.06 40.54
CA GLU D 18 -22.57 -3.61 40.49
C GLU D 18 -23.02 -3.17 39.10
N ILE D 19 -22.38 -3.71 38.05
CA ILE D 19 -22.76 -3.32 36.70
C ILE D 19 -24.00 -4.11 36.27
N TYR D 20 -24.27 -5.23 36.94
CA TYR D 20 -25.59 -5.84 36.84
C TYR D 20 -26.68 -4.87 37.30
N ARG D 21 -26.45 -4.19 38.42
CA ARG D 21 -27.47 -3.31 38.98
C ARG D 21 -27.63 -2.03 38.17
N THR D 22 -26.52 -1.40 37.77
CA THR D 22 -26.66 -0.12 37.06
C THR D 22 -27.31 -0.30 35.70
N PHE D 23 -27.41 -1.55 35.21
CA PHE D 23 -28.01 -1.84 33.92
C PHE D 23 -29.47 -2.26 34.09
N GLU D 24 -30.30 -1.30 34.49
CA GLU D 24 -31.75 -1.47 34.54
C GLU D 24 -32.17 -2.59 35.49
N GLU D 25 -31.29 -2.95 36.42
CA GLU D 25 -31.54 -4.01 37.40
C GLU D 25 -32.03 -5.30 36.76
N ARG D 28 -31.64 -11.04 34.24
CA ARG D 28 -32.10 -11.23 32.87
C ARG D 28 -32.51 -9.91 32.22
N GLY D 29 -33.17 -9.06 33.01
CA GLY D 29 -33.60 -7.78 32.49
C GLY D 29 -32.46 -6.90 32.04
N ALA D 30 -31.32 -6.98 32.74
CA ALA D 30 -30.15 -6.22 32.34
C ALA D 30 -29.72 -6.55 30.93
N MET D 31 -29.69 -7.85 30.59
CA MET D 31 -29.28 -8.27 29.26
C MET D 31 -30.18 -7.70 28.18
N GLU D 32 -31.50 -7.79 28.35
CA GLU D 32 -32.40 -7.35 27.29
C GLU D 32 -32.43 -5.82 27.18
N THR D 33 -32.36 -5.12 28.30
CA THR D 33 -32.26 -3.67 28.23
C THR D 33 -30.97 -3.24 27.53
N PHE D 34 -29.86 -3.89 27.89
CA PHE D 34 -28.58 -3.64 27.22
C PHE D 34 -28.70 -3.91 25.72
N ILE D 35 -29.38 -4.99 25.35
CA ILE D 35 -29.51 -5.36 23.94
C ILE D 35 -30.29 -4.30 23.18
N HIS D 36 -31.43 -3.88 23.71
CA HIS D 36 -32.21 -2.86 23.02
C HIS D 36 -31.42 -1.57 22.89
N LEU D 37 -30.77 -1.14 23.97
CA LEU D 37 -29.95 0.05 23.91
C LEU D 37 -28.83 -0.08 22.88
N ALA D 38 -28.21 -1.27 22.81
CA ALA D 38 -27.10 -1.52 21.90
C ALA D 38 -27.52 -1.48 20.45
N LEU D 39 -28.69 -2.03 20.13
CA LEU D 39 -29.11 -2.12 18.73
C LEU D 39 -29.27 -0.74 18.11
N ASN D 40 -29.37 0.31 18.92
CA ASN D 40 -29.57 1.64 18.40
C ASN D 40 -28.24 2.36 18.15
N SER D 41 -28.26 3.26 17.15
CA SER D 41 -27.20 4.20 16.79
C SER D 41 -25.98 3.55 16.16
N ARG D 42 -26.01 2.25 15.89
CA ARG D 42 -24.96 1.57 15.12
C ARG D 42 -23.59 1.77 15.74
N ALA D 43 -23.51 1.67 17.06
CA ALA D 43 -22.25 1.53 17.76
C ALA D 43 -21.86 0.06 17.74
N GLU D 44 -20.99 -0.32 16.81
CA GLU D 44 -20.61 -1.71 16.64
C GLU D 44 -19.89 -2.19 17.89
N PHE D 45 -20.29 -3.35 18.40
CA PHE D 45 -19.62 -3.95 19.54
C PHE D 45 -18.78 -5.13 19.08
N TYR D 46 -18.02 -5.70 20.01
CA TYR D 46 -17.27 -6.91 19.72
C TYR D 46 -17.03 -7.65 21.02
N MET D 47 -16.81 -8.96 20.92
CA MET D 47 -16.45 -9.76 22.08
C MET D 47 -15.80 -11.06 21.63
N PRO D 48 -14.63 -11.39 22.16
CA PRO D 48 -13.94 -12.61 21.74
C PRO D 48 -14.69 -13.88 22.13
N THR D 49 -14.45 -14.94 21.35
CA THR D 49 -15.13 -16.21 21.58
C THR D 49 -14.79 -16.81 22.93
N SER D 50 -13.52 -16.74 23.33
CA SER D 50 -13.12 -17.33 24.61
C SER D 50 -13.89 -16.71 25.76
N VAL D 51 -13.97 -15.38 25.79
CA VAL D 51 -14.77 -14.70 26.81
C VAL D 51 -16.21 -15.15 26.73
N TYR D 52 -16.73 -15.33 25.51
CA TYR D 52 -18.11 -15.76 25.32
C TYR D 52 -18.36 -17.12 25.96
N THR D 53 -17.46 -18.07 25.73
CA THR D 53 -17.68 -19.41 26.25
C THR D 53 -17.51 -19.44 27.77
N GLU D 54 -16.54 -18.70 28.32
CA GLU D 54 -16.43 -18.64 29.77
C GLU D 54 -17.66 -18.02 30.39
N MET D 55 -18.18 -16.94 29.79
CA MET D 55 -19.35 -16.28 30.36
C MET D 55 -20.58 -17.16 30.27
N ARG D 56 -20.81 -17.81 29.13
CA ARG D 56 -21.98 -18.67 28.99
C ARG D 56 -21.88 -19.88 29.91
N LYS D 57 -20.66 -20.40 30.09
CA LYS D 57 -20.46 -21.48 31.05
C LYS D 57 -20.78 -21.02 32.47
N ILE D 58 -20.38 -19.80 32.82
CA ILE D 58 -20.62 -19.30 34.17
C ILE D 58 -22.06 -18.85 34.34
N MET D 59 -22.60 -18.12 33.37
CA MET D 59 -23.93 -17.55 33.45
C MET D 59 -24.73 -17.90 32.22
N ASP D 60 -26.02 -18.20 32.41
CA ASP D 60 -26.89 -18.61 31.31
C ASP D 60 -28.23 -17.90 31.42
N VAL D 61 -28.72 -17.43 30.27
CA VAL D 61 -30.05 -16.83 30.16
C VAL D 61 -30.81 -17.57 29.07
N GLY D 62 -32.09 -17.80 29.29
CA GLY D 62 -32.88 -18.59 28.37
C GLY D 62 -33.39 -17.85 27.15
N GLU D 63 -32.93 -18.27 25.97
CA GLU D 63 -33.50 -17.89 24.67
C GLU D 63 -33.31 -16.41 24.35
N LEU D 64 -32.73 -15.64 25.28
CA LEU D 64 -32.41 -14.24 25.01
C LEU D 64 -31.14 -14.11 24.18
N TRP D 65 -30.35 -15.18 24.07
CA TRP D 65 -29.06 -15.10 23.39
C TRP D 65 -29.18 -14.72 21.93
N ALA D 66 -30.36 -14.86 21.33
CA ALA D 66 -30.48 -14.64 19.89
C ALA D 66 -30.07 -13.22 19.51
N GLU D 67 -30.66 -12.22 20.16
CA GLU D 67 -30.31 -10.85 19.80
C GLU D 67 -28.90 -10.50 20.26
N PHE D 68 -28.41 -11.21 21.28
CA PHE D 68 -27.02 -11.01 21.68
C PHE D 68 -26.07 -11.43 20.58
N GLU D 69 -26.35 -12.58 19.95
CA GLU D 69 -25.59 -12.96 18.76
C GLU D 69 -25.82 -11.98 17.63
N MET D 70 -27.01 -11.36 17.59
CA MET D 70 -27.29 -10.35 16.57
C MET D 70 -26.32 -9.17 16.65
N VAL D 71 -26.21 -8.57 17.83
CA VAL D 71 -25.56 -7.25 17.93
C VAL D 71 -24.09 -7.36 18.31
N VAL D 72 -23.77 -8.18 19.30
CA VAL D 72 -22.41 -8.28 19.81
C VAL D 72 -21.66 -9.33 18.99
N LYS D 73 -20.78 -8.87 18.10
CA LYS D 73 -20.05 -9.79 17.24
C LYS D 73 -19.02 -10.57 18.05
N ILE D 74 -18.81 -11.83 17.64
CA ILE D 74 -17.98 -12.77 18.39
C ILE D 74 -16.84 -13.23 17.49
N ARG D 75 -15.70 -12.57 17.57
CA ARG D 75 -14.54 -12.90 16.75
C ARG D 75 -13.46 -13.58 17.57
N SER D 76 -12.33 -13.81 16.92
CA SER D 76 -11.05 -14.11 17.53
C SER D 76 -10.05 -13.10 17.00
N PRO D 77 -9.02 -12.75 17.77
CA PRO D 77 -8.23 -11.56 17.45
C PRO D 77 -7.44 -11.62 16.14
N ARG D 78 -7.42 -12.76 15.45
CA ARG D 78 -6.48 -12.97 14.35
C ARG D 78 -5.05 -12.77 14.85
N ARG D 79 -4.65 -13.64 15.77
CA ARG D 79 -3.38 -13.48 16.47
C ARG D 79 -2.17 -13.74 15.59
N PHE D 80 -2.35 -13.92 14.28
CA PHE D 80 -1.22 -14.15 13.41
C PHE D 80 -0.69 -12.88 12.78
N GLN D 81 -1.49 -11.82 12.73
CA GLN D 81 -1.06 -10.56 12.13
C GLN D 81 -0.80 -9.46 13.16
N LEU D 82 -0.77 -9.81 14.44
CA LEU D 82 -0.60 -8.82 15.50
C LEU D 82 0.75 -8.99 16.18
N THR D 83 1.29 -7.88 16.66
CA THR D 83 2.56 -7.86 17.36
C THR D 83 2.45 -6.95 18.58
N VAL D 84 2.94 -7.42 19.71
CA VAL D 84 2.90 -6.68 20.96
C VAL D 84 4.31 -6.23 21.30
N PRO D 85 4.52 -4.96 21.70
CA PRO D 85 5.88 -4.47 21.92
C PRO D 85 6.59 -5.23 23.04
N ALA D 86 7.91 -5.34 22.90
CA ALA D 86 8.68 -6.18 23.80
C ALA D 86 8.67 -5.67 25.24
N ASP D 87 8.67 -4.34 25.41
CA ASP D 87 8.70 -3.79 26.76
C ASP D 87 7.47 -4.18 27.55
N PHE D 88 6.35 -4.40 26.87
CA PHE D 88 5.14 -4.88 27.53
C PHE D 88 5.39 -6.23 28.19
N LEU D 89 5.95 -7.18 27.43
CA LEU D 89 6.25 -8.49 27.98
C LEU D 89 7.29 -8.40 29.09
N TYR D 90 8.30 -7.55 28.90
CA TYR D 90 9.33 -7.37 29.92
C TYR D 90 8.73 -6.94 31.24
N GLU D 91 7.89 -5.90 31.21
CA GLU D 91 7.25 -5.42 32.44
C GLU D 91 6.31 -6.45 33.04
N PHE D 92 5.54 -7.15 32.20
CA PHE D 92 4.65 -8.20 32.70
C PHE D 92 5.41 -9.22 33.52
N ILE D 93 6.48 -9.78 32.95
CA ILE D 93 7.20 -10.84 33.64
C ILE D 93 7.96 -10.31 34.84
N GLU D 94 8.50 -9.09 34.75
CA GLU D 94 9.19 -8.50 35.89
C GLU D 94 8.26 -8.34 37.09
N GLU D 95 7.02 -7.92 36.84
CA GLU D 95 6.07 -7.81 37.95
C GLU D 95 5.59 -9.17 38.45
N LEU D 96 5.42 -10.13 37.52
CA LEU D 96 4.96 -11.45 37.89
C LEU D 96 5.92 -12.14 38.85
N ARG D 97 7.22 -11.91 38.67
CA ARG D 97 8.18 -12.53 39.59
C ARG D 97 7.93 -12.08 41.03
N TYR D 98 7.72 -10.78 41.25
CA TYR D 98 7.44 -10.29 42.59
C TYR D 98 6.15 -10.90 43.13
N ARG D 99 5.13 -11.00 42.28
CA ARG D 99 3.88 -11.60 42.73
C ARG D 99 4.08 -13.02 43.21
N ILE D 100 4.87 -13.81 42.46
CA ILE D 100 5.10 -15.21 42.84
C ILE D 100 5.80 -15.29 44.19
N ASN D 101 6.82 -14.45 44.40
CA ASN D 101 7.51 -14.48 45.68
C ASN D 101 6.57 -14.12 46.84
N LYS D 102 5.71 -13.12 46.63
CA LYS D 102 4.76 -12.75 47.68
C LYS D 102 3.82 -13.90 47.99
N GLY D 103 3.35 -14.59 46.96
CA GLY D 103 2.48 -15.74 47.19
C GLY D 103 3.16 -16.84 47.97
N LEU D 104 4.44 -17.10 47.67
CA LEU D 104 5.17 -18.12 48.41
C LEU D 104 5.31 -17.73 49.89
N ARG D 105 5.59 -16.46 50.16
CA ARG D 105 5.71 -16.02 51.54
C ARG D 105 4.39 -16.18 52.30
N ILE D 106 3.28 -15.83 51.65
CA ILE D 106 1.98 -15.99 52.30
C ILE D 106 1.70 -17.46 52.58
N ALA D 107 2.04 -18.34 51.63
CA ALA D 107 1.84 -19.77 51.84
C ALA D 107 2.66 -20.24 53.04
N GLU D 108 3.91 -19.79 53.14
CA GLU D 108 4.74 -20.15 54.29
C GLU D 108 4.08 -19.73 55.60
N GLU D 109 3.68 -18.46 55.71
CA GLU D 109 3.16 -17.99 56.99
C GLU D 109 1.87 -18.71 57.36
N HIS D 110 1.04 -19.05 56.36
CA HIS D 110 -0.16 -19.81 56.67
C HIS D 110 0.15 -21.24 57.06
N THR D 111 1.21 -21.85 56.52
CA THR D 111 1.62 -23.17 57.00
C THR D 111 1.98 -23.12 58.47
N ARG D 112 2.75 -22.11 58.88
CA ARG D 112 3.11 -22.01 60.29
C ARG D 112 1.88 -21.77 61.17
N GLU D 113 0.96 -20.93 60.71
CA GLU D 113 -0.27 -20.70 61.48
C GLU D 113 -1.09 -21.98 61.60
N ALA D 114 -1.13 -22.79 60.53
CA ALA D 114 -1.82 -24.07 60.61
C ALA D 114 -1.16 -24.99 61.62
N SER D 115 0.18 -25.01 61.64
CA SER D 115 0.88 -25.78 62.65
C SER D 115 0.56 -25.29 64.05
N GLY D 116 0.30 -23.98 64.19
CA GLY D 116 0.03 -23.43 65.52
C GLY D 116 -1.26 -23.94 66.14
N CYS D 117 -2.37 -23.85 65.42
CA CYS D 117 -3.68 -24.12 65.98
C CYS D 117 -4.50 -25.01 65.05
N GLU D 118 -5.50 -25.69 65.61
CA GLU D 118 -6.37 -26.59 64.86
C GLU D 118 -7.67 -25.89 64.45
N ASP D 119 -7.55 -25.00 63.47
CA ASP D 119 -8.68 -24.29 62.87
C ASP D 119 -8.58 -24.36 61.35
N VAL D 120 -8.43 -25.58 60.84
CA VAL D 120 -7.96 -25.78 59.48
C VAL D 120 -8.89 -25.14 58.45
N GLY D 121 -10.21 -25.26 58.65
CA GLY D 121 -11.13 -24.77 57.63
C GLY D 121 -11.08 -23.27 57.45
N LYS D 122 -11.09 -22.52 58.56
CA LYS D 122 -11.01 -21.07 58.47
C LYS D 122 -9.70 -20.62 57.86
N LEU D 123 -8.59 -21.28 58.21
CA LEU D 123 -7.30 -20.91 57.65
C LEU D 123 -7.22 -21.24 56.16
N ILE D 124 -7.83 -22.35 55.73
CA ILE D 124 -7.89 -22.64 54.30
C ILE D 124 -8.67 -21.57 53.57
N ALA D 125 -9.81 -21.13 54.14
CA ALA D 125 -10.56 -20.04 53.52
C ALA D 125 -9.73 -18.77 53.43
N ARG D 126 -8.99 -18.46 54.50
CA ARG D 126 -8.14 -17.28 54.50
C ARG D 126 -7.02 -17.40 53.46
N LEU D 127 -6.48 -18.60 53.28
CA LEU D 127 -5.46 -18.83 52.26
C LEU D 127 -6.04 -18.61 50.86
N ARG D 128 -7.26 -19.11 50.62
CA ARG D 128 -7.92 -18.80 49.36
C ARG D 128 -8.02 -17.29 49.12
N GLU D 129 -8.43 -16.55 50.15
CA GLU D 129 -8.51 -15.10 50.01
C GLU D 129 -7.16 -14.45 49.72
N LYS D 130 -6.12 -14.82 50.48
CA LYS D 130 -4.85 -14.12 50.39
C LYS D 130 -4.05 -14.49 49.15
N TYR D 131 -4.03 -15.76 48.77
CA TYR D 131 -3.24 -16.18 47.61
C TYR D 131 -3.77 -15.57 46.32
N ARG D 132 -5.09 -15.57 46.15
CA ARG D 132 -5.70 -14.97 44.97
C ARG D 132 -5.39 -13.48 44.89
N GLU D 133 -5.44 -12.79 46.03
CA GLU D 133 -5.07 -11.38 46.04
C GLU D 133 -3.59 -11.20 45.75
N ALA D 134 -2.76 -12.17 46.14
CA ALA D 134 -1.32 -12.03 45.95
C ALA D 134 -0.93 -12.19 44.49
N LEU D 135 -1.57 -13.12 43.77
CA LEU D 135 -1.18 -13.40 42.39
C LEU D 135 -2.18 -12.90 41.36
N ARG D 136 -3.44 -13.34 41.44
CA ARG D 136 -4.37 -13.09 40.35
C ARG D 136 -4.81 -11.64 40.30
N GLN D 137 -4.72 -10.93 41.41
CA GLN D 137 -5.22 -9.56 41.47
C GLN D 137 -4.14 -8.58 41.03
N GLY D 138 -4.42 -7.82 39.97
CA GLY D 138 -3.59 -6.72 39.55
C GLY D 138 -3.04 -6.80 38.15
N ILE D 139 -2.85 -8.01 37.61
CA ILE D 139 -2.29 -8.17 36.28
C ILE D 139 -3.19 -9.08 35.45
N LEU D 140 -2.78 -9.33 34.21
CA LEU D 140 -3.48 -10.24 33.31
C LEU D 140 -3.32 -11.66 33.85
N ASP D 141 -4.42 -12.25 34.32
CA ASP D 141 -4.33 -13.57 34.94
C ASP D 141 -4.58 -14.69 33.94
N SER D 142 -5.73 -14.69 33.29
CA SER D 142 -6.13 -15.76 32.40
C SER D 142 -5.93 -15.35 30.94
N LYS D 143 -6.35 -16.21 30.02
CA LYS D 143 -6.16 -15.94 28.60
C LYS D 143 -7.29 -15.10 28.03
N GLU D 144 -8.45 -15.08 28.68
CA GLU D 144 -9.55 -14.26 28.20
C GLU D 144 -9.17 -12.78 28.20
N ASP D 145 -8.41 -12.34 29.20
CA ASP D 145 -8.01 -10.94 29.26
C ASP D 145 -7.05 -10.59 28.13
N VAL D 146 -6.09 -11.48 27.85
CA VAL D 146 -5.17 -11.25 26.75
C VAL D 146 -5.91 -11.22 25.43
N ASP D 147 -6.91 -12.09 25.29
CA ASP D 147 -7.73 -12.08 24.08
C ASP D 147 -8.47 -10.76 23.94
N VAL D 148 -9.01 -10.23 25.05
CA VAL D 148 -9.70 -8.94 25.00
C VAL D 148 -8.73 -7.85 24.56
N LEU D 149 -7.52 -7.84 25.14
CA LEU D 149 -6.52 -6.85 24.74
C LEU D 149 -6.23 -6.93 23.26
N LEU D 150 -5.93 -8.12 22.75
CA LEU D 150 -5.53 -8.22 21.35
C LEU D 150 -6.66 -7.88 20.40
N LEU D 151 -7.88 -8.31 20.71
CA LEU D 151 -9.01 -7.94 19.87
C LEU D 151 -9.23 -6.43 19.88
N ALA D 152 -9.13 -5.80 21.05
CA ALA D 152 -9.33 -4.36 21.13
C ALA D 152 -8.15 -3.58 20.56
N TYR D 153 -7.01 -4.24 20.38
CA TYR D 153 -5.81 -3.54 19.94
C TYR D 153 -5.79 -3.38 18.42
N GLU D 154 -6.30 -4.39 17.70
CA GLU D 154 -6.29 -4.30 16.23
C GLU D 154 -7.42 -3.46 15.67
N LEU D 155 -8.60 -3.46 16.30
CA LEU D 155 -9.74 -2.71 15.79
C LEU D 155 -9.76 -1.27 16.27
N ASP D 156 -8.79 -0.86 17.08
CA ASP D 156 -8.78 0.46 17.70
C ASP D 156 -10.09 0.72 18.41
N GLY D 157 -10.53 -0.29 19.17
CA GLY D 157 -11.81 -0.22 19.87
C GLY D 157 -11.66 0.33 21.29
N VAL D 158 -12.81 0.61 21.89
CA VAL D 158 -12.87 1.21 23.21
C VAL D 158 -13.09 0.08 24.22
N LEU D 159 -12.02 -0.31 24.91
CA LEU D 159 -12.11 -1.41 25.86
C LEU D 159 -13.05 -1.06 27.00
N VAL D 160 -13.88 -2.01 27.41
CA VAL D 160 -14.87 -1.80 28.46
C VAL D 160 -14.73 -2.94 29.46
N SER D 161 -14.22 -2.65 30.65
CA SER D 161 -14.02 -3.70 31.63
C SER D 161 -14.03 -3.12 33.04
N ALA D 162 -14.47 -3.93 33.99
CA ALA D 162 -14.39 -3.61 35.40
C ALA D 162 -13.17 -4.23 36.08
N ASP D 163 -12.29 -4.84 35.30
CA ASP D 163 -11.10 -5.48 35.85
C ASP D 163 -9.99 -4.45 36.02
N GLU D 164 -9.52 -4.30 37.26
CA GLU D 164 -8.49 -3.31 37.53
C GLU D 164 -7.11 -3.77 37.12
N GLY D 165 -6.92 -5.06 36.84
CA GLY D 165 -5.67 -5.53 36.31
C GLY D 165 -5.60 -5.49 34.80
N LEU D 166 -6.76 -5.34 34.15
CA LEU D 166 -6.80 -5.19 32.70
C LEU D 166 -6.59 -3.74 32.28
N ARG D 167 -7.08 -2.79 33.08
CA ARG D 167 -7.06 -1.39 32.67
C ARG D 167 -5.64 -0.85 32.57
N THR D 168 -4.80 -1.16 33.56
CA THR D 168 -3.43 -0.62 33.52
C THR D 168 -2.66 -1.19 32.35
N TRP D 169 -2.81 -2.49 32.09
CA TRP D 169 -2.05 -3.10 31.01
C TRP D 169 -2.60 -2.70 29.64
N ALA D 170 -3.89 -2.36 29.57
CA ALA D 170 -4.42 -1.78 28.34
C ALA D 170 -3.96 -0.34 28.17
N ASP D 171 -3.70 0.36 29.26
CA ASP D 171 -3.16 1.71 29.18
C ASP D 171 -1.71 1.71 28.73
N LYS D 172 -0.94 0.70 29.13
CA LYS D 172 0.46 0.63 28.71
C LYS D 172 0.57 0.42 27.20
N ILE D 173 -0.35 -0.34 26.61
CA ILE D 173 -0.18 -0.75 25.22
C ILE D 173 -0.63 0.35 24.26
N GLY D 174 -1.54 1.22 24.68
CA GLY D 174 -2.04 2.27 23.82
C GLY D 174 -3.50 2.14 23.43
N ILE D 175 -4.28 1.32 24.13
CA ILE D 175 -5.70 1.21 23.85
C ILE D 175 -6.43 2.32 24.57
N LYS D 176 -7.38 2.94 23.88
CA LYS D 176 -8.23 3.93 24.53
C LYS D 176 -9.25 3.23 25.42
N LEU D 177 -9.39 3.70 26.65
CA LEU D 177 -10.27 3.10 27.62
C LEU D 177 -11.50 3.97 27.80
N ILE D 178 -12.49 3.43 28.53
CA ILE D 178 -13.69 4.15 28.86
C ILE D 178 -14.00 3.89 30.33
N ASP D 179 -14.86 4.71 30.91
CA ASP D 179 -15.26 4.51 32.29
C ASP D 179 -16.27 3.36 32.35
N PRO D 180 -15.97 2.27 33.05
CA PRO D 180 -16.92 1.15 33.08
C PRO D 180 -18.19 1.47 33.85
N LYS D 181 -18.11 2.35 34.85
CA LYS D 181 -19.26 2.69 35.66
C LYS D 181 -20.26 3.57 34.92
N ASN D 182 -19.82 4.31 33.92
CA ASN D 182 -20.68 5.18 33.14
C ASN D 182 -21.03 4.63 31.76
N PHE D 183 -20.80 3.33 31.54
CA PHE D 183 -21.04 2.78 30.21
C PHE D 183 -22.51 2.86 29.83
N LYS D 184 -23.41 2.57 30.77
CA LYS D 184 -24.84 2.59 30.46
C LYS D 184 -25.29 3.99 30.05
N ASN D 185 -24.94 5.00 30.84
CA ASN D 185 -25.30 6.37 30.50
C ASN D 185 -24.64 6.82 29.20
N ILE D 186 -23.39 6.40 28.99
CA ILE D 186 -22.69 6.74 27.74
C ILE D 186 -23.43 6.16 26.55
N LEU D 187 -23.82 4.89 26.63
CA LEU D 187 -24.54 4.28 25.53
C LEU D 187 -25.88 4.97 25.31
N GLU D 188 -26.58 5.31 26.40
CA GLU D 188 -27.87 5.98 26.27
C GLU D 188 -27.74 7.34 25.59
N SER D 189 -26.76 8.14 26.01
CA SER D 189 -26.61 9.47 25.45
C SER D 189 -26.13 9.41 24.01
N LEU D 190 -25.35 8.38 23.66
CA LEU D 190 -24.99 8.20 22.25
C LEU D 190 -26.19 7.76 21.43
N VAL D 191 -27.10 6.98 22.03
CA VAL D 191 -28.29 6.52 21.31
C VAL D 191 -29.25 7.68 21.05
N ARG D 192 -29.51 8.49 22.07
CA ARG D 192 -30.56 9.50 21.98
C ARG D 192 -30.13 10.67 21.10
N HIS D 193 -29.10 11.39 21.50
CA HIS D 193 -28.64 12.55 20.74
C HIS D 193 -27.72 12.13 19.60
N MET E 4 38.29 -3.55 15.45
CA MET E 4 38.05 -3.98 16.82
C MET E 4 37.07 -3.03 17.50
N ASP E 5 36.86 -3.20 18.79
CA ASP E 5 35.91 -2.39 19.54
C ASP E 5 36.34 -0.93 19.56
N VAL E 6 35.36 -0.04 19.63
CA VAL E 6 35.57 1.40 19.61
C VAL E 6 35.06 1.98 20.92
N PHE E 7 35.91 2.72 21.62
CA PHE E 7 35.57 3.24 22.94
C PHE E 7 35.16 4.70 22.83
N VAL E 8 34.06 5.06 23.50
CA VAL E 8 33.64 6.45 23.60
C VAL E 8 34.13 7.00 24.93
N LEU E 9 35.10 7.90 24.87
CA LEU E 9 35.71 8.43 26.08
C LEU E 9 34.77 9.40 26.76
N ASP E 10 35.26 10.04 27.81
CA ASP E 10 34.49 10.97 28.59
C ASP E 10 35.47 11.84 29.37
N THR E 11 34.94 12.87 30.03
CA THR E 11 35.79 13.69 30.90
C THR E 11 36.11 12.97 32.20
N SER E 12 35.31 11.98 32.57
CA SER E 12 35.40 11.38 33.90
C SER E 12 36.27 10.13 33.88
N VAL E 13 37.27 10.11 32.99
CA VAL E 13 38.16 8.96 32.85
C VAL E 13 39.61 9.34 33.10
N PHE E 14 39.98 10.59 32.91
CA PHE E 14 41.30 11.06 33.32
C PHE E 14 41.26 12.47 33.89
N THR E 15 40.28 12.77 34.74
CA THR E 15 40.39 13.89 35.66
C THR E 15 39.94 13.51 37.07
N ASN E 16 39.13 12.46 37.20
CA ASN E 16 38.68 12.00 38.49
C ASN E 16 39.89 11.45 39.26
N PRO E 17 40.08 11.85 40.53
CA PRO E 17 41.32 11.46 41.24
C PRO E 17 41.57 9.96 41.31
N GLU E 18 40.56 9.13 41.51
CA GLU E 18 40.80 7.70 41.60
C GLU E 18 41.29 7.13 40.28
N ILE E 19 40.68 7.55 39.16
CA ILE E 19 41.12 7.05 37.87
C ILE E 19 42.36 7.79 37.41
N TYR E 20 42.61 8.98 37.97
CA TYR E 20 43.92 9.60 37.86
C TYR E 20 44.99 8.69 38.44
N ARG E 21 44.73 8.12 39.62
CA ARG E 21 45.74 7.30 40.30
C ARG E 21 45.94 5.95 39.62
N THR E 22 44.84 5.27 39.25
CA THR E 22 45.01 3.93 38.66
C THR E 22 45.71 3.99 37.31
N PHE E 23 45.82 5.18 36.72
CA PHE E 23 46.46 5.36 35.42
C PHE E 23 47.91 5.80 35.60
N GLU E 24 48.74 4.89 36.11
CA GLU E 24 50.18 5.08 36.20
C GLU E 24 50.56 6.30 37.04
N GLU E 25 49.64 6.73 37.90
CA GLU E 25 49.86 7.88 38.79
C GLU E 25 50.36 9.11 38.04
N ARG E 28 50.01 14.58 34.97
CA ARG E 28 50.52 14.64 33.61
C ARG E 28 50.96 13.27 33.11
N GLY E 29 51.60 12.50 33.98
CA GLY E 29 52.06 11.18 33.60
C GLY E 29 50.93 10.26 33.20
N ALA E 30 49.78 10.40 33.85
CA ALA E 30 48.62 9.57 33.50
C ALA E 30 48.23 9.78 32.04
N MET E 31 48.21 11.03 31.58
CA MET E 31 47.84 11.33 30.21
C MET E 31 48.77 10.66 29.21
N GLU E 32 50.09 10.77 29.42
CA GLU E 32 51.03 10.24 28.44
C GLU E 32 51.07 8.72 28.46
N THR E 33 50.97 8.12 29.65
CA THR E 33 50.89 6.66 29.72
C THR E 33 49.62 6.17 29.03
N PHE E 34 48.49 6.83 29.29
CA PHE E 34 47.24 6.51 28.59
C PHE E 34 47.41 6.65 27.08
N ILE E 35 48.09 7.69 26.64
CA ILE E 35 48.26 7.92 25.21
C ILE E 35 49.07 6.80 24.57
N HIS E 36 50.20 6.44 25.17
CA HIS E 36 51.01 5.37 24.61
C HIS E 36 50.23 4.07 24.58
N LEU E 37 49.54 3.74 25.68
CA LEU E 37 48.74 2.53 25.71
C LEU E 37 47.66 2.56 24.63
N ALA E 38 47.03 3.73 24.43
CA ALA E 38 45.96 3.87 23.47
C ALA E 38 46.42 3.70 22.04
N LEU E 39 47.60 4.24 21.71
CA LEU E 39 48.06 4.18 20.32
C LEU E 39 48.24 2.75 19.84
N ASN E 40 48.33 1.79 20.74
CA ASN E 40 48.56 0.41 20.36
C ASN E 40 47.24 -0.34 20.14
N SER E 41 47.30 -1.32 19.24
CA SER E 41 46.25 -2.30 18.94
C SER E 41 45.05 -1.73 18.20
N ARG E 42 45.08 -0.46 17.81
CA ARG E 42 44.06 0.13 16.95
C ARG E 42 42.66 -0.01 17.53
N ALA E 43 42.55 0.21 18.84
CA ALA E 43 41.25 0.39 19.47
C ALA E 43 40.86 1.85 19.31
N GLU E 44 40.02 2.13 18.31
CA GLU E 44 39.63 3.50 18.00
C GLU E 44 38.87 4.09 19.17
N PHE E 45 39.24 5.30 19.58
CA PHE E 45 38.53 6.00 20.64
C PHE E 45 37.71 7.12 20.05
N TYR E 46 36.91 7.77 20.89
CA TYR E 46 36.16 8.93 20.46
C TYR E 46 35.87 9.80 21.68
N MET E 47 35.65 11.09 21.44
CA MET E 47 35.25 11.99 22.51
C MET E 47 34.60 13.24 21.92
N PRO E 48 33.41 13.61 22.38
CA PRO E 48 32.73 14.77 21.81
C PRO E 48 33.46 16.08 22.10
N THR E 49 33.23 17.06 21.22
CA THR E 49 33.90 18.36 21.34
C THR E 49 33.51 19.08 22.62
N SER E 50 32.23 19.04 22.99
CA SER E 50 31.78 19.74 24.19
C SER E 50 32.52 19.23 25.42
N VAL E 51 32.61 17.92 25.59
CA VAL E 51 33.37 17.34 26.68
C VAL E 51 34.82 17.80 26.60
N TYR E 52 35.37 17.87 25.39
CA TYR E 52 36.76 18.28 25.22
C TYR E 52 36.98 19.70 25.72
N THR E 53 36.08 20.62 25.37
CA THR E 53 36.27 22.01 25.77
C THR E 53 36.05 22.18 27.27
N GLU E 54 35.07 21.49 27.85
CA GLU E 54 34.90 21.57 29.31
C GLU E 54 36.13 21.02 30.02
N MET E 55 36.67 19.90 29.55
CA MET E 55 37.82 19.31 30.21
C MET E 55 39.06 20.20 30.08
N ARG E 56 39.32 20.71 28.88
CA ARG E 56 40.48 21.57 28.70
C ARG E 56 40.34 22.87 29.49
N LYS E 57 39.13 23.40 29.59
CA LYS E 57 38.88 24.56 30.43
C LYS E 57 39.16 24.24 31.91
N ILE E 58 38.76 23.05 32.35
CA ILE E 58 38.94 22.68 33.75
C ILE E 58 40.39 22.26 34.02
N MET E 59 40.96 21.46 33.13
CA MET E 59 42.29 20.91 33.32
C MET E 59 43.13 21.15 32.08
N ASP E 60 44.41 21.47 32.28
CA ASP E 60 45.31 21.80 31.18
C ASP E 60 46.66 21.11 31.39
N VAL E 61 47.19 20.53 30.31
CA VAL E 61 48.52 19.93 30.30
C VAL E 61 49.31 20.57 29.16
N GLY E 62 50.59 20.83 29.41
CA GLY E 62 51.41 21.54 28.45
C GLY E 62 51.96 20.70 27.31
N GLU E 63 51.53 20.99 26.09
CA GLU E 63 52.14 20.50 24.85
C GLU E 63 51.97 18.99 24.68
N LEU E 64 51.37 18.31 25.65
CA LEU E 64 51.07 16.89 25.50
C LEU E 64 49.82 16.67 24.66
N TRP E 65 49.03 17.71 24.41
CA TRP E 65 47.76 17.56 23.71
C TRP E 65 47.94 17.03 22.29
N ALA E 66 49.14 17.13 21.71
CA ALA E 66 49.31 16.78 20.31
C ALA E 66 48.93 15.32 20.05
N GLU E 67 49.49 14.40 20.81
CA GLU E 67 49.17 13.00 20.57
C GLU E 67 47.75 12.68 21.02
N PHE E 68 47.21 13.47 21.95
CA PHE E 68 45.81 13.30 22.33
C PHE E 68 44.89 13.61 21.16
N GLU E 69 45.19 14.69 20.44
CA GLU E 69 44.47 14.96 19.20
C GLU E 69 44.74 13.87 18.17
N MET E 70 45.93 13.26 18.23
CA MET E 70 46.24 12.16 17.32
C MET E 70 45.30 10.98 17.49
N VAL E 71 45.14 10.49 18.71
CA VAL E 71 44.50 9.18 18.92
C VAL E 71 43.02 9.32 19.24
N VAL E 72 42.66 10.23 20.12
CA VAL E 72 41.28 10.37 20.58
C VAL E 72 40.56 11.32 19.64
N LYS E 73 39.71 10.77 18.78
CA LYS E 73 39.00 11.59 17.80
C LYS E 73 37.94 12.44 18.50
N ILE E 74 37.73 13.65 17.98
CA ILE E 74 36.87 14.65 18.59
C ILE E 74 35.76 15.02 17.62
N ARG E 75 34.62 14.34 17.73
CA ARG E 75 33.50 14.59 16.84
C ARG E 75 32.37 15.32 17.56
N SER E 76 31.26 15.49 16.85
CA SER E 76 29.97 15.83 17.39
C SER E 76 28.99 14.76 16.93
N PRO E 77 27.94 14.48 17.70
CA PRO E 77 27.17 13.26 17.46
C PRO E 77 26.42 13.19 16.14
N ARG E 78 26.41 14.25 15.34
CA ARG E 78 25.51 14.34 14.19
C ARG E 78 24.06 14.19 14.66
N ARG E 79 23.63 15.14 15.48
CA ARG E 79 22.34 15.03 16.15
C ARG E 79 21.16 15.20 15.21
N PHE E 80 21.39 15.24 13.90
CA PHE E 80 20.27 15.38 12.97
C PHE E 80 19.77 14.05 12.45
N GLN E 81 20.59 12.99 12.53
CA GLN E 81 20.19 11.69 12.03
C GLN E 81 19.90 10.70 13.16
N LEU E 82 19.82 11.16 14.41
CA LEU E 82 19.62 10.28 15.55
C LEU E 82 18.26 10.49 16.16
N THR E 83 17.70 9.42 16.73
CA THR E 83 16.41 9.47 17.39
C THR E 83 16.49 8.68 18.69
N VAL E 84 15.95 9.25 19.76
CA VAL E 84 15.97 8.63 21.08
C VAL E 84 14.54 8.19 21.41
N PRO E 85 14.32 6.98 21.92
CA PRO E 85 12.97 6.50 22.14
C PRO E 85 12.21 7.35 23.16
N ALA E 86 10.90 7.44 22.97
CA ALA E 86 10.09 8.36 23.76
C ALA E 86 10.06 7.97 25.23
N ASP E 87 10.06 6.67 25.54
CA ASP E 87 9.99 6.25 26.93
C ASP E 87 11.20 6.73 27.73
N PHE E 88 12.34 6.88 27.06
CA PHE E 88 13.52 7.45 27.70
C PHE E 88 13.24 8.86 28.22
N LEU E 89 12.70 9.71 27.36
CA LEU E 89 12.37 11.08 27.76
C LEU E 89 11.29 11.07 28.85
N TYR E 90 10.30 10.20 28.71
CA TYR E 90 9.23 10.12 29.70
C TYR E 90 9.80 9.82 31.08
N GLU E 91 10.65 8.79 31.18
CA GLU E 91 11.24 8.44 32.46
C GLU E 91 12.16 9.53 33.00
N PHE E 92 12.94 10.15 32.12
CA PHE E 92 13.82 11.24 32.55
C PHE E 92 13.03 12.34 33.24
N ILE E 93 11.96 12.82 32.58
CA ILE E 93 11.22 13.95 33.14
C ILE E 93 10.42 13.52 34.37
N GLU E 94 9.90 12.29 34.37
CA GLU E 94 9.17 11.81 35.54
C GLU E 94 10.07 11.78 36.78
N GLU E 95 11.31 11.34 36.62
CA GLU E 95 12.23 11.35 37.76
C GLU E 95 12.67 12.76 38.13
N LEU E 96 12.87 13.62 37.13
CA LEU E 96 13.32 14.98 37.39
C LEU E 96 12.32 15.75 38.24
N ARG E 97 11.02 15.50 38.05
CA ARG E 97 10.04 16.18 38.88
C ARG E 97 10.24 15.88 40.36
N TYR E 98 10.44 14.61 40.71
CA TYR E 98 10.69 14.24 42.09
C TYR E 98 11.96 14.93 42.61
N ARG E 99 13.00 14.95 41.79
CA ARG E 99 14.23 15.60 42.22
C ARG E 99 14.00 17.07 42.56
N ILE E 100 13.23 17.77 41.71
CA ILE E 100 12.99 19.19 41.94
C ILE E 100 12.24 19.40 43.25
N ASN E 101 11.22 18.58 43.51
CA ASN E 101 10.49 18.71 44.77
C ASN E 101 11.39 18.48 45.98
N LYS E 102 12.26 17.47 45.90
CA LYS E 102 13.18 17.21 47.00
C LYS E 102 14.11 18.40 47.24
N GLY E 103 14.62 18.99 46.16
CA GLY E 103 15.46 20.16 46.31
C GLY E 103 14.74 21.33 46.96
N LEU E 104 13.48 21.55 46.59
CA LEU E 104 12.71 22.62 47.21
C LEU E 104 12.54 22.38 48.70
N ARG E 105 12.24 21.12 49.09
CA ARG E 105 12.08 20.83 50.51
C ARG E 105 13.37 21.07 51.28
N ILE E 106 14.51 20.67 50.71
CA ILE E 106 15.79 20.91 51.38
C ILE E 106 16.04 22.41 51.53
N ALA E 107 15.74 23.18 50.49
CA ALA E 107 15.92 24.63 50.57
C ALA E 107 15.06 25.20 51.69
N GLU E 108 13.80 24.75 51.79
CA GLU E 108 12.94 25.21 52.88
C GLU E 108 13.56 24.93 54.25
N GLU E 109 13.96 23.68 54.49
CA GLU E 109 14.44 23.34 55.83
C GLU E 109 15.72 24.11 56.16
N HIS E 110 16.57 24.35 55.15
CA HIS E 110 17.76 25.15 55.42
C HIS E 110 17.42 26.61 55.67
N THR E 111 16.38 27.15 55.04
CA THR E 111 15.95 28.51 55.38
C THR E 111 15.54 28.60 56.84
N ARG E 112 14.77 27.62 57.32
CA ARG E 112 14.36 27.65 58.72
C ARG E 112 15.56 27.51 59.65
N GLU E 113 16.50 26.63 59.31
CA GLU E 113 17.69 26.50 60.14
C GLU E 113 18.51 27.79 60.16
N ALA E 114 18.58 28.49 59.03
CA ALA E 114 19.26 29.78 59.00
C ALA E 114 18.56 30.78 59.89
N SER E 115 17.22 30.79 59.86
CA SER E 115 16.48 31.65 60.77
C SER E 115 16.76 31.31 62.23
N GLY E 116 17.03 30.02 62.50
CA GLY E 116 17.25 29.60 63.88
C GLY E 116 18.52 30.18 64.50
N CYS E 117 19.65 30.03 63.82
CA CYS E 117 20.95 30.37 64.39
C CYS E 117 21.80 31.16 63.41
N GLU E 118 22.76 31.91 63.93
CA GLU E 118 23.65 32.75 63.12
C GLU E 118 24.96 32.02 62.83
N ASP E 119 24.88 31.04 61.93
CA ASP E 119 26.04 30.28 61.45
C ASP E 119 26.00 30.21 59.93
N VAL E 120 25.84 31.37 59.30
CA VAL E 120 25.42 31.43 57.90
C VAL E 120 26.39 30.71 56.98
N GLY E 121 27.70 30.86 57.19
CA GLY E 121 28.67 30.28 56.27
C GLY E 121 28.62 28.77 56.22
N LYS E 122 28.60 28.13 57.40
CA LYS E 122 28.54 26.68 57.45
C LYS E 122 27.24 26.16 56.84
N LEU E 123 26.13 26.85 57.10
CA LEU E 123 24.86 26.41 56.53
C LEU E 123 24.82 26.60 55.02
N ILE E 124 25.44 27.66 54.51
CA ILE E 124 25.54 27.82 53.05
C ILE E 124 26.37 26.68 52.45
N ALA E 125 27.47 26.32 53.09
CA ALA E 125 28.25 25.18 52.60
C ALA E 125 27.43 23.90 52.62
N ARG E 126 26.66 23.69 53.69
CA ARG E 126 25.82 22.50 53.77
C ARG E 126 24.74 22.51 52.70
N LEU E 127 24.19 23.70 52.38
CA LEU E 127 23.21 23.80 51.31
C LEU E 127 23.83 23.46 49.96
N ARG E 128 25.06 23.94 49.70
CA ARG E 128 25.76 23.52 48.50
C ARG E 128 25.89 22.00 48.42
N GLU E 129 26.25 21.35 49.52
CA GLU E 129 26.36 19.90 49.53
C GLU E 129 25.02 19.22 49.26
N LYS E 130 23.96 19.65 49.95
CA LYS E 130 22.68 18.93 49.88
C LYS E 130 21.93 19.18 48.58
N TYR E 131 21.91 20.40 48.09
CA TYR E 131 21.15 20.71 46.87
C TYR E 131 21.74 19.98 45.67
N ARG E 132 23.07 19.97 45.54
CA ARG E 132 23.71 19.27 44.43
C ARG E 132 23.41 17.78 44.49
N GLU E 133 23.44 17.19 45.68
CA GLU E 133 23.06 15.79 45.83
C GLU E 133 21.60 15.56 45.51
N ALA E 134 20.75 16.56 45.78
CA ALA E 134 19.32 16.39 45.55
C ALA E 134 18.98 16.41 44.07
N LEU E 135 19.64 17.26 43.29
CA LEU E 135 19.29 17.41 41.88
C LEU E 135 20.32 16.83 40.92
N ARG E 136 21.58 17.28 41.01
CA ARG E 136 22.54 16.94 39.98
C ARG E 136 23.00 15.49 40.08
N GLN E 137 22.87 14.89 41.25
CA GLN E 137 23.38 13.54 41.46
C GLN E 137 22.32 12.51 41.08
N GLY E 138 22.65 11.66 40.10
CA GLY E 138 21.82 10.52 39.77
C GLY E 138 21.33 10.46 38.34
N ILE E 139 21.15 11.60 37.69
CA ILE E 139 20.63 11.63 36.33
C ILE E 139 21.55 12.47 35.45
N LEU E 140 21.18 12.59 34.17
CA LEU E 140 21.90 13.43 33.22
C LEU E 140 21.72 14.88 33.61
N ASP E 141 22.80 15.53 34.06
CA ASP E 141 22.67 16.89 34.54
C ASP E 141 22.95 17.91 33.45
N SER E 142 24.14 17.87 32.85
CA SER E 142 24.56 18.86 31.86
C SER E 142 24.40 18.30 30.45
N LYS E 143 24.84 19.08 29.47
CA LYS E 143 24.71 18.68 28.07
C LYS E 143 25.86 17.78 27.61
N GLU E 144 27.00 17.85 28.31
CA GLU E 144 28.12 16.99 27.94
C GLU E 144 27.75 15.51 28.07
N ASP E 145 26.96 15.16 29.08
CA ASP E 145 26.57 13.78 29.27
C ASP E 145 25.64 13.31 28.16
N VAL E 146 24.69 14.16 27.75
CA VAL E 146 23.80 13.81 26.65
C VAL E 146 24.60 13.67 25.36
N ASP E 147 25.59 14.52 25.18
CA ASP E 147 26.44 14.41 24.00
C ASP E 147 27.21 13.09 24.01
N VAL E 148 27.71 12.68 25.18
CA VAL E 148 28.40 11.39 25.27
C VAL E 148 27.45 10.25 24.92
N LEU E 149 26.22 10.30 25.45
CA LEU E 149 25.25 9.25 25.12
C LEU E 149 25.01 9.18 23.62
N LEU E 150 24.72 10.32 22.99
CA LEU E 150 24.35 10.28 21.58
C LEU E 150 25.53 9.87 20.71
N LEU E 151 26.74 10.34 21.01
CA LEU E 151 27.90 9.90 20.24
C LEU E 151 28.12 8.40 20.40
N ALA E 152 27.98 7.88 21.63
CA ALA E 152 28.19 6.46 21.86
C ALA E 152 27.05 5.62 21.33
N TYR E 153 25.90 6.24 21.05
CA TYR E 153 24.72 5.49 20.63
C TYR E 153 24.75 5.20 19.13
N GLU E 154 25.29 6.12 18.33
CA GLU E 154 25.32 5.90 16.89
C GLU E 154 26.48 5.02 16.45
N LEU E 155 27.63 5.10 17.11
CA LEU E 155 28.79 4.32 16.71
C LEU E 155 28.80 2.92 17.32
N ASP E 156 27.81 2.58 18.13
CA ASP E 156 27.79 1.33 18.87
C ASP E 156 29.08 1.15 19.66
N GLY E 157 29.49 2.23 20.34
CA GLY E 157 30.73 2.24 21.07
C GLY E 157 30.55 1.84 22.53
N VAL E 158 31.68 1.61 23.19
CA VAL E 158 31.70 1.15 24.58
C VAL E 158 31.87 2.36 25.47
N LEU E 159 30.79 2.82 26.08
CA LEU E 159 30.84 4.01 26.93
C LEU E 159 31.74 3.76 28.12
N VAL E 160 32.55 4.77 28.46
CA VAL E 160 33.51 4.67 29.57
C VAL E 160 33.33 5.90 30.45
N SER E 161 32.78 5.72 31.64
CA SER E 161 32.54 6.85 32.51
C SER E 161 32.51 6.41 33.97
N ALA E 162 32.91 7.31 34.84
CA ALA E 162 32.79 7.13 36.28
C ALA E 162 31.56 7.79 36.86
N ASP E 163 30.68 8.32 36.00
CA ASP E 163 29.47 9.00 36.44
C ASP E 163 28.37 7.98 36.69
N GLU E 164 27.85 7.94 37.91
CA GLU E 164 26.82 6.97 38.25
C GLU E 164 25.45 7.38 37.74
N GLY E 165 25.27 8.64 37.34
CA GLY E 165 24.02 9.04 36.72
C GLY E 165 24.02 8.85 35.22
N LEU E 166 25.18 8.65 34.63
CA LEU E 166 25.28 8.37 33.20
C LEU E 166 25.10 6.88 32.92
N ARG E 167 25.57 6.02 33.82
CA ARG E 167 25.57 4.59 33.55
C ARG E 167 24.15 4.03 33.45
N THR E 168 23.27 4.41 34.38
CA THR E 168 21.92 3.87 34.36
C THR E 168 21.18 4.31 33.10
N TRP E 169 21.32 5.58 32.73
CA TRP E 169 20.61 6.08 31.56
C TRP E 169 21.20 5.56 30.26
N ALA E 170 22.49 5.21 30.26
CA ALA E 170 23.06 4.52 29.11
C ALA E 170 22.62 3.08 29.06
N ASP E 171 22.33 2.48 30.22
CA ASP E 171 21.81 1.12 30.24
C ASP E 171 20.37 1.07 29.74
N LYS E 172 19.57 2.10 30.02
CA LYS E 172 18.20 2.12 29.55
C LYS E 172 18.13 2.19 28.03
N ILE E 173 19.06 2.90 27.40
CA ILE E 173 18.94 3.16 25.98
C ILE E 173 19.43 1.98 25.14
N GLY E 174 20.33 1.17 25.67
CA GLY E 174 20.87 0.05 24.93
C GLY E 174 22.33 0.15 24.57
N ILE E 175 23.09 1.04 25.22
CA ILE E 175 24.52 1.14 24.97
C ILE E 175 25.24 0.11 25.82
N LYS E 176 26.20 -0.56 25.23
CA LYS E 176 27.03 -1.48 25.99
C LYS E 176 28.03 -0.68 26.84
N LEU E 177 28.12 -1.04 28.11
CA LEU E 177 28.97 -0.33 29.06
C LEU E 177 30.20 -1.17 29.36
N ILE E 178 31.15 -0.56 30.06
CA ILE E 178 32.37 -1.23 30.50
C ILE E 178 32.62 -0.82 31.95
N ASP E 179 33.46 -1.59 32.63
CA ASP E 179 33.82 -1.24 33.99
C ASP E 179 34.82 -0.09 33.98
N PRO E 180 34.48 1.07 34.56
CA PRO E 180 35.42 2.19 34.51
C PRO E 180 36.66 1.97 35.35
N LYS E 181 36.56 1.17 36.43
CA LYS E 181 37.69 0.94 37.31
C LYS E 181 38.71 -0.01 36.69
N ASN E 182 38.31 -0.85 35.74
CA ASN E 182 39.21 -1.79 35.08
C ASN E 182 39.59 -1.36 33.68
N PHE E 183 39.37 -0.09 33.32
CA PHE E 183 39.65 0.34 31.95
C PHE E 183 41.13 0.23 31.62
N LYS E 184 41.99 0.62 32.56
CA LYS E 184 43.43 0.58 32.30
C LYS E 184 43.91 -0.84 32.04
N ASN E 185 43.53 -1.78 32.92
CA ASN E 185 43.92 -3.18 32.72
C ASN E 185 43.30 -3.74 31.45
N ILE E 186 42.06 -3.36 31.14
CA ILE E 186 41.41 -3.82 29.93
C ILE E 186 42.19 -3.36 28.71
N LEU E 187 42.57 -2.09 28.68
CA LEU E 187 43.31 -1.57 27.55
C LEU E 187 44.66 -2.27 27.43
N GLU E 188 45.32 -2.50 28.57
CA GLU E 188 46.63 -3.16 28.55
C GLU E 188 46.53 -4.58 28.00
N SER E 189 45.54 -5.35 28.48
CA SER E 189 45.42 -6.73 28.03
C SER E 189 44.98 -6.81 26.58
N LEU E 190 44.21 -5.83 26.10
CA LEU E 190 43.89 -5.78 24.68
C LEU E 190 45.12 -5.42 23.86
N VAL E 191 46.00 -4.57 24.40
CA VAL E 191 47.21 -4.18 23.68
C VAL E 191 48.18 -5.34 23.56
N ARG E 192 48.41 -6.04 24.68
CA ARG E 192 49.48 -7.05 24.71
C ARG E 192 49.09 -8.30 23.93
N HIS E 193 48.04 -8.99 24.37
CA HIS E 193 47.62 -10.23 23.71
C HIS E 193 46.74 -9.92 22.51
N MET F 4 -11.71 15.87 8.93
CA MET F 4 -11.28 17.24 9.20
C MET F 4 -10.16 17.24 10.23
N ASP F 5 -9.76 18.43 10.67
CA ASP F 5 -8.66 18.57 11.61
C ASP F 5 -8.99 17.91 12.94
N VAL F 6 -7.96 17.43 13.62
CA VAL F 6 -8.10 16.72 14.89
C VAL F 6 -7.35 17.51 15.95
N PHE F 7 -8.05 17.84 17.05
CA PHE F 7 -7.47 18.68 18.09
C PHE F 7 -7.00 17.82 19.26
N VAL F 8 -5.80 18.10 19.75
CA VAL F 8 -5.28 17.46 20.94
C VAL F 8 -5.53 18.38 22.13
N LEU F 9 -6.44 17.99 23.00
CA LEU F 9 -6.82 18.83 24.11
C LEU F 9 -5.73 18.84 25.17
N ASP F 10 -6.02 19.48 26.29
CA ASP F 10 -5.08 19.61 27.39
C ASP F 10 -5.88 19.95 28.63
N THR F 11 -5.20 19.96 29.78
CA THR F 11 -5.85 20.39 31.02
C THR F 11 -6.01 21.90 31.06
N SER F 12 -5.23 22.63 30.28
CA SER F 12 -5.15 24.08 30.41
C SER F 12 -6.08 24.77 29.42
N VAL F 13 -7.20 24.12 29.11
CA VAL F 13 -8.16 24.67 28.15
C VAL F 13 -9.54 24.86 28.78
N PHE F 14 -9.85 24.10 29.83
CA PHE F 14 -11.07 24.37 30.60
C PHE F 14 -10.86 24.14 32.09
N THR F 15 -9.74 24.63 32.63
CA THR F 15 -9.64 24.88 34.07
C THR F 15 -9.01 26.23 34.36
N ASN F 16 -8.26 26.78 33.41
CA ASN F 16 -7.64 28.08 33.58
C ASN F 16 -8.74 29.14 33.63
N PRO F 17 -8.72 30.06 34.61
CA PRO F 17 -9.84 30.99 34.77
C PRO F 17 -10.18 31.82 33.54
N GLU F 18 -9.19 32.30 32.79
CA GLU F 18 -9.49 33.11 31.62
C GLU F 18 -10.21 32.31 30.54
N ILE F 19 -9.76 31.07 30.31
CA ILE F 19 -10.42 30.26 29.30
C ILE F 19 -11.67 29.62 29.88
N TYR F 20 -11.76 29.55 31.21
CA TYR F 20 -13.04 29.29 31.85
C TYR F 20 -14.06 30.34 31.48
N ARG F 21 -13.66 31.62 31.52
CA ARG F 21 -14.59 32.71 31.27
C ARG F 21 -14.97 32.81 29.80
N THR F 22 -13.99 32.72 28.89
CA THR F 22 -14.32 32.89 27.47
C THR F 22 -15.22 31.77 26.95
N PHE F 23 -15.35 30.68 27.72
CA PHE F 23 -16.17 29.54 27.32
C PHE F 23 -17.55 29.63 27.98
N GLU F 24 -18.33 30.61 27.54
CA GLU F 24 -19.74 30.74 27.92
C GLU F 24 -19.91 30.91 29.44
N GLU F 25 -18.85 31.34 30.11
CA GLU F 25 -18.86 31.56 31.56
C GLU F 25 -19.39 30.35 32.33
N ARG F 28 -19.20 24.96 35.55
CA ARG F 28 -19.92 23.81 35.00
C ARG F 28 -20.50 24.11 33.64
N GLY F 29 -21.05 25.31 33.47
CA GLY F 29 -21.63 25.69 32.20
C GLY F 29 -20.63 25.68 31.06
N ALA F 30 -19.39 26.05 31.35
CA ALA F 30 -18.34 26.03 30.33
C ALA F 30 -18.18 24.63 29.75
N MET F 31 -18.15 23.61 30.62
CA MET F 31 -17.98 22.24 30.15
C MET F 31 -19.10 21.81 29.21
N GLU F 32 -20.36 22.07 29.58
CA GLU F 32 -21.47 21.59 28.77
C GLU F 32 -21.59 22.37 27.47
N THR F 33 -21.35 23.68 27.51
CA THR F 33 -21.34 24.45 26.27
C THR F 33 -20.22 23.97 25.34
N PHE F 34 -19.03 23.74 25.90
CA PHE F 34 -17.92 23.17 25.13
C PHE F 34 -18.31 21.83 24.54
N ILE F 35 -19.00 20.98 25.32
CA ILE F 35 -19.37 19.66 24.84
C ILE F 35 -20.34 19.74 23.67
N HIS F 36 -21.37 20.57 23.80
CA HIS F 36 -22.32 20.70 22.69
C HIS F 36 -21.64 21.24 21.45
N LEU F 37 -20.81 22.27 21.62
CA LEU F 37 -20.08 22.81 20.47
C LEU F 37 -19.17 21.75 19.85
N ALA F 38 -18.52 20.94 20.68
CA ALA F 38 -17.60 19.92 20.21
C ALA F 38 -18.29 18.82 19.43
N LEU F 39 -19.47 18.39 19.88
CA LEU F 39 -20.14 17.27 19.23
C LEU F 39 -20.48 17.58 17.77
N ASN F 40 -20.48 18.85 17.39
CA ASN F 40 -20.84 19.23 16.04
C ASN F 40 -19.62 19.27 15.12
N SER F 41 -19.88 18.99 13.83
CA SER F 41 -18.95 19.11 12.70
C SER F 41 -17.85 18.06 12.69
N ARG F 42 -17.87 17.10 13.61
CA ARG F 42 -16.95 15.94 13.58
C ARG F 42 -15.49 16.38 13.56
N ALA F 43 -15.17 17.39 14.37
CA ALA F 43 -13.78 17.70 14.67
C ALA F 43 -13.33 16.79 15.81
N GLU F 44 -12.64 15.71 15.46
CA GLU F 44 -12.23 14.72 16.44
C GLU F 44 -11.26 15.35 17.43
N PHE F 45 -11.50 15.16 18.72
CA PHE F 45 -10.59 15.64 19.75
C PHE F 45 -9.80 14.48 20.33
N TYR F 46 -8.85 14.81 21.20
CA TYR F 46 -8.10 13.79 21.90
C TYR F 46 -7.59 14.37 23.21
N MET F 47 -7.32 13.50 24.18
CA MET F 47 -6.70 13.95 25.42
C MET F 47 -6.09 12.75 26.14
N PRO F 48 -4.82 12.83 26.54
CA PRO F 48 -4.17 11.70 27.19
C PRO F 48 -4.77 11.38 28.55
N THR F 49 -4.63 10.10 28.95
CA THR F 49 -5.19 9.64 30.21
C THR F 49 -4.57 10.34 31.41
N SER F 50 -3.25 10.54 31.39
CA SER F 50 -2.59 11.19 32.52
C SER F 50 -3.15 12.58 32.77
N VAL F 51 -3.28 13.38 31.72
CA VAL F 51 -3.91 14.69 31.84
C VAL F 51 -5.33 14.56 32.39
N TYR F 52 -6.04 13.53 31.93
CA TYR F 52 -7.42 13.32 32.38
C TYR F 52 -7.48 13.07 33.89
N THR F 53 -6.59 12.21 34.39
CA THR F 53 -6.64 11.90 35.82
C THR F 53 -6.18 13.08 36.66
N GLU F 54 -5.16 13.83 36.21
CA GLU F 54 -4.77 15.03 36.96
C GLU F 54 -5.91 16.04 36.99
N MET F 55 -6.57 16.25 35.85
CA MET F 55 -7.64 17.23 35.80
C MET F 55 -8.83 16.81 36.67
N ARG F 56 -9.23 15.55 36.58
CA ARG F 56 -10.36 15.09 37.39
C ARG F 56 -10.02 15.11 38.87
N LYS F 57 -8.78 14.81 39.23
CA LYS F 57 -8.34 14.94 40.61
C LYS F 57 -8.41 16.39 41.07
N ILE F 58 -8.01 17.32 40.20
CA ILE F 58 -8.00 18.73 40.59
C ILE F 58 -9.41 19.31 40.54
N MET F 59 -10.15 19.01 39.47
CA MET F 59 -11.48 19.60 39.26
C MET F 59 -12.48 18.49 38.98
N ASP F 60 -13.69 18.64 39.52
CA ASP F 60 -14.73 17.63 39.38
C ASP F 60 -16.06 18.28 39.06
N VAL F 61 -16.79 17.70 38.10
CA VAL F 61 -18.14 18.13 37.75
C VAL F 61 -19.06 16.92 37.86
N GLY F 62 -20.26 17.14 38.36
CA GLY F 62 -21.17 16.04 38.61
C GLY F 62 -21.96 15.54 37.40
N GLU F 63 -21.70 14.28 37.02
CA GLU F 63 -22.52 13.53 36.07
C GLU F 63 -22.47 14.11 34.66
N LEU F 64 -21.77 15.22 34.46
CA LEU F 64 -21.57 15.76 33.12
C LEU F 64 -20.48 15.02 32.35
N TRP F 65 -19.68 14.21 33.05
CA TRP F 65 -18.55 13.54 32.41
C TRP F 65 -18.98 12.61 31.29
N ALA F 66 -20.24 12.18 31.26
CA ALA F 66 -20.65 11.16 30.29
C ALA F 66 -20.40 11.62 28.86
N GLU F 67 -20.89 12.80 28.50
CA GLU F 67 -20.69 13.25 27.12
C GLU F 67 -19.23 13.64 26.89
N PHE F 68 -18.51 13.99 27.96
CA PHE F 68 -17.08 14.26 27.82
C PHE F 68 -16.34 12.99 27.40
N GLU F 69 -16.67 11.87 28.03
CA GLU F 69 -16.15 10.59 27.56
C GLU F 69 -16.64 10.27 26.16
N MET F 70 -17.84 10.75 25.81
CA MET F 70 -18.36 10.55 24.46
C MET F 70 -17.46 11.17 23.40
N VAL F 71 -17.14 12.45 23.54
CA VAL F 71 -16.56 13.21 22.44
C VAL F 71 -15.04 13.26 22.51
N VAL F 72 -14.50 13.54 23.69
CA VAL F 72 -13.06 13.72 23.85
C VAL F 72 -12.43 12.37 24.13
N LYS F 73 -11.76 11.80 23.13
CA LYS F 73 -11.17 10.48 23.29
C LYS F 73 -9.96 10.54 24.23
N ILE F 74 -9.77 9.47 24.99
CA ILE F 74 -8.77 9.43 26.05
C ILE F 74 -7.80 8.28 25.76
N ARG F 75 -6.69 8.59 25.09
CA ARG F 75 -5.71 7.58 24.73
C ARG F 75 -4.45 7.72 25.57
N SER F 76 -3.46 6.90 25.22
CA SER F 76 -2.07 7.07 25.61
C SER F 76 -1.25 7.09 24.34
N PRO F 77 -0.11 7.78 24.35
CA PRO F 77 0.56 8.11 23.07
C PRO F 77 1.08 6.92 22.28
N ARG F 78 1.02 5.70 22.81
CA ARG F 78 1.75 4.57 22.23
C ARG F 78 3.23 4.89 22.13
N ARG F 79 3.85 5.10 23.29
CA ARG F 79 5.21 5.59 23.36
C ARG F 79 6.24 4.57 22.90
N PHE F 80 5.82 3.44 22.34
CA PHE F 80 6.78 2.45 21.87
C PHE F 80 7.11 2.61 20.40
N GLN F 81 6.26 3.28 19.64
CA GLN F 81 6.51 3.47 18.21
C GLN F 81 6.90 4.89 17.86
N LEU F 82 7.19 5.73 18.84
CA LEU F 82 7.52 7.13 18.61
C LEU F 82 8.99 7.41 18.92
N THR F 83 9.55 8.37 18.20
CA THR F 83 10.93 8.78 18.38
C THR F 83 11.00 10.31 18.34
N VAL F 84 11.73 10.88 19.28
CA VAL F 84 11.89 12.33 19.39
C VAL F 84 13.32 12.68 18.98
N PRO F 85 13.54 13.70 18.15
CA PRO F 85 14.89 13.99 17.67
C PRO F 85 15.83 14.36 18.80
N ALA F 86 17.10 14.02 18.63
CA ALA F 86 18.08 14.16 19.70
C ALA F 86 18.31 15.62 20.07
N ASP F 87 18.29 16.53 19.09
CA ASP F 87 18.55 17.93 19.39
C ASP F 87 17.51 18.49 20.34
N PHE F 88 16.29 17.97 20.30
CA PHE F 88 15.26 18.37 21.25
C PHE F 88 15.69 18.10 22.68
N LEU F 89 16.14 16.86 22.94
CA LEU F 89 16.61 16.51 24.27
C LEU F 89 17.84 17.32 24.66
N TYR F 90 18.74 17.53 23.71
CA TYR F 90 19.94 18.32 23.98
C TYR F 90 19.58 19.73 24.46
N GLU F 91 18.70 20.41 23.73
CA GLU F 91 18.29 21.74 24.12
C GLU F 91 17.54 21.75 25.43
N PHE F 92 16.65 20.77 25.65
CA PHE F 92 15.92 20.69 26.91
C PHE F 92 16.88 20.67 28.09
N ILE F 93 17.85 19.75 28.07
CA ILE F 93 18.73 19.60 29.21
C ILE F 93 19.69 20.79 29.34
N GLU F 94 20.14 21.34 28.20
CA GLU F 94 21.01 22.51 28.26
C GLU F 94 20.32 23.68 28.94
N GLU F 95 19.02 23.90 28.65
CA GLU F 95 18.30 24.98 29.32
C GLU F 95 18.01 24.65 30.78
N LEU F 96 17.71 23.38 31.05
CA LEU F 96 17.39 22.97 32.42
C LEU F 96 18.54 23.23 33.37
N ARG F 97 19.78 23.04 32.90
CA ARG F 97 20.92 23.31 33.77
C ARG F 97 20.93 24.76 34.24
N TYR F 98 20.71 25.71 33.33
CA TYR F 98 20.65 27.12 33.73
C TYR F 98 19.53 27.36 34.72
N ARG F 99 18.37 26.75 34.48
CA ARG F 99 17.26 26.92 35.40
C ARG F 99 17.63 26.46 36.81
N ILE F 100 18.30 25.31 36.92
CA ILE F 100 18.66 24.77 38.23
C ILE F 100 19.61 25.73 38.95
N ASN F 101 20.60 26.26 38.23
CA ASN F 101 21.53 27.19 38.87
C ASN F 101 20.81 28.44 39.36
N LYS F 102 19.89 28.98 38.55
CA LYS F 102 19.13 30.15 38.98
C LYS F 102 18.33 29.86 40.23
N GLY F 103 17.70 28.69 40.30
CA GLY F 103 16.95 28.32 41.49
C GLY F 103 17.82 28.23 42.72
N LEU F 104 19.02 27.67 42.57
CA LEU F 104 19.94 27.60 43.71
C LEU F 104 20.33 28.99 44.19
N ARG F 105 20.61 29.90 43.26
CA ARG F 105 20.97 31.26 43.67
C ARG F 105 19.83 31.94 44.41
N ILE F 106 18.59 31.77 43.94
CA ILE F 106 17.45 32.36 44.62
C ILE F 106 17.31 31.77 46.02
N ALA F 107 17.50 30.46 46.15
CA ALA F 107 17.42 29.84 47.46
C ALA F 107 18.47 30.43 48.40
N GLU F 108 19.70 30.60 47.90
CA GLU F 108 20.74 31.22 48.72
C GLU F 108 20.33 32.61 49.20
N GLU F 109 19.90 33.48 48.29
CA GLU F 109 19.61 34.85 48.71
C GLU F 109 18.44 34.89 49.68
N HIS F 110 17.46 34.00 49.52
CA HIS F 110 16.37 33.96 50.49
C HIS F 110 16.83 33.41 51.85
N THR F 111 17.80 32.49 51.87
CA THR F 111 18.34 32.06 53.16
C THR F 111 18.99 33.24 53.88
N ARG F 112 19.77 34.05 53.18
CA ARG F 112 20.39 35.20 53.82
C ARG F 112 19.34 36.20 54.30
N GLU F 113 18.30 36.43 53.50
CA GLU F 113 17.25 37.35 53.93
C GLU F 113 16.53 36.82 55.17
N ALA F 114 16.32 35.50 55.24
CA ALA F 114 15.72 34.90 56.42
C ALA F 114 16.61 35.10 57.64
N SER F 115 17.92 34.94 57.46
CA SER F 115 18.85 35.21 58.55
C SER F 115 18.77 36.67 58.99
N GLY F 116 18.48 37.58 58.04
CA GLY F 116 18.44 38.99 58.37
C GLY F 116 17.32 39.37 59.32
N CYS F 117 16.09 38.98 59.01
CA CYS F 117 14.93 39.44 59.76
C CYS F 117 13.99 38.28 60.07
N GLU F 118 13.15 38.48 61.09
CA GLU F 118 12.20 37.46 61.54
C GLU F 118 10.81 37.70 60.93
N ASP F 119 10.70 37.41 59.64
CA ASP F 119 9.44 37.49 58.90
C ASP F 119 9.25 36.21 58.10
N VAL F 120 9.36 35.06 58.78
CA VAL F 120 9.57 33.79 58.10
C VAL F 120 8.42 33.45 57.16
N GLY F 121 7.17 33.71 57.56
CA GLY F 121 6.05 33.30 56.74
C GLY F 121 6.00 34.00 55.40
N LYS F 122 6.17 35.33 55.41
CA LYS F 122 6.15 36.09 54.16
C LYS F 122 7.30 35.68 53.26
N LEU F 123 8.47 35.44 53.83
CA LEU F 123 9.62 35.04 53.03
C LEU F 123 9.43 33.64 52.44
N ILE F 124 8.80 32.74 53.19
CA ILE F 124 8.49 31.42 52.64
C ILE F 124 7.53 31.54 51.48
N ALA F 125 6.51 32.40 51.61
CA ALA F 125 5.60 32.62 50.50
C ALA F 125 6.33 33.18 49.28
N ARG F 126 7.25 34.13 49.52
CA ARG F 126 8.02 34.69 48.42
C ARG F 126 8.92 33.64 47.78
N LEU F 127 9.48 32.74 48.58
CA LEU F 127 10.29 31.65 48.03
C LEU F 127 9.44 30.73 47.16
N ARG F 128 8.23 30.40 47.61
CA ARG F 128 7.32 29.64 46.75
C ARG F 128 7.10 30.33 45.42
N GLU F 129 6.87 31.64 45.43
CA GLU F 129 6.68 32.38 44.19
C GLU F 129 7.92 32.36 43.30
N LYS F 130 9.10 32.62 43.87
CA LYS F 130 10.30 32.78 43.05
C LYS F 130 10.86 31.47 42.54
N TYR F 131 10.87 30.42 43.37
CA TYR F 131 11.45 29.15 42.94
C TYR F 131 10.65 28.52 41.80
N ARG F 132 9.32 28.56 41.91
CA ARG F 132 8.48 28.02 40.85
C ARG F 132 8.69 28.78 39.55
N GLU F 133 8.82 30.10 39.63
CA GLU F 133 9.11 30.88 38.43
C GLU F 133 10.51 30.56 37.90
N ALA F 134 11.44 30.22 38.78
CA ALA F 134 12.81 29.95 38.34
C ALA F 134 12.91 28.63 37.60
N LEU F 135 12.19 27.59 38.04
CA LEU F 135 12.33 26.27 37.45
C LEU F 135 11.13 25.84 36.62
N ARG F 136 9.93 25.84 37.20
CA ARG F 136 8.80 25.21 36.54
C ARG F 136 8.28 26.06 35.39
N GLN F 137 8.55 27.37 35.41
CA GLN F 137 8.00 28.26 34.42
C GLN F 137 8.92 28.32 33.20
N GLY F 138 8.41 27.94 32.04
CA GLY F 138 9.10 28.14 30.78
C GLY F 138 9.37 26.88 29.98
N ILE F 139 9.50 25.73 30.63
CA ILE F 139 9.81 24.48 29.93
C ILE F 139 8.82 23.42 30.35
N LEU F 140 8.99 22.22 29.80
CA LEU F 140 8.19 21.05 30.15
C LEU F 140 8.51 20.65 31.58
N ASP F 141 7.55 20.83 32.49
CA ASP F 141 7.82 20.56 33.89
C ASP F 141 7.44 19.14 34.29
N SER F 142 6.18 18.77 34.10
CA SER F 142 5.67 17.47 34.54
C SER F 142 5.57 16.51 33.36
N LYS F 143 5.03 15.33 33.62
CA LYS F 143 4.93 14.32 32.57
C LYS F 143 3.68 14.49 31.73
N GLU F 144 2.66 15.17 32.25
CA GLU F 144 1.45 15.40 31.47
C GLU F 144 1.74 16.19 30.21
N ASP F 145 2.66 17.16 30.30
CA ASP F 145 3.00 17.97 29.14
C ASP F 145 3.71 17.14 28.08
N VAL F 146 4.64 16.27 28.50
CA VAL F 146 5.32 15.40 27.56
C VAL F 146 4.33 14.44 26.91
N ASP F 147 3.37 13.96 27.69
CA ASP F 147 2.34 13.10 27.13
C ASP F 147 1.52 13.84 26.08
N VAL F 148 1.17 15.11 26.35
CA VAL F 148 0.44 15.90 25.37
C VAL F 148 1.24 16.05 24.10
N LEU F 149 2.54 16.36 24.24
CA LEU F 149 3.39 16.49 23.05
C LEU F 149 3.39 15.21 22.23
N LEU F 150 3.65 14.07 22.87
CA LEU F 150 3.79 12.83 22.12
C LEU F 150 2.47 12.40 21.49
N LEU F 151 1.34 12.57 22.19
CA LEU F 151 0.06 12.24 21.60
C LEU F 151 -0.23 13.15 20.40
N ALA F 152 0.07 14.45 20.53
CA ALA F 152 -0.18 15.37 19.43
C ALA F 152 0.83 15.21 18.29
N TYR F 153 1.95 14.54 18.55
CA TYR F 153 3.00 14.43 17.55
C TYR F 153 2.72 13.29 16.58
N GLU F 154 2.13 12.19 17.06
CA GLU F 154 1.86 11.07 16.18
C GLU F 154 0.60 11.24 15.35
N LEU F 155 -0.43 11.90 15.88
CA LEU F 155 -1.68 12.06 15.16
C LEU F 155 -1.69 13.27 14.25
N ASP F 156 -0.60 14.04 14.23
CA ASP F 156 -0.54 15.30 13.49
C ASP F 156 -1.71 16.20 13.88
N GLY F 157 -1.94 16.30 15.18
CA GLY F 157 -3.05 17.06 15.71
C GLY F 157 -2.67 18.49 16.04
N VAL F 158 -3.69 19.30 16.31
CA VAL F 158 -3.53 20.72 16.58
C VAL F 158 -3.49 20.91 18.08
N LEU F 159 -2.30 21.09 18.63
CA LEU F 159 -2.15 21.24 20.08
C LEU F 159 -2.87 22.49 20.56
N VAL F 160 -3.55 22.38 21.69
CA VAL F 160 -4.33 23.47 22.26
C VAL F 160 -3.95 23.60 23.73
N SER F 161 -3.24 24.66 24.08
CA SER F 161 -2.81 24.83 25.46
C SER F 161 -2.57 26.30 25.76
N ALA F 162 -2.77 26.65 27.03
CA ALA F 162 -2.45 27.97 27.54
C ALA F 162 -1.10 27.99 28.24
N ASP F 163 -0.34 26.91 28.18
CA ASP F 163 0.96 26.83 28.83
C ASP F 163 2.02 27.43 27.91
N GLU F 164 2.72 28.44 28.41
CA GLU F 164 3.73 29.11 27.60
C GLU F 164 5.04 28.33 27.54
N GLY F 165 5.22 27.34 28.40
CA GLY F 165 6.38 26.47 28.30
C GLY F 165 6.15 25.27 27.42
N LEU F 166 4.88 24.98 27.11
CA LEU F 166 4.56 23.90 26.18
C LEU F 166 4.61 24.37 24.74
N ARG F 167 4.23 25.63 24.48
CA ARG F 167 4.11 26.11 23.11
C ARG F 167 5.45 26.15 22.40
N THR F 168 6.48 26.67 23.08
CA THR F 168 7.78 26.77 22.42
C THR F 168 8.35 25.39 22.10
N TRP F 169 8.22 24.45 23.04
CA TRP F 169 8.78 23.12 22.81
C TRP F 169 7.96 22.33 21.81
N ALA F 170 6.67 22.63 21.68
CA ALA F 170 5.88 22.04 20.60
C ALA F 170 6.23 22.68 19.26
N ASP F 171 6.67 23.93 19.27
CA ASP F 171 7.11 24.56 18.03
C ASP F 171 8.44 24.01 17.57
N LYS F 172 9.33 23.66 18.50
CA LYS F 172 10.62 23.10 18.11
C LYS F 172 10.45 21.75 17.42
N ILE F 173 9.47 20.95 17.85
CA ILE F 173 9.39 19.58 17.38
C ILE F 173 8.71 19.49 16.02
N GLY F 174 7.86 20.45 15.68
CA GLY F 174 7.15 20.42 14.43
C GLY F 174 5.65 20.22 14.53
N ILE F 175 5.07 20.41 15.70
CA ILE F 175 3.62 20.30 15.85
C ILE F 175 2.98 21.61 15.46
N LYS F 176 1.89 21.55 14.70
CA LYS F 176 1.13 22.75 14.40
C LYS F 176 0.34 23.19 15.62
N LEU F 177 0.42 24.48 15.94
CA LEU F 177 -0.23 25.03 17.11
C LEU F 177 -1.45 25.83 16.68
N ILE F 178 -2.25 26.23 17.68
CA ILE F 178 -3.41 27.07 17.46
C ILE F 178 -3.40 28.15 18.53
N ASP F 179 -4.17 29.20 18.31
CA ASP F 179 -4.30 30.25 19.32
C ASP F 179 -5.22 29.77 20.43
N PRO F 180 -4.73 29.66 21.68
CA PRO F 180 -5.61 29.16 22.75
C PRO F 180 -6.71 30.14 23.11
N LYS F 181 -6.49 31.43 22.93
CA LYS F 181 -7.49 32.44 23.29
C LYS F 181 -8.64 32.48 22.31
N ASN F 182 -8.45 32.03 21.07
CA ASN F 182 -9.48 32.03 20.05
C ASN F 182 -10.05 30.64 19.79
N PHE F 183 -9.81 29.68 20.68
CA PHE F 183 -10.28 28.31 20.43
C PHE F 183 -11.80 28.25 20.38
N LYS F 184 -12.48 28.96 21.27
CA LYS F 184 -13.94 28.90 21.29
C LYS F 184 -14.53 29.43 19.99
N ASN F 185 -14.09 30.61 19.56
CA ASN F 185 -14.57 31.18 18.31
C ASN F 185 -14.19 30.30 17.12
N ILE F 186 -12.99 29.71 17.14
CA ILE F 186 -12.57 28.82 16.08
C ILE F 186 -13.50 27.62 15.99
N LEU F 187 -13.80 27.01 17.12
CA LEU F 187 -14.68 25.85 17.12
C LEU F 187 -16.06 26.25 16.64
N GLU F 188 -16.56 27.41 17.06
CA GLU F 188 -17.89 27.86 16.65
C GLU F 188 -17.95 28.08 15.14
N SER F 189 -16.96 28.76 14.58
CA SER F 189 -16.98 29.05 13.15
C SER F 189 -16.79 27.79 12.33
N LEU F 190 -16.03 26.81 12.85
CA LEU F 190 -15.94 25.53 12.17
C LEU F 190 -17.25 24.77 12.24
N VAL F 191 -17.99 24.91 13.34
CA VAL F 191 -19.27 24.22 13.49
C VAL F 191 -20.32 24.80 12.56
N ARG F 192 -20.42 26.13 12.51
CA ARG F 192 -21.52 26.77 11.78
C ARG F 192 -21.33 26.68 10.27
N HIS F 193 -20.28 27.29 9.76
CA HIS F 193 -20.02 27.29 8.32
C HIS F 193 -19.32 26.01 7.88
N MET G 4 -30.33 -3.64 -6.60
CA MET G 4 -30.52 -5.09 -6.58
C MET G 4 -29.46 -5.76 -7.45
N ASP G 5 -29.58 -7.06 -7.64
CA ASP G 5 -28.61 -7.83 -8.41
C ASP G 5 -28.59 -7.37 -9.86
N VAL G 6 -27.42 -7.50 -10.49
CA VAL G 6 -27.21 -7.06 -11.87
C VAL G 6 -26.83 -8.29 -12.69
N PHE G 7 -27.55 -8.53 -13.78
CA PHE G 7 -27.36 -9.71 -14.60
C PHE G 7 -26.52 -9.38 -15.83
N VAL G 8 -25.54 -10.21 -16.12
CA VAL G 8 -24.75 -10.09 -17.34
C VAL G 8 -25.32 -11.06 -18.37
N LEU G 9 -25.96 -10.52 -19.40
CA LEU G 9 -26.62 -11.34 -20.39
C LEU G 9 -25.59 -12.01 -21.29
N ASP G 10 -26.09 -12.69 -22.31
CA ASP G 10 -25.24 -13.41 -23.25
C ASP G 10 -26.07 -13.65 -24.51
N THR G 11 -25.42 -14.16 -25.55
CA THR G 11 -26.15 -14.54 -26.75
C THR G 11 -26.92 -15.82 -26.57
N SER G 12 -26.54 -16.63 -25.58
CA SER G 12 -27.07 -17.99 -25.45
C SER G 12 -28.24 -18.03 -24.48
N VAL G 13 -28.99 -16.93 -24.41
CA VAL G 13 -30.13 -16.84 -23.50
C VAL G 13 -31.44 -16.58 -24.24
N PHE G 14 -31.37 -15.98 -25.43
CA PHE G 14 -32.56 -15.89 -26.28
C PHE G 14 -32.22 -16.09 -27.75
N THR G 15 -31.39 -17.08 -28.06
CA THR G 15 -31.37 -17.63 -29.42
C THR G 15 -31.35 -19.16 -29.39
N ASN G 16 -30.92 -19.75 -28.28
CA ASN G 16 -30.90 -21.20 -28.16
C ASN G 16 -32.33 -21.71 -28.15
N PRO G 17 -32.66 -22.74 -28.95
CA PRO G 17 -34.07 -23.15 -29.07
C PRO G 17 -34.76 -23.50 -27.77
N GLU G 18 -34.09 -24.18 -26.85
CA GLU G 18 -34.75 -24.55 -25.60
C GLU G 18 -35.10 -23.31 -24.77
N ILE G 19 -34.19 -22.34 -24.69
CA ILE G 19 -34.48 -21.14 -23.91
C ILE G 19 -35.33 -20.18 -24.74
N TYR G 20 -35.34 -20.37 -26.06
CA TYR G 20 -36.36 -19.74 -26.89
C TYR G 20 -37.75 -20.20 -26.46
N ARG G 21 -37.91 -21.51 -26.24
CA ARG G 21 -39.22 -22.05 -25.91
C ARG G 21 -39.66 -21.69 -24.50
N THR G 22 -38.77 -21.82 -23.51
CA THR G 22 -39.19 -21.54 -22.14
C THR G 22 -39.55 -20.09 -21.92
N PHE G 23 -39.18 -19.22 -22.87
CA PHE G 23 -39.46 -17.78 -22.78
C PHE G 23 -40.73 -17.45 -23.57
N GLU G 24 -41.87 -17.91 -23.06
CA GLU G 24 -43.19 -17.54 -23.57
C GLU G 24 -43.36 -17.93 -25.04
N GLU G 25 -42.55 -18.88 -25.51
CA GLU G 25 -42.60 -19.37 -26.89
C GLU G 25 -42.56 -18.24 -27.91
N ARG G 28 -40.02 -14.16 -31.96
CA ARG G 28 -40.20 -12.73 -31.71
C ARG G 28 -40.90 -12.49 -30.38
N GLY G 29 -41.91 -13.30 -30.09
CA GLY G 29 -42.65 -13.14 -28.84
C GLY G 29 -41.77 -13.30 -27.62
N ALA G 30 -40.78 -14.20 -27.69
CA ALA G 30 -39.87 -14.39 -26.57
C ALA G 30 -39.15 -13.09 -26.23
N MET G 31 -38.68 -12.36 -27.24
CA MET G 31 -37.96 -11.12 -27.00
C MET G 31 -38.83 -10.09 -26.29
N GLU G 32 -40.07 -9.90 -26.75
CA GLU G 32 -40.90 -8.85 -26.17
C GLU G 32 -41.39 -9.23 -24.78
N THR G 33 -41.71 -10.51 -24.56
CA THR G 33 -42.06 -10.95 -23.21
C THR G 33 -40.89 -10.78 -22.26
N PHE G 34 -39.68 -11.16 -22.71
CA PHE G 34 -38.48 -10.95 -21.93
C PHE G 34 -38.28 -9.48 -21.62
N ILE G 35 -38.53 -8.61 -22.60
CA ILE G 35 -38.33 -7.17 -22.42
C ILE G 35 -39.27 -6.62 -21.37
N HIS G 36 -40.56 -6.97 -21.47
CA HIS G 36 -41.52 -6.48 -20.47
C HIS G 36 -41.16 -6.98 -19.09
N LEU G 37 -40.84 -8.26 -18.98
CA LEU G 37 -40.44 -8.81 -17.68
C LEU G 37 -39.20 -8.10 -17.15
N ALA G 38 -38.24 -7.81 -18.03
CA ALA G 38 -36.98 -7.18 -17.64
C ALA G 38 -37.18 -5.76 -17.13
N LEU G 39 -38.05 -5.00 -17.79
CA LEU G 39 -38.22 -3.59 -17.42
C LEU G 39 -38.71 -3.44 -15.98
N ASN G 40 -39.25 -4.49 -15.39
CA ASN G 40 -39.79 -4.40 -14.04
C ASN G 40 -38.73 -4.74 -13.00
N SER G 41 -38.89 -4.13 -11.82
CA SER G 41 -38.13 -4.38 -10.58
C SER G 41 -36.70 -3.88 -10.62
N ARG G 42 -36.27 -3.20 -11.68
CA ARG G 42 -34.97 -2.54 -11.74
C ARG G 42 -33.82 -3.52 -11.49
N ALA G 43 -33.92 -4.70 -12.07
CA ALA G 43 -32.79 -5.62 -12.15
C ALA G 43 -31.97 -5.20 -13.36
N GLU G 44 -30.89 -4.45 -13.13
CA GLU G 44 -30.07 -3.94 -14.21
C GLU G 44 -29.43 -5.10 -14.96
N PHE G 45 -29.51 -5.08 -16.28
CA PHE G 45 -28.85 -6.09 -17.10
C PHE G 45 -27.63 -5.49 -17.78
N TYR G 46 -26.87 -6.35 -18.45
CA TYR G 46 -25.74 -5.87 -19.24
C TYR G 46 -25.47 -6.88 -20.35
N MET G 47 -24.84 -6.40 -21.42
CA MET G 47 -24.42 -7.29 -22.49
C MET G 47 -23.34 -6.63 -23.32
N PRO G 48 -22.21 -7.29 -23.54
CA PRO G 48 -21.12 -6.67 -24.30
C PRO G 48 -21.49 -6.43 -25.76
N THR G 49 -20.81 -5.43 -26.34
CA THR G 49 -21.08 -5.05 -27.73
C THR G 49 -20.77 -6.17 -28.71
N SER G 50 -19.66 -6.88 -28.50
CA SER G 50 -19.29 -7.95 -29.42
C SER G 50 -20.38 -9.00 -29.50
N VAL G 51 -20.87 -9.45 -28.34
CA VAL G 51 -21.98 -10.40 -28.32
C VAL G 51 -23.18 -9.83 -29.03
N TYR G 52 -23.43 -8.52 -28.84
CA TYR G 52 -24.57 -7.88 -29.49
C TYR G 52 -24.46 -7.93 -31.01
N THR G 53 -23.29 -7.64 -31.55
CA THR G 53 -23.15 -7.62 -32.99
C THR G 53 -23.19 -9.04 -33.57
N GLU G 54 -22.60 -10.02 -32.89
CA GLU G 54 -22.71 -11.39 -33.37
C GLU G 54 -24.17 -11.85 -33.35
N MET G 55 -24.89 -11.54 -32.28
CA MET G 55 -26.29 -11.97 -32.20
C MET G 55 -27.15 -11.30 -33.25
N ARG G 56 -27.01 -9.98 -33.43
CA ARG G 56 -27.81 -9.29 -34.42
C ARG G 56 -27.46 -9.74 -35.83
N LYS G 57 -26.19 -10.05 -36.08
CA LYS G 57 -25.80 -10.62 -37.36
C LYS G 57 -26.45 -11.99 -37.58
N ILE G 58 -26.51 -12.81 -36.52
CA ILE G 58 -27.08 -14.14 -36.66
C ILE G 58 -28.60 -14.08 -36.67
N MET G 59 -29.19 -13.29 -35.78
CA MET G 59 -30.63 -13.24 -35.62
C MET G 59 -31.09 -11.78 -35.65
N ASP G 60 -32.24 -11.54 -36.29
CA ASP G 60 -32.76 -10.19 -36.45
C ASP G 60 -34.26 -10.18 -36.17
N VAL G 61 -34.70 -9.17 -35.42
CA VAL G 61 -36.12 -8.93 -35.16
C VAL G 61 -36.45 -7.51 -35.57
N GLY G 62 -37.61 -7.32 -36.17
CA GLY G 62 -37.98 -6.02 -36.72
C GLY G 62 -38.51 -5.02 -35.70
N GLU G 63 -37.77 -3.92 -35.52
CA GLU G 63 -38.23 -2.73 -34.82
C GLU G 63 -38.48 -2.97 -33.32
N LEU G 64 -38.31 -4.21 -32.86
CA LEU G 64 -38.40 -4.50 -31.43
C LEU G 64 -37.13 -4.12 -30.69
N TRP G 65 -36.05 -3.86 -31.41
CA TRP G 65 -34.77 -3.59 -30.78
C TRP G 65 -34.79 -2.36 -29.89
N ALA G 66 -35.76 -1.45 -30.07
CA ALA G 66 -35.74 -0.19 -29.35
C ALA G 66 -35.75 -0.40 -27.84
N GLU G 67 -36.72 -1.18 -27.34
CA GLU G 67 -36.76 -1.39 -25.90
C GLU G 67 -35.61 -2.28 -25.43
N PHE G 68 -35.07 -3.10 -26.32
CA PHE G 68 -33.90 -3.88 -25.98
C PHE G 68 -32.70 -2.97 -25.71
N GLU G 69 -32.51 -1.95 -26.54
CA GLU G 69 -31.52 -0.93 -26.25
C GLU G 69 -31.87 -0.17 -24.99
N MET G 70 -33.18 -0.05 -24.70
CA MET G 70 -33.61 0.62 -23.48
C MET G 70 -33.10 -0.08 -22.24
N VAL G 71 -33.34 -1.38 -22.12
CA VAL G 71 -33.17 -2.06 -20.83
C VAL G 71 -31.80 -2.74 -20.73
N VAL G 72 -31.39 -3.45 -21.77
CA VAL G 72 -30.15 -4.22 -21.72
C VAL G 72 -29.00 -3.32 -22.16
N LYS G 73 -28.20 -2.88 -21.21
CA LYS G 73 -27.10 -1.98 -21.51
C LYS G 73 -26.00 -2.71 -22.28
N ILE G 74 -25.35 -1.98 -23.19
CA ILE G 74 -24.38 -2.56 -24.11
C ILE G 74 -23.04 -1.88 -23.91
N ARG G 75 -22.18 -2.45 -23.07
CA ARG G 75 -20.88 -1.89 -22.78
C ARG G 75 -19.76 -2.68 -23.43
N SER G 76 -18.54 -2.30 -23.12
CA SER G 76 -17.33 -3.07 -23.32
C SER G 76 -16.64 -3.17 -21.97
N PRO G 77 -15.89 -4.24 -21.72
CA PRO G 77 -15.47 -4.54 -20.34
C PRO G 77 -14.53 -3.53 -19.71
N ARG G 78 -14.05 -2.54 -20.44
CA ARG G 78 -12.94 -1.69 -19.98
C ARG G 78 -11.73 -2.57 -19.66
N ARG G 79 -11.21 -3.23 -20.69
CA ARG G 79 -10.18 -4.24 -20.51
C ARG G 79 -8.84 -3.64 -20.12
N PHE G 80 -8.77 -2.35 -19.81
CA PHE G 80 -7.50 -1.75 -19.42
C PHE G 80 -7.31 -1.74 -17.91
N GLN G 81 -8.40 -1.85 -17.13
CA GLN G 81 -8.29 -1.82 -15.68
C GLN G 81 -8.55 -3.17 -15.04
N LEU G 82 -8.60 -4.24 -15.84
CA LEU G 82 -8.90 -5.57 -15.33
C LEU G 82 -7.67 -6.47 -15.41
N THR G 83 -7.59 -7.41 -14.48
CA THR G 83 -6.50 -8.37 -14.44
C THR G 83 -7.07 -9.75 -14.12
N VAL G 84 -6.62 -10.75 -14.86
CA VAL G 84 -7.08 -12.13 -14.69
C VAL G 84 -5.94 -12.93 -14.08
N PRO G 85 -6.20 -13.76 -13.06
CA PRO G 85 -5.11 -14.47 -12.38
C PRO G 85 -4.37 -15.42 -13.32
N ALA G 86 -3.08 -15.58 -13.05
CA ALA G 86 -2.21 -16.32 -13.97
C ALA G 86 -2.59 -17.79 -14.06
N ASP G 87 -3.03 -18.39 -12.95
CA ASP G 87 -3.37 -19.80 -12.97
C ASP G 87 -4.52 -20.09 -13.92
N PHE G 88 -5.41 -19.12 -14.11
CA PHE G 88 -6.48 -19.25 -15.10
C PHE G 88 -5.92 -19.47 -16.49
N LEU G 89 -4.99 -18.60 -16.91
CA LEU G 89 -4.37 -18.75 -18.22
C LEU G 89 -3.58 -20.05 -18.31
N TYR G 90 -2.88 -20.41 -17.24
CA TYR G 90 -2.11 -21.65 -17.23
C TYR G 90 -3.01 -22.85 -17.50
N GLU G 91 -4.12 -22.96 -16.78
CA GLU G 91 -5.04 -24.07 -16.97
C GLU G 91 -5.68 -24.04 -18.35
N PHE G 92 -6.07 -22.86 -18.82
CA PHE G 92 -6.65 -22.75 -20.16
C PHE G 92 -5.73 -23.35 -21.21
N ILE G 93 -4.47 -22.92 -21.22
CA ILE G 93 -3.56 -23.38 -22.27
C ILE G 93 -3.19 -24.84 -22.08
N GLU G 94 -3.05 -25.29 -20.83
CA GLU G 94 -2.75 -26.69 -20.58
C GLU G 94 -3.85 -27.60 -21.12
N GLU G 95 -5.11 -27.21 -20.95
CA GLU G 95 -6.20 -28.02 -21.51
C GLU G 95 -6.28 -27.90 -23.02
N LEU G 96 -6.01 -26.70 -23.55
CA LEU G 96 -6.08 -26.49 -24.99
C LEU G 96 -5.10 -27.37 -25.74
N ARG G 97 -3.92 -27.62 -25.16
CA ARG G 97 -2.96 -28.49 -25.84
C ARG G 97 -3.54 -29.89 -26.06
N TYR G 98 -4.17 -30.47 -25.03
CA TYR G 98 -4.80 -31.78 -25.18
C TYR G 98 -5.89 -31.75 -26.24
N ARG G 99 -6.70 -30.68 -26.24
CA ARG G 99 -7.74 -30.58 -27.25
C ARG G 99 -7.17 -30.60 -28.66
N ILE G 100 -6.08 -29.86 -28.88
CA ILE G 100 -5.48 -29.80 -30.22
C ILE G 100 -4.99 -31.18 -30.65
N ASN G 101 -4.33 -31.90 -29.74
CA ASN G 101 -3.86 -33.24 -30.10
C ASN G 101 -5.02 -34.17 -30.44
N LYS G 102 -6.11 -34.10 -29.68
CA LYS G 102 -7.27 -34.93 -29.98
C LYS G 102 -7.84 -34.61 -31.34
N GLY G 103 -7.92 -33.32 -31.68
CA GLY G 103 -8.41 -32.94 -33.00
C GLY G 103 -7.53 -33.46 -34.11
N LEU G 104 -6.21 -33.41 -33.93
CA LEU G 104 -5.31 -33.94 -34.94
C LEU G 104 -5.51 -35.45 -35.13
N ARG G 105 -5.68 -36.19 -34.04
CA ARG G 105 -5.91 -37.63 -34.16
C ARG G 105 -7.20 -37.93 -34.90
N ILE G 106 -8.26 -37.18 -34.61
CA ILE G 106 -9.53 -37.38 -35.32
C ILE G 106 -9.36 -37.09 -36.80
N ALA G 107 -8.64 -36.02 -37.13
CA ALA G 107 -8.40 -35.70 -38.54
C ALA G 107 -7.66 -36.84 -39.23
N GLU G 108 -6.64 -37.39 -38.57
CA GLU G 108 -5.92 -38.53 -39.13
C GLU G 108 -6.85 -39.70 -39.43
N GLU G 109 -7.65 -40.11 -38.43
CA GLU G 109 -8.46 -41.30 -38.63
C GLU G 109 -9.51 -41.07 -39.72
N HIS G 110 -10.03 -39.85 -39.82
CA HIS G 110 -10.97 -39.57 -40.92
C HIS G 110 -10.28 -39.53 -42.28
N THR G 111 -9.02 -39.11 -42.34
CA THR G 111 -8.29 -39.22 -43.61
C THR G 111 -8.18 -40.67 -44.05
N ARG G 112 -7.83 -41.56 -43.12
CA ARG G 112 -7.73 -42.98 -43.49
C ARG G 112 -9.08 -43.54 -43.92
N GLU G 113 -10.16 -43.17 -43.21
CA GLU G 113 -11.48 -43.65 -43.60
C GLU G 113 -11.86 -43.13 -44.97
N ALA G 114 -11.50 -41.88 -45.29
CA ALA G 114 -11.75 -41.35 -46.62
C ALA G 114 -10.98 -42.14 -47.69
N SER G 115 -9.73 -42.49 -47.38
CA SER G 115 -8.97 -43.33 -48.30
C SER G 115 -9.64 -44.68 -48.48
N GLY G 116 -10.30 -45.18 -47.43
CA GLY G 116 -10.93 -46.50 -47.51
C GLY G 116 -12.06 -46.58 -48.52
N CYS G 117 -13.03 -45.67 -48.42
CA CYS G 117 -14.26 -45.76 -49.20
C CYS G 117 -14.62 -44.42 -49.82
N GLU G 118 -15.42 -44.46 -50.88
CA GLU G 118 -15.84 -43.26 -51.61
C GLU G 118 -17.22 -42.79 -51.13
N ASP G 119 -17.24 -42.23 -49.93
CA ASP G 119 -18.44 -41.64 -49.34
C ASP G 119 -18.12 -40.25 -48.80
N VAL G 120 -17.51 -39.42 -49.64
CA VAL G 120 -16.81 -38.23 -49.18
C VAL G 120 -17.75 -37.27 -48.44
N GLY G 121 -18.97 -37.08 -48.94
CA GLY G 121 -19.84 -36.09 -48.33
C GLY G 121 -20.23 -36.42 -46.91
N LYS G 122 -20.64 -37.68 -46.67
CA LYS G 122 -21.02 -38.09 -45.32
C LYS G 122 -19.82 -38.01 -44.37
N LEU G 123 -18.64 -38.40 -44.85
CA LEU G 123 -17.47 -38.32 -43.99
C LEU G 123 -17.07 -36.89 -43.69
N ILE G 124 -17.23 -35.97 -44.64
CA ILE G 124 -16.99 -34.56 -44.37
C ILE G 124 -17.96 -34.05 -43.31
N ALA G 125 -19.23 -34.42 -43.42
CA ALA G 125 -20.20 -34.03 -42.40
C ALA G 125 -19.80 -34.58 -41.02
N ARG G 126 -19.36 -35.84 -40.99
CA ARG G 126 -18.93 -36.43 -39.73
C ARG G 126 -17.70 -35.73 -39.17
N LEU G 127 -16.78 -35.30 -40.05
CA LEU G 127 -15.62 -34.55 -39.60
C LEU G 127 -16.03 -33.22 -39.01
N ARG G 128 -16.97 -32.52 -39.65
CA ARG G 128 -17.51 -31.31 -39.04
C ARG G 128 -18.05 -31.56 -37.65
N GLU G 129 -18.80 -32.64 -37.47
CA GLU G 129 -19.32 -32.98 -36.14
C GLU G 129 -18.21 -33.26 -35.13
N LYS G 130 -17.24 -34.09 -35.51
CA LYS G 130 -16.25 -34.56 -34.55
C LYS G 130 -15.20 -33.51 -34.20
N TYR G 131 -14.72 -32.74 -35.18
CA TYR G 131 -13.68 -31.75 -34.92
C TYR G 131 -14.19 -30.64 -34.01
N ARG G 132 -15.41 -30.16 -34.26
CA ARG G 132 -15.99 -29.13 -33.41
C ARG G 132 -16.16 -29.62 -31.98
N GLU G 133 -16.60 -30.87 -31.82
CA GLU G 133 -16.69 -31.44 -30.48
C GLU G 133 -15.31 -31.60 -29.85
N ALA G 134 -14.29 -31.85 -30.66
CA ALA G 134 -12.95 -32.08 -30.12
C ALA G 134 -12.33 -30.79 -29.61
N LEU G 135 -12.53 -29.67 -30.31
CA LEU G 135 -11.87 -28.42 -29.93
C LEU G 135 -12.82 -27.39 -29.33
N ARG G 136 -13.88 -27.02 -30.05
CA ARG G 136 -14.67 -25.86 -29.64
C ARG G 136 -15.54 -26.18 -28.43
N GLN G 137 -15.84 -27.46 -28.19
CA GLN G 137 -16.74 -27.83 -27.12
C GLN G 137 -15.98 -28.02 -25.83
N GLY G 138 -16.33 -27.24 -24.80
CA GLY G 138 -15.83 -27.43 -23.46
C GLY G 138 -15.08 -26.25 -22.86
N ILE G 139 -14.45 -25.41 -23.68
CA ILE G 139 -13.68 -24.28 -23.18
C ILE G 139 -14.12 -23.01 -23.89
N LEU G 140 -13.48 -21.90 -23.53
CA LEU G 140 -13.71 -20.61 -24.16
C LEU G 140 -13.20 -20.68 -25.59
N ASP G 141 -14.12 -20.63 -26.56
CA ASP G 141 -13.71 -20.79 -27.95
C ASP G 141 -13.45 -19.45 -28.63
N SER G 142 -14.44 -18.56 -28.66
CA SER G 142 -14.35 -17.29 -29.36
C SER G 142 -14.07 -16.16 -28.38
N LYS G 143 -14.06 -14.94 -28.90
CA LYS G 143 -13.77 -13.78 -28.07
C LYS G 143 -15.01 -13.25 -27.36
N GLU G 144 -16.20 -13.56 -27.88
CA GLU G 144 -17.42 -13.12 -27.21
C GLU G 144 -17.53 -13.69 -25.81
N ASP G 145 -17.10 -14.95 -25.62
CA ASP G 145 -17.17 -15.56 -24.31
C ASP G 145 -16.21 -14.89 -23.33
N VAL G 146 -15.00 -14.58 -23.77
CA VAL G 146 -14.04 -13.88 -22.92
C VAL G 146 -14.56 -12.50 -22.57
N ASP G 147 -15.21 -11.84 -23.53
CA ASP G 147 -15.80 -10.54 -23.25
C ASP G 147 -16.90 -10.66 -22.20
N VAL G 148 -17.73 -11.71 -22.29
CA VAL G 148 -18.76 -11.90 -21.27
C VAL G 148 -18.13 -12.11 -19.90
N LEU G 149 -17.08 -12.94 -19.84
CA LEU G 149 -16.41 -13.16 -18.56
C LEU G 149 -15.89 -11.85 -17.98
N LEU G 150 -15.16 -11.06 -18.78
CA LEU G 150 -14.54 -9.86 -18.23
C LEU G 150 -15.58 -8.82 -17.84
N LEU G 151 -16.64 -8.66 -18.63
CA LEU G 151 -17.70 -7.74 -18.24
C LEU G 151 -18.38 -8.18 -16.96
N ALA G 152 -18.65 -9.49 -16.82
CA ALA G 152 -19.31 -9.98 -15.62
C ALA G 152 -18.36 -10.01 -14.42
N TYR G 153 -17.06 -9.92 -14.66
CA TYR G 153 -16.09 -10.04 -13.57
C TYR G 153 -15.90 -8.71 -12.86
N GLU G 154 -15.96 -7.60 -13.59
CA GLU G 154 -15.77 -6.30 -12.95
C GLU G 154 -17.01 -5.78 -12.25
N LEU G 155 -18.20 -6.05 -12.78
CA LEU G 155 -19.43 -5.55 -12.18
C LEU G 155 -19.97 -6.45 -11.08
N ASP G 156 -19.30 -7.57 -10.80
CA ASP G 156 -19.81 -8.56 -9.85
C ASP G 156 -21.22 -8.97 -10.23
N GLY G 157 -21.43 -9.23 -11.52
CA GLY G 157 -22.74 -9.57 -12.03
C GLY G 157 -22.99 -11.07 -12.06
N VAL G 158 -24.23 -11.43 -12.30
CA VAL G 158 -24.67 -12.82 -12.30
C VAL G 158 -24.67 -13.31 -13.74
N LEU G 159 -23.64 -14.07 -14.12
CA LEU G 159 -23.52 -14.55 -15.48
C LEU G 159 -24.68 -15.47 -15.82
N VAL G 160 -25.21 -15.33 -17.03
CA VAL G 160 -26.36 -16.11 -17.49
C VAL G 160 -26.01 -16.68 -18.86
N SER G 161 -25.80 -17.99 -18.94
CA SER G 161 -25.43 -18.58 -20.20
C SER G 161 -25.82 -20.06 -20.22
N ALA G 162 -26.11 -20.55 -21.43
CA ALA G 162 -26.34 -21.96 -21.67
C ALA G 162 -25.11 -22.67 -22.19
N ASP G 163 -23.97 -21.99 -22.23
CA ASP G 163 -22.73 -22.58 -22.72
C ASP G 163 -22.05 -23.35 -21.60
N GLU G 164 -21.83 -24.65 -21.83
CA GLU G 164 -21.21 -25.48 -20.81
C GLU G 164 -19.70 -25.29 -20.73
N GLY G 165 -19.09 -24.66 -21.73
CA GLY G 165 -17.68 -24.34 -21.64
C GLY G 165 -17.42 -22.99 -21.01
N LEU G 166 -18.46 -22.16 -20.91
CA LEU G 166 -18.34 -20.89 -20.22
C LEU G 166 -18.53 -21.02 -18.72
N ARG G 167 -19.41 -21.94 -18.29
CA ARG G 167 -19.77 -22.03 -16.88
C ARG G 167 -18.59 -22.47 -16.04
N THR G 168 -17.85 -23.49 -16.48
CA THR G 168 -16.73 -23.98 -15.67
C THR G 168 -15.65 -22.91 -15.53
N TRP G 169 -15.35 -22.21 -16.62
CA TRP G 169 -14.29 -21.20 -16.57
C TRP G 169 -14.75 -19.96 -15.82
N ALA G 170 -16.04 -19.68 -15.78
CA ALA G 170 -16.54 -18.62 -14.92
C ALA G 170 -16.54 -19.05 -13.46
N ASP G 171 -16.67 -20.35 -13.20
CA ASP G 171 -16.58 -20.84 -11.84
C ASP G 171 -15.15 -20.79 -11.32
N LYS G 172 -14.17 -21.03 -12.20
CA LYS G 172 -12.79 -20.96 -11.76
C LYS G 172 -12.39 -19.55 -11.33
N ILE G 173 -12.92 -18.53 -12.01
CA ILE G 173 -12.44 -17.18 -11.79
C ILE G 173 -13.07 -16.55 -10.55
N GLY G 174 -14.26 -16.99 -10.15
CA GLY G 174 -14.93 -16.42 -9.00
C GLY G 174 -16.20 -15.66 -9.32
N ILE G 175 -16.77 -15.84 -10.51
CA ILE G 175 -18.04 -15.18 -10.84
C ILE G 175 -19.18 -16.02 -10.30
N LYS G 176 -20.17 -15.36 -9.70
CA LYS G 176 -21.37 -16.07 -9.28
C LYS G 176 -22.22 -16.39 -10.50
N LEU G 177 -22.68 -17.63 -10.58
CA LEU G 177 -23.47 -18.10 -11.71
C LEU G 177 -24.92 -18.24 -11.29
N ILE G 178 -25.77 -18.48 -12.28
CA ILE G 178 -27.20 -18.72 -12.06
C ILE G 178 -27.60 -19.90 -12.94
N ASP G 179 -28.75 -20.48 -12.64
CA ASP G 179 -29.26 -21.57 -13.45
C ASP G 179 -29.87 -21.00 -14.73
N PRO G 180 -29.33 -21.35 -15.90
CA PRO G 180 -29.89 -20.77 -17.14
C PRO G 180 -31.28 -21.27 -17.46
N LYS G 181 -31.62 -22.48 -17.03
CA LYS G 181 -32.93 -23.05 -17.32
C LYS G 181 -34.03 -22.42 -16.50
N ASN G 182 -33.70 -21.85 -15.34
CA ASN G 182 -34.69 -21.22 -14.47
C ASN G 182 -34.63 -19.70 -14.51
N PHE G 183 -33.99 -19.12 -15.53
CA PHE G 183 -33.84 -17.67 -15.56
C PHE G 183 -35.20 -16.98 -15.69
N LYS G 184 -36.08 -17.52 -16.53
CA LYS G 184 -37.38 -16.89 -16.73
C LYS G 184 -38.19 -16.85 -15.44
N ASN G 185 -38.29 -18.00 -14.75
CA ASN G 185 -39.01 -18.06 -13.49
C ASN G 185 -38.35 -17.18 -12.44
N ILE G 186 -37.01 -17.15 -12.43
CA ILE G 186 -36.28 -16.30 -11.48
C ILE G 186 -36.63 -14.84 -11.71
N LEU G 187 -36.61 -14.41 -12.96
CA LEU G 187 -36.93 -13.02 -13.25
C LEU G 187 -38.37 -12.71 -12.88
N GLU G 188 -39.29 -13.64 -13.15
CA GLU G 188 -40.69 -13.42 -12.82
C GLU G 188 -40.90 -13.28 -11.32
N SER G 189 -40.29 -14.18 -10.53
CA SER G 189 -40.49 -14.13 -9.10
C SER G 189 -39.81 -12.92 -8.47
N LEU G 190 -38.70 -12.46 -9.07
CA LEU G 190 -38.11 -11.21 -8.61
C LEU G 190 -38.99 -10.02 -8.96
N VAL G 191 -39.67 -10.07 -10.11
CA VAL G 191 -40.54 -8.98 -10.52
C VAL G 191 -41.77 -8.88 -9.62
N ARG G 192 -42.41 -10.01 -9.36
CA ARG G 192 -43.70 -10.00 -8.67
C ARG G 192 -43.54 -9.68 -7.19
N HIS G 193 -42.86 -10.55 -6.45
CA HIS G 193 -42.69 -10.35 -5.02
C HIS G 193 -41.52 -9.41 -4.73
N MET H 4 23.55 -7.92 -11.04
CA MET H 4 23.51 -7.71 -12.48
C MET H 4 22.23 -8.33 -13.05
N ASP H 5 22.12 -8.33 -14.38
CA ASP H 5 20.93 -8.82 -15.05
C ASP H 5 20.73 -10.31 -14.78
N VAL H 6 19.47 -10.73 -14.78
CA VAL H 6 19.08 -12.11 -14.48
C VAL H 6 18.39 -12.68 -15.71
N PHE H 7 18.87 -13.82 -16.19
CA PHE H 7 18.36 -14.42 -17.42
C PHE H 7 17.39 -15.55 -17.09
N VAL H 8 16.25 -15.56 -17.79
CA VAL H 8 15.30 -16.66 -17.67
C VAL H 8 15.53 -17.60 -18.83
N LEU H 9 16.06 -18.79 -18.54
CA LEU H 9 16.42 -19.73 -19.59
C LEU H 9 15.16 -20.37 -20.17
N ASP H 10 15.37 -21.34 -21.04
CA ASP H 10 14.28 -22.03 -21.70
C ASP H 10 14.83 -23.35 -22.24
N THR H 11 13.95 -24.20 -22.75
CA THR H 11 14.39 -25.43 -23.38
C THR H 11 14.98 -25.16 -24.75
N SER H 12 14.66 -24.02 -25.37
CA SER H 12 14.99 -23.77 -26.76
C SER H 12 16.30 -23.00 -26.89
N VAL H 13 17.21 -23.20 -25.94
CA VAL H 13 18.48 -22.49 -25.93
C VAL H 13 19.66 -23.45 -26.00
N PHE H 14 19.49 -24.68 -25.54
CA PHE H 14 20.51 -25.70 -25.77
C PHE H 14 19.91 -27.07 -26.07
N THR H 15 18.88 -27.12 -26.93
CA THR H 15 18.55 -28.35 -27.64
C THR H 15 18.30 -28.10 -29.12
N ASN H 16 17.98 -26.86 -29.50
CA ASN H 16 17.78 -26.52 -30.89
C ASN H 16 19.09 -26.66 -31.64
N PRO H 17 19.12 -27.33 -32.79
CA PRO H 17 20.41 -27.62 -33.46
C PRO H 17 21.25 -26.38 -33.76
N GLU H 18 20.65 -25.28 -34.19
CA GLU H 18 21.45 -24.09 -34.52
C GLU H 18 22.13 -23.52 -33.28
N ILE H 19 21.39 -23.45 -32.16
CA ILE H 19 21.99 -22.92 -30.95
C ILE H 19 22.82 -23.99 -30.25
N TYR H 20 22.57 -25.26 -30.59
CA TYR H 20 23.53 -26.31 -30.25
C TYR H 20 24.88 -26.03 -30.89
N ARG H 21 24.88 -25.64 -32.17
CA ARG H 21 26.13 -25.44 -32.89
C ARG H 21 26.85 -24.17 -32.45
N THR H 22 26.13 -23.06 -32.29
CA THR H 22 26.82 -21.81 -31.94
C THR H 22 27.43 -21.87 -30.54
N PHE H 23 27.04 -22.87 -29.74
CA PHE H 23 27.54 -23.04 -28.38
C PHE H 23 28.70 -24.03 -28.36
N GLU H 24 29.82 -23.64 -28.96
CA GLU H 24 31.07 -24.40 -28.88
C GLU H 24 30.92 -25.80 -29.47
N GLU H 25 29.92 -26.00 -30.32
CA GLU H 25 29.66 -27.29 -30.97
C GLU H 25 29.61 -28.45 -29.97
N ARG H 28 27.07 -32.62 -26.03
CA ARG H 28 27.51 -32.62 -24.64
C ARG H 28 28.46 -31.46 -24.36
N GLY H 29 29.36 -31.19 -25.30
CA GLY H 29 30.31 -30.11 -25.11
C GLY H 29 29.64 -28.76 -24.97
N ALA H 30 28.53 -28.55 -25.69
CA ALA H 30 27.81 -27.30 -25.58
C ALA H 30 27.37 -27.04 -24.15
N MET H 31 26.83 -28.08 -23.49
CA MET H 31 26.37 -27.92 -22.12
C MET H 31 27.49 -27.50 -21.18
N GLU H 32 28.65 -28.16 -21.25
CA GLU H 32 29.72 -27.87 -20.31
C GLU H 32 30.37 -26.53 -20.59
N THR H 33 30.52 -26.17 -21.87
CA THR H 33 31.03 -24.85 -22.19
C THR H 33 30.08 -23.76 -21.71
N PHE H 34 28.77 -23.97 -21.94
CA PHE H 34 27.76 -23.06 -21.43
C PHE H 34 27.85 -22.94 -19.92
N ILE H 35 28.05 -24.06 -19.23
CA ILE H 35 28.11 -24.06 -17.77
C ILE H 35 29.29 -23.26 -17.27
N HIS H 36 30.47 -23.50 -17.84
CA HIS H 36 31.64 -22.74 -17.41
C HIS H 36 31.46 -21.26 -17.66
N LEU H 37 30.97 -20.90 -18.86
CA LEU H 37 30.71 -19.51 -19.17
C LEU H 37 29.70 -18.90 -18.20
N ALA H 38 28.66 -19.66 -17.85
CA ALA H 38 27.61 -19.19 -16.97
C ALA H 38 28.09 -18.94 -15.55
N LEU H 39 28.96 -19.81 -15.04
CA LEU H 39 29.39 -19.68 -13.65
C LEU H 39 30.13 -18.38 -13.41
N ASN H 40 30.61 -17.72 -14.46
CA ASN H 40 31.37 -16.49 -14.31
C ASN H 40 30.46 -15.26 -14.33
N SER H 41 30.92 -14.23 -13.61
CA SER H 41 30.35 -12.87 -13.58
C SER H 41 29.02 -12.77 -12.86
N ARG H 42 28.53 -13.85 -12.24
CA ARG H 42 27.36 -13.81 -11.38
C ARG H 42 26.13 -13.23 -12.10
N ALA H 43 25.94 -13.64 -13.35
CA ALA H 43 24.70 -13.43 -14.05
C ALA H 43 23.74 -14.55 -13.66
N GLU H 44 22.85 -14.27 -12.71
CA GLU H 44 21.95 -15.29 -12.20
C GLU H 44 21.01 -15.75 -13.30
N PHE H 45 20.87 -17.06 -13.46
CA PHE H 45 19.95 -17.61 -14.44
C PHE H 45 18.73 -18.18 -13.73
N TYR H 46 17.75 -18.60 -14.51
CA TYR H 46 16.58 -19.27 -13.95
C TYR H 46 15.98 -20.18 -15.01
N MET H 47 15.25 -21.20 -14.57
CA MET H 47 14.53 -22.05 -15.50
C MET H 47 13.44 -22.80 -14.75
N PRO H 48 12.20 -22.75 -15.24
CA PRO H 48 11.10 -23.43 -14.54
C PRO H 48 11.24 -24.95 -14.53
N THR H 49 10.63 -25.57 -13.52
CA THR H 49 10.73 -27.01 -13.35
C THR H 49 10.08 -27.76 -14.51
N SER H 50 8.94 -27.28 -14.99
CA SER H 50 8.25 -27.97 -16.08
C SER H 50 9.14 -28.06 -17.31
N VAL H 51 9.74 -26.93 -17.70
CA VAL H 51 10.69 -26.93 -18.81
C VAL H 51 11.82 -27.90 -18.54
N TYR H 52 12.29 -27.94 -17.29
CA TYR H 52 13.39 -28.83 -16.93
C TYR H 52 13.02 -30.28 -17.15
N THR H 53 11.83 -30.70 -16.73
CA THR H 53 11.46 -32.09 -16.86
C THR H 53 11.19 -32.46 -18.32
N GLU H 54 10.56 -31.55 -19.09
CA GLU H 54 10.40 -31.84 -20.51
C GLU H 54 11.75 -31.98 -21.22
N MET H 55 12.68 -31.09 -20.90
CA MET H 55 13.99 -31.13 -21.55
C MET H 55 14.75 -32.40 -21.17
N ARG H 56 14.78 -32.74 -19.88
CA ARG H 56 15.49 -33.93 -19.46
C ARG H 56 14.85 -35.20 -20.02
N LYS H 57 13.52 -35.21 -20.12
CA LYS H 57 12.83 -36.32 -20.77
C LYS H 57 13.22 -36.42 -22.24
N ILE H 58 13.34 -35.28 -22.92
CA ILE H 58 13.67 -35.30 -24.34
C ILE H 58 15.16 -35.54 -24.55
N MET H 59 16.00 -34.87 -23.78
CA MET H 59 17.45 -34.94 -23.95
C MET H 59 18.11 -35.25 -22.62
N ASP H 60 19.15 -36.08 -22.66
CA ASP H 60 19.84 -36.52 -21.45
C ASP H 60 21.35 -36.46 -21.66
N VAL H 61 22.06 -35.95 -20.66
CA VAL H 61 23.52 -35.95 -20.64
C VAL H 61 23.97 -36.61 -19.35
N GLY H 62 25.04 -37.40 -19.43
CA GLY H 62 25.50 -38.16 -18.29
C GLY H 62 26.34 -37.40 -17.29
N GLU H 63 25.82 -37.27 -16.07
CA GLU H 63 26.57 -36.83 -14.90
C GLU H 63 27.02 -35.37 -15.00
N LEU H 64 26.76 -34.71 -16.12
CA LEU H 64 27.04 -33.28 -16.25
C LEU H 64 25.99 -32.42 -15.56
N TRP H 65 24.85 -33.01 -15.22
CA TRP H 65 23.75 -32.24 -14.65
C TRP H 65 24.11 -31.55 -13.35
N ALA H 66 25.16 -32.01 -12.65
CA ALA H 66 25.46 -31.49 -11.32
C ALA H 66 25.69 -29.97 -11.36
N GLU H 67 26.59 -29.51 -12.23
CA GLU H 67 26.86 -28.08 -12.26
C GLU H 67 25.69 -27.32 -12.88
N PHE H 68 24.87 -28.00 -13.69
CA PHE H 68 23.67 -27.36 -14.21
C PHE H 68 22.70 -27.06 -13.08
N GLU H 69 22.52 -28.01 -12.16
CA GLU H 69 21.76 -27.72 -10.96
C GLU H 69 22.44 -26.65 -10.12
N MET H 70 23.77 -26.58 -10.19
CA MET H 70 24.50 -25.54 -9.45
C MET H 70 24.11 -24.15 -9.90
N VAL H 71 24.17 -23.88 -11.20
CA VAL H 71 24.12 -22.50 -11.69
C VAL H 71 22.70 -22.10 -12.10
N VAL H 72 22.01 -22.94 -12.85
CA VAL H 72 20.70 -22.60 -13.39
C VAL H 72 19.64 -22.99 -12.36
N LYS H 73 19.09 -22.00 -11.68
CA LYS H 73 18.10 -22.27 -10.64
C LYS H 73 16.80 -22.76 -11.26
N ILE H 74 16.12 -23.65 -10.55
CA ILE H 74 14.93 -24.33 -11.06
C ILE H 74 13.76 -24.03 -10.13
N ARG H 75 12.99 -23.00 -10.45
CA ARG H 75 11.85 -22.60 -9.63
C ARG H 75 10.53 -22.97 -10.30
N SER H 76 9.45 -22.52 -9.67
CA SER H 76 8.12 -22.43 -10.24
C SER H 76 7.66 -20.99 -10.05
N PRO H 77 6.82 -20.48 -10.96
CA PRO H 77 6.60 -19.02 -11.00
C PRO H 77 5.93 -18.42 -9.78
N ARG H 78 5.50 -19.21 -8.80
CA ARG H 78 4.62 -18.72 -7.74
C ARG H 78 3.36 -18.09 -8.35
N ARG H 79 2.59 -18.94 -9.03
CA ARG H 79 1.46 -18.46 -9.81
C ARG H 79 0.31 -17.95 -8.96
N PHE H 80 0.48 -17.83 -7.64
CA PHE H 80 -0.59 -17.35 -6.80
C PHE H 80 -0.51 -15.84 -6.55
N GLN H 81 0.66 -15.24 -6.76
CA GLN H 81 0.81 -13.81 -6.54
C GLN H 81 0.96 -13.03 -7.83
N LEU H 82 0.71 -13.65 -8.99
CA LEU H 82 0.89 -12.99 -10.27
C LEU H 82 -0.45 -12.78 -10.95
N THR H 83 -0.52 -11.70 -11.75
CA THR H 83 -1.72 -11.35 -12.49
C THR H 83 -1.31 -10.93 -13.89
N VAL H 84 -2.03 -11.44 -14.89
CA VAL H 84 -1.76 -11.14 -16.28
C VAL H 84 -2.89 -10.26 -16.81
N PRO H 85 -2.58 -9.18 -17.53
CA PRO H 85 -3.64 -8.26 -17.96
C PRO H 85 -4.65 -8.92 -18.87
N ALA H 86 -5.90 -8.44 -18.78
CA ALA H 86 -7.01 -9.11 -19.46
C ALA H 86 -6.87 -9.04 -20.98
N ASP H 87 -6.35 -7.92 -21.51
CA ASP H 87 -6.24 -7.79 -22.95
C ASP H 87 -5.33 -8.85 -23.54
N PHE H 88 -4.34 -9.31 -22.77
CA PHE H 88 -3.49 -10.41 -23.21
C PHE H 88 -4.31 -11.66 -23.48
N LEU H 89 -5.15 -12.06 -22.54
CA LEU H 89 -6.00 -13.22 -22.73
C LEU H 89 -6.97 -13.02 -23.87
N TYR H 90 -7.54 -11.80 -23.98
CA TYR H 90 -8.47 -11.50 -25.06
C TYR H 90 -7.82 -11.73 -26.41
N GLU H 91 -6.63 -11.16 -26.61
CA GLU H 91 -5.94 -11.32 -27.89
C GLU H 91 -5.55 -12.77 -28.15
N PHE H 92 -5.07 -13.47 -27.11
CA PHE H 92 -4.71 -14.88 -27.26
C PHE H 92 -5.88 -15.68 -27.81
N ILE H 93 -7.04 -15.57 -27.18
CA ILE H 93 -8.17 -16.39 -27.59
C ILE H 93 -8.73 -15.93 -28.94
N GLU H 94 -8.71 -14.62 -29.20
CA GLU H 94 -9.17 -14.13 -30.49
C GLU H 94 -8.34 -14.70 -31.64
N GLU H 95 -7.02 -14.77 -31.45
CA GLU H 95 -6.18 -15.35 -32.49
C GLU H 95 -6.33 -16.87 -32.57
N LEU H 96 -6.51 -17.52 -31.42
CA LEU H 96 -6.65 -18.97 -31.40
C LEU H 96 -7.87 -19.43 -32.19
N ARG H 97 -8.95 -18.66 -32.15
CA ARG H 97 -10.13 -19.04 -32.92
C ARG H 97 -9.82 -19.14 -34.42
N TYR H 98 -9.12 -18.14 -34.96
CA TYR H 98 -8.72 -18.19 -36.37
C TYR H 98 -7.85 -19.40 -36.66
N ARG H 99 -6.90 -19.68 -35.75
CA ARG H 99 -6.03 -20.83 -35.95
C ARG H 99 -6.84 -22.12 -36.05
N ILE H 100 -7.82 -22.29 -35.16
CA ILE H 100 -8.63 -23.51 -35.16
C ILE H 100 -9.39 -23.66 -36.47
N ASN H 101 -9.98 -22.56 -36.95
CA ASN H 101 -10.70 -22.64 -38.23
C ASN H 101 -9.77 -23.02 -39.38
N LYS H 102 -8.58 -22.44 -39.41
CA LYS H 102 -7.62 -22.78 -40.46
C LYS H 102 -7.25 -24.27 -40.40
N GLY H 103 -7.03 -24.78 -39.20
CA GLY H 103 -6.73 -26.20 -39.06
C GLY H 103 -7.85 -27.08 -39.56
N LEU H 104 -9.09 -26.71 -39.26
CA LEU H 104 -10.23 -27.49 -39.75
C LEU H 104 -10.29 -27.50 -41.27
N ARG H 105 -10.05 -26.34 -41.89
CA ARG H 105 -10.07 -26.28 -43.35
C ARG H 105 -8.98 -27.16 -43.97
N ILE H 106 -7.78 -27.14 -43.37
CA ILE H 106 -6.70 -27.99 -43.89
C ILE H 106 -7.07 -29.46 -43.75
N ALA H 107 -7.66 -29.83 -42.61
CA ALA H 107 -8.09 -31.22 -42.43
C ALA H 107 -9.10 -31.61 -43.50
N GLU H 108 -10.06 -30.74 -43.78
CA GLU H 108 -11.03 -31.02 -44.84
C GLU H 108 -10.35 -31.27 -46.18
N GLU H 109 -9.47 -30.36 -46.60
CA GLU H 109 -8.89 -30.50 -47.93
C GLU H 109 -8.03 -31.75 -48.01
N HIS H 110 -7.35 -32.11 -46.92
CA HIS H 110 -6.58 -33.35 -46.94
C HIS H 110 -7.48 -34.59 -46.95
N THR H 111 -8.66 -34.53 -46.33
CA THR H 111 -9.59 -35.65 -46.46
C THR H 111 -10.00 -35.85 -47.91
N ARG H 112 -10.31 -34.76 -48.61
CA ARG H 112 -10.68 -34.90 -50.02
C ARG H 112 -9.52 -35.43 -50.86
N GLU H 113 -8.30 -34.95 -50.59
CA GLU H 113 -7.15 -35.45 -51.33
C GLU H 113 -6.94 -36.94 -51.07
N ALA H 114 -7.15 -37.38 -49.82
CA ALA H 114 -7.06 -38.80 -49.51
C ALA H 114 -8.11 -39.60 -50.27
N SER H 115 -9.33 -39.07 -50.36
CA SER H 115 -10.35 -39.73 -51.16
C SER H 115 -9.94 -39.80 -52.62
N GLY H 116 -9.18 -38.81 -53.10
CA GLY H 116 -8.80 -38.79 -54.50
C GLY H 116 -7.86 -39.92 -54.90
N CYS H 117 -6.77 -40.12 -54.16
CA CYS H 117 -5.72 -41.04 -54.56
C CYS H 117 -5.28 -41.89 -53.38
N GLU H 118 -4.69 -43.05 -53.69
CA GLU H 118 -4.21 -43.99 -52.68
C GLU H 118 -2.72 -43.80 -52.40
N ASP H 119 -2.41 -42.72 -51.70
CA ASP H 119 -1.05 -42.40 -51.27
C ASP H 119 -1.07 -42.02 -49.79
N VAL H 120 -1.67 -42.88 -48.97
CA VAL H 120 -2.10 -42.50 -47.62
C VAL H 120 -0.92 -42.06 -46.76
N GLY H 121 0.22 -42.75 -46.86
CA GLY H 121 1.33 -42.43 -45.96
C GLY H 121 1.90 -41.05 -46.18
N LYS H 122 2.15 -40.70 -47.45
CA LYS H 122 2.67 -39.38 -47.76
C LYS H 122 1.69 -38.28 -47.36
N LEU H 123 0.40 -38.51 -47.59
CA LEU H 123 -0.59 -37.51 -47.22
C LEU H 123 -0.71 -37.36 -45.70
N ILE H 124 -0.57 -38.46 -44.95
CA ILE H 124 -0.55 -38.37 -43.50
C ILE H 124 0.65 -37.55 -43.03
N ALA H 125 1.82 -37.78 -43.64
CA ALA H 125 2.99 -36.99 -43.29
C ALA H 125 2.76 -35.51 -43.60
N ARG H 126 2.14 -35.21 -44.75
CA ARG H 126 1.85 -33.83 -45.11
C ARG H 126 0.85 -33.21 -44.15
N LEU H 127 -0.12 -33.99 -43.68
CA LEU H 127 -1.07 -33.50 -42.68
C LEU H 127 -0.38 -33.17 -41.37
N ARG H 128 0.54 -34.04 -40.93
CA ARG H 128 1.36 -33.70 -39.77
C ARG H 128 2.08 -32.38 -39.95
N GLU H 129 2.69 -32.16 -41.11
CA GLU H 129 3.36 -30.89 -41.35
C GLU H 129 2.42 -29.69 -41.33
N LYS H 130 1.27 -29.80 -42.02
CA LYS H 130 0.40 -28.64 -42.18
C LYS H 130 -0.40 -28.31 -40.93
N TYR H 131 -0.92 -29.31 -40.22
CA TYR H 131 -1.73 -29.04 -39.04
C TYR H 131 -0.92 -28.38 -37.94
N ARG H 132 0.30 -28.88 -37.70
CA ARG H 132 1.17 -28.29 -36.69
C ARG H 132 1.50 -26.85 -37.03
N GLU H 133 1.77 -26.56 -38.31
CA GLU H 133 2.00 -25.18 -38.73
C GLU H 133 0.73 -24.34 -38.58
N ALA H 134 -0.44 -24.95 -38.73
CA ALA H 134 -1.68 -24.20 -38.67
C ALA H 134 -2.00 -23.79 -37.23
N LEU H 135 -1.76 -24.66 -36.26
CA LEU H 135 -2.14 -24.38 -34.88
C LEU H 135 -0.96 -24.09 -33.96
N ARG H 136 0.00 -24.99 -33.86
CA ARG H 136 1.02 -24.88 -32.83
C ARG H 136 2.02 -23.78 -33.14
N GLN H 137 2.15 -23.41 -34.41
CA GLN H 137 3.16 -22.44 -34.81
C GLN H 137 2.61 -21.02 -34.70
N GLY H 138 3.24 -20.20 -33.87
CA GLY H 138 2.95 -18.78 -33.82
C GLY H 138 2.51 -18.26 -32.46
N ILE H 139 1.89 -19.09 -31.63
CA ILE H 139 1.39 -18.64 -30.34
C ILE H 139 1.88 -19.60 -29.25
N LEU H 140 1.49 -19.31 -28.01
CA LEU H 140 1.81 -20.15 -26.87
C LEU H 140 1.06 -21.47 -27.02
N ASP H 141 1.79 -22.56 -27.24
CA ASP H 141 1.13 -23.84 -27.50
C ASP H 141 0.95 -24.65 -26.22
N SER H 142 2.06 -24.96 -25.53
CA SER H 142 2.04 -25.82 -24.36
C SER H 142 2.11 -24.99 -23.09
N LYS H 143 2.19 -25.67 -21.95
CA LYS H 143 2.23 -24.98 -20.66
C LYS H 143 3.63 -24.54 -20.28
N GLU H 144 4.66 -25.19 -20.85
CA GLU H 144 6.03 -24.78 -20.54
C GLU H 144 6.28 -23.34 -20.96
N ASP H 145 5.71 -22.91 -22.08
CA ASP H 145 5.90 -21.55 -22.55
C ASP H 145 5.25 -20.54 -21.61
N VAL H 146 4.04 -20.85 -21.15
CA VAL H 146 3.36 -19.98 -20.20
C VAL H 146 4.13 -19.90 -18.89
N ASP H 147 4.69 -21.03 -18.47
CA ASP H 147 5.51 -21.04 -17.27
C ASP H 147 6.74 -20.16 -17.45
N VAL H 148 7.38 -20.21 -18.63
CA VAL H 148 8.53 -19.35 -18.89
C VAL H 148 8.11 -17.88 -18.81
N LEU H 149 6.98 -17.54 -19.43
CA LEU H 149 6.50 -16.16 -19.37
C LEU H 149 6.30 -15.71 -17.93
N LEU H 150 5.57 -16.49 -17.14
CA LEU H 150 5.26 -16.05 -15.80
C LEU H 150 6.49 -15.96 -14.91
N LEU H 151 7.41 -16.93 -15.03
CA LEU H 151 8.64 -16.84 -14.26
C LEU H 151 9.45 -15.62 -14.66
N ALA H 152 9.54 -15.33 -15.96
CA ALA H 152 10.30 -14.18 -16.41
C ALA H 152 9.59 -12.87 -16.14
N TYR H 153 8.30 -12.91 -15.85
CA TYR H 153 7.52 -11.70 -15.68
C TYR H 153 7.66 -11.16 -14.26
N GLU H 154 7.76 -12.05 -13.26
CA GLU H 154 7.87 -11.58 -11.88
C GLU H 154 9.29 -11.16 -11.51
N LEU H 155 10.32 -11.81 -12.04
CA LEU H 155 11.69 -11.48 -11.69
C LEU H 155 12.26 -10.36 -12.53
N ASP H 156 11.49 -9.83 -13.48
CA ASP H 156 11.99 -8.83 -14.43
C ASP H 156 13.25 -9.34 -15.12
N GLY H 157 13.19 -10.59 -15.56
CA GLY H 157 14.33 -11.23 -16.18
C GLY H 157 14.34 -11.08 -17.68
N VAL H 158 15.46 -11.46 -18.28
CA VAL H 158 15.67 -11.32 -19.72
C VAL H 158 15.35 -12.65 -20.37
N LEU H 159 14.17 -12.75 -20.99
CA LEU H 159 13.75 -14.00 -21.60
C LEU H 159 14.68 -14.37 -22.74
N VAL H 160 15.01 -15.66 -22.83
CA VAL H 160 15.93 -16.16 -23.85
C VAL H 160 15.29 -17.36 -24.51
N SER H 161 14.86 -17.22 -25.77
CA SER H 161 14.20 -18.32 -26.44
C SER H 161 14.35 -18.17 -27.95
N ALA H 162 14.35 -19.32 -28.62
CA ALA H 162 14.33 -19.39 -30.07
C ALA H 162 12.92 -19.61 -30.62
N ASP H 163 11.92 -19.57 -29.76
CA ASP H 163 10.54 -19.79 -30.17
C ASP H 163 9.94 -18.49 -30.68
N GLU H 164 9.50 -18.48 -31.94
CA GLU H 164 8.94 -17.27 -32.51
C GLU H 164 7.51 -17.00 -32.07
N GLY H 165 6.84 -17.98 -31.47
CA GLY H 165 5.54 -17.73 -30.89
C GLY H 165 5.60 -17.27 -29.46
N LEU H 166 6.75 -17.44 -28.81
CA LEU H 166 6.95 -16.95 -27.46
C LEU H 166 7.37 -15.48 -27.45
N ARG H 167 8.16 -15.07 -28.44
CA ARG H 167 8.73 -13.73 -28.43
C ARG H 167 7.66 -12.65 -28.55
N THR H 168 6.70 -12.83 -29.48
CA THR H 168 5.69 -11.80 -29.66
C THR H 168 4.82 -11.66 -28.42
N TRP H 169 4.44 -12.78 -27.80
CA TRP H 169 3.58 -12.72 -26.64
C TRP H 169 4.33 -12.24 -25.41
N ALA H 170 5.64 -12.44 -25.35
CA ALA H 170 6.44 -11.83 -24.30
C ALA H 170 6.62 -10.33 -24.55
N ASP H 171 6.60 -9.91 -25.80
CA ASP H 171 6.67 -8.49 -26.11
C ASP H 171 5.37 -7.78 -25.76
N LYS H 172 4.23 -8.45 -25.91
CA LYS H 172 2.96 -7.82 -25.56
C LYS H 172 2.86 -7.56 -24.06
N ILE H 173 3.43 -8.45 -23.24
CA ILE H 173 3.20 -8.36 -21.80
C ILE H 173 4.11 -7.33 -21.15
N GLY H 174 5.27 -7.06 -21.74
CA GLY H 174 6.21 -6.12 -21.17
C GLY H 174 7.50 -6.73 -20.68
N ILE H 175 7.84 -7.95 -21.09
CA ILE H 175 9.11 -8.55 -20.70
C ILE H 175 10.18 -8.08 -21.66
N LYS H 176 11.35 -7.73 -21.12
CA LYS H 176 12.48 -7.40 -21.96
C LYS H 176 13.06 -8.67 -22.57
N LEU H 177 13.30 -8.63 -23.88
CA LEU H 177 13.80 -9.78 -24.60
C LEU H 177 15.27 -9.57 -24.94
N ILE H 178 15.90 -10.63 -25.44
CA ILE H 178 17.27 -10.60 -25.89
C ILE H 178 17.35 -11.34 -27.22
N ASP H 179 18.43 -11.13 -27.96
CA ASP H 179 18.63 -11.84 -29.20
C ASP H 179 19.08 -13.27 -28.90
N PRO H 180 18.32 -14.28 -29.29
CA PRO H 180 18.72 -15.66 -28.98
C PRO H 180 19.95 -16.10 -29.74
N LYS H 181 20.17 -15.56 -30.94
CA LYS H 181 21.32 -15.96 -31.75
C LYS H 181 22.64 -15.41 -31.23
N ASN H 182 22.59 -14.30 -30.47
CA ASN H 182 23.79 -13.69 -29.92
C ASN H 182 23.95 -13.95 -28.43
N PHE H 183 23.25 -14.93 -27.87
CA PHE H 183 23.32 -15.16 -26.43
C PHE H 183 24.71 -15.59 -26.01
N LYS H 184 25.35 -16.46 -26.79
CA LYS H 184 26.68 -16.94 -26.42
C LYS H 184 27.69 -15.80 -26.37
N ASN H 185 27.73 -14.98 -27.43
CA ASN H 185 28.64 -13.85 -27.45
C ASN H 185 28.30 -12.84 -26.36
N ILE H 186 27.01 -12.64 -26.10
CA ILE H 186 26.60 -11.73 -25.03
C ILE H 186 27.11 -12.21 -23.68
N LEU H 187 26.95 -13.50 -23.41
CA LEU H 187 27.41 -14.04 -22.14
C LEU H 187 28.93 -13.93 -22.04
N GLU H 188 29.63 -14.20 -23.14
CA GLU H 188 31.09 -14.11 -23.13
C GLU H 188 31.57 -12.70 -22.85
N SER H 189 30.98 -11.71 -23.53
CA SER H 189 31.42 -10.33 -23.34
C SER H 189 31.05 -9.80 -21.96
N LEU H 190 29.94 -10.29 -21.39
CA LEU H 190 29.63 -9.93 -20.01
C LEU H 190 30.61 -10.59 -19.05
N VAL H 191 31.06 -11.79 -19.35
CA VAL H 191 32.01 -12.49 -18.48
C VAL H 191 33.37 -11.80 -18.49
N ARG H 192 33.87 -11.48 -19.68
CA ARG H 192 35.25 -11.00 -19.80
C ARG H 192 35.40 -9.57 -19.29
N HIS H 193 34.72 -8.62 -19.93
CA HIS H 193 34.83 -7.22 -19.54
C HIS H 193 33.89 -6.92 -18.38
N MET I 4 -32.71 7.71 -13.91
CA MET I 4 -32.72 6.88 -15.10
C MET I 4 -31.46 7.14 -15.92
N ASP I 5 -31.40 6.56 -17.12
CA ASP I 5 -30.22 6.68 -17.96
C ASP I 5 -30.02 8.13 -18.40
N VAL I 6 -28.77 8.50 -18.62
CA VAL I 6 -28.38 9.86 -18.99
C VAL I 6 -27.73 9.81 -20.36
N PHE I 7 -28.23 10.62 -21.29
CA PHE I 7 -27.75 10.59 -22.67
C PHE I 7 -26.78 11.74 -22.92
N VAL I 8 -25.67 11.42 -23.57
CA VAL I 8 -24.72 12.45 -24.00
C VAL I 8 -24.99 12.77 -25.47
N LEU I 9 -25.51 13.97 -25.71
CA LEU I 9 -25.90 14.34 -27.05
C LEU I 9 -24.67 14.64 -27.89
N ASP I 10 -24.91 15.12 -29.10
CA ASP I 10 -23.84 15.42 -30.04
C ASP I 10 -24.42 16.37 -31.09
N THR I 11 -23.55 16.89 -31.95
CA THR I 11 -24.02 17.70 -33.06
C THR I 11 -24.66 16.86 -34.16
N SER I 12 -24.35 15.57 -34.20
CA SER I 12 -24.72 14.72 -35.32
C SER I 12 -26.03 13.98 -35.05
N VAL I 13 -26.91 14.60 -34.26
CA VAL I 13 -28.18 13.98 -33.90
C VAL I 13 -29.37 14.82 -34.34
N PHE I 14 -29.19 16.13 -34.51
CA PHE I 14 -30.22 16.95 -35.13
C PHE I 14 -29.63 18.03 -36.03
N THR I 15 -28.64 17.67 -36.86
CA THR I 15 -28.32 18.44 -38.05
C THR I 15 -28.13 17.56 -39.27
N ASN I 16 -27.82 16.28 -39.06
CA ASN I 16 -27.64 15.35 -40.16
C ASN I 16 -28.99 15.15 -40.85
N PRO I 17 -29.06 15.23 -42.18
CA PRO I 17 -30.37 15.19 -42.85
C PRO I 17 -31.22 13.98 -42.55
N GLU I 18 -30.63 12.78 -42.47
CA GLU I 18 -31.43 11.59 -42.20
C GLU I 18 -32.06 11.65 -40.81
N ILE I 19 -31.30 12.08 -39.81
CA ILE I 19 -31.84 12.15 -38.46
C ILE I 19 -32.66 13.42 -38.30
N TYR I 20 -32.44 14.40 -39.17
CA TYR I 20 -33.38 15.51 -39.33
C TYR I 20 -34.75 14.98 -39.72
N ARG I 21 -34.78 14.06 -40.69
CA ARG I 21 -36.06 13.57 -41.21
C ARG I 21 -36.76 12.65 -40.22
N THR I 22 -36.03 11.72 -39.60
CA THR I 22 -36.70 10.77 -38.71
C THR I 22 -37.26 11.45 -37.47
N PHE I 23 -36.85 12.70 -37.22
CA PHE I 23 -37.32 13.46 -36.05
C PHE I 23 -38.48 14.38 -36.45
N GLU I 24 -39.61 13.77 -36.78
CA GLU I 24 -40.86 14.49 -37.01
C GLU I 24 -40.75 15.48 -38.18
N GLU I 25 -39.77 15.27 -39.05
CA GLU I 25 -39.53 16.12 -40.21
C GLU I 25 -39.46 17.60 -39.85
N ARG I 28 -36.81 23.08 -38.28
CA ARG I 28 -37.20 23.70 -37.03
C ARG I 28 -38.13 22.81 -36.22
N GLY I 29 -39.08 22.16 -36.92
CA GLY I 29 -40.01 21.28 -36.24
C GLY I 29 -39.33 20.13 -35.53
N ALA I 30 -38.25 19.61 -36.10
CA ALA I 30 -37.52 18.53 -35.47
C ALA I 30 -37.03 18.95 -34.09
N MET I 31 -36.48 20.15 -33.97
CA MET I 31 -35.96 20.63 -32.69
C MET I 31 -37.06 20.68 -31.63
N GLU I 32 -38.22 21.26 -31.96
CA GLU I 32 -39.25 21.44 -30.95
C GLU I 32 -39.91 20.10 -30.58
N THR I 33 -40.10 19.22 -31.57
CA THR I 33 -40.62 17.90 -31.24
C THR I 33 -39.64 17.13 -30.36
N PHE I 34 -38.35 17.20 -30.69
CA PHE I 34 -37.32 16.60 -29.85
C PHE I 34 -37.35 17.19 -28.44
N ILE I 35 -37.54 18.50 -28.33
CA ILE I 35 -37.55 19.15 -27.03
C ILE I 35 -38.71 18.66 -26.18
N HIS I 36 -39.91 18.64 -26.75
CA HIS I 36 -41.07 18.17 -26.00
C HIS I 36 -40.89 16.73 -25.57
N LEU I 37 -40.43 15.87 -26.50
CA LEU I 37 -40.18 14.49 -26.15
C LEU I 37 -39.15 14.36 -25.04
N ALA I 38 -38.10 15.19 -25.11
CA ALA I 38 -37.00 15.15 -24.13
C ALA I 38 -37.44 15.57 -22.74
N LEU I 39 -38.29 16.60 -22.65
CA LEU I 39 -38.68 17.11 -21.34
C LEU I 39 -39.42 16.05 -20.52
N ASN I 40 -39.92 15.00 -21.14
CA ASN I 40 -40.67 13.98 -20.43
C ASN I 40 -39.76 12.86 -19.93
N SER I 41 -40.18 12.26 -18.81
CA SER I 41 -39.61 11.06 -18.19
C SER I 41 -38.25 11.28 -17.53
N ARG I 42 -37.76 12.51 -17.49
CA ARG I 42 -36.55 12.84 -16.74
C ARG I 42 -35.35 12.00 -17.16
N ALA I 43 -35.21 11.81 -18.47
CA ALA I 43 -33.98 11.28 -19.03
C ALA I 43 -33.02 12.45 -19.21
N GLU I 44 -32.09 12.62 -18.27
CA GLU I 44 -31.18 13.75 -18.30
C GLU I 44 -30.28 13.65 -19.52
N PHE I 45 -30.15 14.75 -20.25
CA PHE I 45 -29.27 14.80 -21.40
C PHE I 45 -28.03 15.61 -21.06
N TYR I 46 -27.07 15.64 -21.98
CA TYR I 46 -25.89 16.48 -21.81
C TYR I 46 -25.33 16.80 -23.18
N MET I 47 -24.59 17.90 -23.27
CA MET I 47 -23.90 18.24 -24.50
C MET I 47 -22.79 19.23 -24.21
N PRO I 48 -21.57 18.96 -24.65
CA PRO I 48 -20.45 19.87 -24.37
C PRO I 48 -20.60 21.21 -25.04
N THR I 49 -19.96 22.23 -24.42
CA THR I 49 -20.05 23.60 -24.93
C THR I 49 -19.45 23.73 -26.32
N SER I 50 -18.31 23.08 -26.57
CA SER I 50 -17.67 23.20 -27.87
C SER I 50 -18.59 22.74 -28.98
N VAL I 51 -19.21 21.56 -28.81
CA VAL I 51 -20.18 21.07 -29.77
C VAL I 51 -21.32 22.07 -29.92
N TYR I 52 -21.74 22.67 -28.81
CA TYR I 52 -22.84 23.65 -28.86
C TYR I 52 -22.49 24.84 -29.73
N THR I 53 -21.28 25.38 -29.56
CA THR I 53 -20.91 26.56 -30.33
C THR I 53 -20.70 26.23 -31.79
N GLU I 54 -20.10 25.07 -32.10
CA GLU I 54 -19.97 24.68 -33.50
C GLU I 54 -21.34 24.50 -34.15
N MET I 55 -22.27 23.86 -33.44
CA MET I 55 -23.59 23.63 -34.01
C MET I 55 -24.34 24.93 -34.22
N ARG I 56 -24.33 25.81 -33.21
CA ARG I 56 -25.04 27.08 -33.35
C ARG I 56 -24.42 27.95 -34.43
N LYS I 57 -23.09 27.91 -34.58
CA LYS I 57 -22.44 28.59 -35.67
C LYS I 57 -22.87 28.03 -37.02
N ILE I 58 -23.01 26.71 -37.11
CA ILE I 58 -23.38 26.09 -38.38
C ILE I 58 -24.87 26.23 -38.63
N MET I 59 -25.69 25.99 -37.61
CA MET I 59 -27.14 25.99 -37.76
C MET I 59 -27.76 26.87 -36.69
N ASP I 60 -28.80 27.60 -37.06
CA ASP I 60 -29.45 28.54 -36.16
C ASP I 60 -30.97 28.42 -36.27
N VAL I 61 -31.65 28.41 -35.13
CA VAL I 61 -33.11 28.43 -35.06
C VAL I 61 -33.52 29.61 -34.20
N GLY I 62 -34.60 30.28 -34.59
CA GLY I 62 -35.02 31.49 -33.91
C GLY I 62 -35.82 31.26 -32.64
N GLU I 63 -35.27 31.69 -31.51
CA GLU I 63 -35.98 31.82 -30.24
C GLU I 63 -36.44 30.49 -29.66
N LEU I 64 -36.20 29.39 -30.38
CA LEU I 64 -36.48 28.06 -29.85
C LEU I 64 -35.41 27.59 -28.88
N TRP I 65 -34.25 28.26 -28.86
CA TRP I 65 -33.13 27.81 -28.05
C TRP I 65 -33.45 27.79 -26.55
N ALA I 66 -34.48 28.51 -26.12
CA ALA I 66 -34.74 28.64 -24.69
C ALA I 66 -34.96 27.29 -24.03
N GLU I 67 -35.88 26.49 -24.57
CA GLU I 67 -36.15 25.20 -23.95
C GLU I 67 -34.99 24.24 -24.19
N PHE I 68 -34.21 24.47 -25.25
CA PHE I 68 -33.02 23.66 -25.47
C PHE I 68 -32.02 23.88 -24.35
N GLU I 69 -31.81 25.13 -23.96
CA GLU I 69 -31.00 25.42 -22.78
C GLU I 69 -31.66 24.84 -21.52
N MET I 70 -32.99 24.76 -21.51
CA MET I 70 -33.69 24.17 -20.38
C MET I 70 -33.31 22.72 -20.16
N VAL I 71 -33.41 21.89 -21.20
CA VAL I 71 -33.36 20.44 -21.02
C VAL I 71 -31.97 19.88 -21.24
N VAL I 72 -31.30 20.29 -22.32
CA VAL I 72 -30.00 19.74 -22.68
C VAL I 72 -28.93 20.54 -21.97
N LYS I 73 -28.34 19.96 -20.93
CA LYS I 73 -27.32 20.65 -20.16
C LYS I 73 -26.04 20.79 -20.96
N ILE I 74 -25.33 21.90 -20.75
CA ILE I 74 -24.17 22.27 -21.55
C ILE I 74 -22.97 22.40 -20.62
N ARG I 75 -22.20 21.34 -20.47
CA ARG I 75 -21.04 21.34 -19.59
C ARG I 75 -19.74 21.34 -20.38
N SER I 76 -18.65 21.22 -19.66
CA SER I 76 -17.33 20.87 -20.17
C SER I 76 -16.86 19.66 -19.37
N PRO I 77 -16.04 18.80 -19.97
CA PRO I 77 -15.82 17.47 -19.37
C PRO I 77 -15.12 17.47 -18.03
N ARG I 78 -14.65 18.61 -17.53
CA ARG I 78 -13.73 18.64 -16.37
C ARG I 78 -12.51 17.79 -16.68
N ARG I 79 -11.75 18.23 -17.68
CA ARG I 79 -10.65 17.45 -18.21
C ARG I 79 -9.46 17.37 -17.25
N PHE I 80 -9.60 17.85 -16.02
CA PHE I 80 -8.49 17.78 -15.08
C PHE I 80 -8.56 16.55 -14.19
N GLN I 81 -9.73 15.93 -14.06
CA GLN I 81 -9.87 14.75 -13.21
C GLN I 81 -10.06 13.47 -14.01
N LEU I 82 -9.85 13.51 -15.32
CA LEU I 82 -10.07 12.36 -16.18
C LEU I 82 -8.75 11.83 -16.72
N THR I 83 -8.70 10.52 -16.95
CA THR I 83 -7.53 9.86 -17.51
C THR I 83 -7.97 8.85 -18.55
N VAL I 84 -7.28 8.86 -19.69
CA VAL I 84 -7.60 7.97 -20.81
C VAL I 84 -6.48 6.93 -20.90
N PRO I 85 -6.80 5.64 -21.06
CA PRO I 85 -5.76 4.62 -21.06
C PRO I 85 -4.77 4.80 -22.20
N ALA I 86 -3.53 4.39 -21.94
CA ALA I 86 -2.44 4.67 -22.87
C ALA I 86 -2.63 3.93 -24.20
N ASP I 87 -3.16 2.71 -24.14
CA ASP I 87 -3.31 1.93 -25.38
C ASP I 87 -4.25 2.63 -26.35
N PHE I 88 -5.22 3.40 -25.84
CA PHE I 88 -6.08 4.19 -26.70
C PHE I 88 -5.29 5.17 -27.53
N LEU I 89 -4.41 5.94 -26.89
CA LEU I 89 -3.58 6.89 -27.61
C LEU I 89 -2.64 6.17 -28.57
N TYR I 90 -2.06 5.05 -28.14
CA TYR I 90 -1.17 4.28 -28.99
C TYR I 90 -1.86 3.87 -30.28
N GLU I 91 -3.06 3.29 -30.18
CA GLU I 91 -3.79 2.87 -31.36
C GLU I 91 -4.20 4.06 -32.22
N PHE I 92 -4.64 5.15 -31.61
CA PHE I 92 -5.01 6.34 -32.36
C PHE I 92 -3.86 6.80 -33.25
N ILE I 93 -2.68 6.98 -32.67
CA ILE I 93 -1.57 7.51 -33.44
C ILE I 93 -1.05 6.49 -34.46
N GLU I 94 -1.06 5.21 -34.10
CA GLU I 94 -0.65 4.18 -35.04
C GLU I 94 -1.51 4.19 -36.29
N GLU I 95 -2.83 4.34 -36.13
CA GLU I 95 -3.71 4.40 -37.29
C GLU I 95 -3.56 5.72 -38.05
N LEU I 96 -3.35 6.82 -37.32
CA LEU I 96 -3.22 8.12 -37.95
C LEU I 96 -2.03 8.16 -38.90
N ARG I 97 -0.94 7.48 -38.56
CA ARG I 97 0.21 7.47 -39.45
C ARG I 97 -0.14 6.89 -40.82
N TYR I 98 -0.87 5.76 -40.84
CA TYR I 98 -1.30 5.17 -42.10
C TYR I 98 -2.20 6.13 -42.87
N ARG I 99 -3.11 6.79 -42.16
CA ARG I 99 -3.99 7.74 -42.84
C ARG I 99 -3.19 8.84 -43.52
N ILE I 100 -2.18 9.38 -42.84
CA ILE I 100 -1.38 10.47 -43.41
C ILE I 100 -0.67 10.00 -44.67
N ASN I 101 -0.08 8.80 -44.63
CA ASN I 101 0.60 8.29 -45.82
C ASN I 101 -0.37 8.13 -46.99
N LYS I 102 -1.57 7.60 -46.72
CA LYS I 102 -2.55 7.45 -47.79
C LYS I 102 -2.93 8.80 -48.39
N GLY I 103 -3.11 9.81 -47.54
CA GLY I 103 -3.42 11.14 -48.05
C GLY I 103 -2.31 11.70 -48.93
N LEU I 104 -1.06 11.49 -48.53
CA LEU I 104 0.06 11.96 -49.35
C LEU I 104 0.06 11.27 -50.71
N ARG I 105 -0.19 9.96 -50.75
CA ARG I 105 -0.21 9.25 -52.01
C ARG I 105 -1.33 9.77 -52.92
N ILE I 106 -2.51 10.02 -52.35
CA ILE I 106 -3.60 10.57 -53.15
C ILE I 106 -3.24 11.94 -53.71
N ALA I 107 -2.60 12.77 -52.88
CA ALA I 107 -2.19 14.10 -53.35
C ALA I 107 -1.21 13.96 -54.51
N GLU I 108 -0.25 13.04 -54.40
CA GLU I 108 0.68 12.80 -55.50
C GLU I 108 -0.04 12.43 -56.78
N GLU I 109 -0.93 11.44 -56.73
CA GLU I 109 -1.55 10.98 -57.96
C GLU I 109 -2.42 12.07 -58.57
N HIS I 110 -3.06 12.89 -57.73
CA HIS I 110 -3.84 14.00 -58.30
C HIS I 110 -2.96 15.08 -58.88
N THR I 111 -1.76 15.30 -58.34
CA THR I 111 -0.82 16.23 -58.98
C THR I 111 -0.46 15.75 -60.38
N ARG I 112 -0.17 14.46 -60.53
CA ARG I 112 0.15 13.95 -61.86
C ARG I 112 -1.03 14.05 -62.81
N GLU I 113 -2.24 13.76 -62.32
CA GLU I 113 -3.41 13.89 -63.18
C GLU I 113 -3.63 15.34 -63.59
N ALA I 114 -3.38 16.29 -62.69
CA ALA I 114 -3.47 17.70 -63.05
C ALA I 114 -2.45 18.07 -64.11
N SER I 115 -1.23 17.54 -63.99
CA SER I 115 -0.23 17.76 -65.03
C SER I 115 -0.69 17.17 -66.36
N GLY I 116 -1.46 16.08 -66.32
CA GLY I 116 -1.90 15.43 -67.54
C GLY I 116 -2.84 16.28 -68.39
N CYS I 117 -3.91 16.78 -67.78
CA CYS I 117 -4.98 17.45 -68.53
C CYS I 117 -5.38 18.75 -67.84
N GLU I 118 -5.99 19.65 -68.62
CA GLU I 118 -6.44 20.95 -68.12
C GLU I 118 -7.92 20.92 -67.75
N ASP I 119 -8.21 20.26 -66.62
CA ASP I 119 -9.55 20.19 -66.05
C ASP I 119 -9.48 20.52 -64.56
N VAL I 120 -8.85 21.65 -64.24
CA VAL I 120 -8.38 21.91 -62.88
C VAL I 120 -9.54 21.91 -61.88
N GLY I 121 -10.68 22.50 -62.23
CA GLY I 121 -11.75 22.63 -61.26
C GLY I 121 -12.32 21.30 -60.82
N LYS I 122 -12.61 20.42 -61.78
CA LYS I 122 -13.14 19.10 -61.45
C LYS I 122 -12.15 18.29 -60.63
N LEU I 123 -10.86 18.39 -60.97
CA LEU I 123 -9.85 17.64 -60.22
C LEU I 123 -9.69 18.20 -58.81
N ILE I 124 -9.81 19.52 -58.64
CA ILE I 124 -9.78 20.08 -57.28
C ILE I 124 -10.97 19.57 -56.48
N ALA I 125 -12.15 19.53 -57.08
CA ALA I 125 -13.30 18.97 -56.38
C ALA I 125 -13.08 17.51 -56.00
N ARG I 126 -12.50 16.73 -56.92
CA ARG I 126 -12.21 15.33 -56.62
C ARG I 126 -11.17 15.21 -55.51
N LEU I 127 -10.19 16.10 -55.47
CA LEU I 127 -9.21 16.09 -54.39
C LEU I 127 -9.87 16.40 -53.05
N ARG I 128 -10.78 17.38 -53.02
CA ARG I 128 -11.55 17.61 -51.81
C ARG I 128 -12.27 16.36 -51.35
N GLU I 129 -12.91 15.63 -52.26
CA GLU I 129 -13.59 14.40 -51.90
C GLU I 129 -12.64 13.34 -51.37
N LYS I 130 -11.52 13.11 -52.06
CA LYS I 130 -10.65 11.99 -51.72
C LYS I 130 -9.82 12.24 -50.48
N TYR I 131 -9.27 13.45 -50.31
CA TYR I 131 -8.42 13.74 -49.16
C TYR I 131 -9.20 13.65 -47.85
N ARG I 132 -10.41 14.21 -47.83
CA ARG I 132 -11.24 14.16 -46.63
C ARG I 132 -11.58 12.71 -46.28
N GLU I 133 -11.88 11.89 -47.29
CA GLU I 133 -12.11 10.48 -47.03
C GLU I 133 -10.85 9.78 -46.55
N ALA I 134 -9.69 10.24 -47.01
CA ALA I 134 -8.44 9.58 -46.64
C ALA I 134 -8.07 9.85 -45.19
N LEU I 135 -8.29 11.07 -44.71
CA LEU I 135 -7.86 11.44 -43.36
C LEU I 135 -9.00 11.60 -42.37
N ARG I 136 -9.97 12.47 -42.66
CA ARG I 136 -10.95 12.84 -41.65
C ARG I 136 -11.96 11.72 -41.41
N GLN I 137 -12.13 10.83 -42.38
CA GLN I 137 -13.15 9.79 -42.26
C GLN I 137 -12.58 8.57 -41.55
N GLY I 138 -13.19 8.21 -40.42
CA GLY I 138 -12.89 6.97 -39.74
C GLY I 138 -12.41 7.11 -38.30
N ILE I 139 -11.75 8.22 -37.96
CA ILE I 139 -11.22 8.40 -36.62
C ILE I 139 -11.69 9.73 -36.06
N LEU I 140 -11.25 10.03 -34.84
CA LEU I 140 -11.54 11.31 -34.18
C LEU I 140 -10.80 12.40 -34.93
N ASP I 141 -11.54 13.28 -35.61
CA ASP I 141 -10.89 14.30 -36.42
C ASP I 141 -10.68 15.60 -35.65
N SER I 142 -11.77 16.19 -35.15
CA SER I 142 -11.71 17.49 -34.48
C SER I 142 -11.74 17.32 -32.97
N LYS I 143 -11.79 18.45 -32.26
CA LYS I 143 -11.78 18.41 -30.80
C LYS I 143 -13.17 18.21 -30.22
N GLU I 144 -14.22 18.53 -30.99
CA GLU I 144 -15.58 18.32 -30.49
C GLU I 144 -15.84 16.85 -30.21
N ASP I 145 -15.30 15.96 -31.04
CA ASP I 145 -15.50 14.53 -30.82
C ASP I 145 -14.81 14.05 -29.55
N VAL I 146 -13.58 14.51 -29.32
CA VAL I 146 -12.87 14.15 -28.10
C VAL I 146 -13.60 14.69 -26.89
N ASP I 147 -14.16 15.89 -27.00
CA ASP I 147 -14.94 16.44 -25.91
C ASP I 147 -16.18 15.59 -25.63
N VAL I 148 -16.84 15.12 -26.69
CA VAL I 148 -18.00 14.24 -26.49
C VAL I 148 -17.57 12.96 -25.79
N LEU I 149 -16.47 12.37 -26.22
CA LEU I 149 -15.98 11.15 -25.56
C LEU I 149 -15.73 11.39 -24.08
N LEU I 150 -14.98 12.44 -23.74
CA LEU I 150 -14.61 12.64 -22.34
C LEU I 150 -15.82 12.98 -21.48
N LEU I 151 -16.75 13.80 -22.00
CA LEU I 151 -17.95 14.08 -21.24
C LEU I 151 -18.77 12.81 -21.02
N ALA I 152 -18.90 11.97 -22.05
CA ALA I 152 -19.68 10.75 -21.90
C ALA I 152 -18.94 9.69 -21.10
N TYR I 153 -17.64 9.86 -20.90
CA TYR I 153 -16.86 8.84 -20.22
C TYR I 153 -16.94 9.00 -18.71
N GLU I 154 -17.02 10.23 -18.22
CA GLU I 154 -17.09 10.43 -16.77
C GLU I 154 -18.49 10.25 -16.21
N LEU I 155 -19.53 10.59 -16.95
CA LEU I 155 -20.90 10.48 -16.44
C LEU I 155 -21.50 9.10 -16.67
N ASP I 156 -20.75 8.18 -17.29
CA ASP I 156 -21.28 6.88 -17.68
C ASP I 156 -22.55 7.04 -18.49
N GLY I 157 -22.52 7.96 -19.45
CA GLY I 157 -23.67 8.26 -20.26
C GLY I 157 -23.73 7.45 -21.54
N VAL I 158 -24.87 7.53 -22.21
CA VAL I 158 -25.14 6.76 -23.42
C VAL I 158 -24.84 7.66 -24.61
N LEU I 159 -23.68 7.46 -25.23
CA LEU I 159 -23.28 8.30 -26.35
C LEU I 159 -24.25 8.13 -27.52
N VAL I 160 -24.59 9.23 -28.17
CA VAL I 160 -25.55 9.24 -29.27
C VAL I 160 -24.92 10.01 -30.42
N SER I 161 -24.54 9.31 -31.49
CA SER I 161 -23.90 9.98 -32.61
C SER I 161 -24.10 9.19 -33.88
N ALA I 162 -24.13 9.91 -35.00
CA ALA I 162 -24.14 9.31 -36.32
C ALA I 162 -22.77 9.25 -36.95
N ASP I 163 -21.73 9.59 -36.20
CA ASP I 163 -20.36 9.59 -36.71
C ASP I 163 -19.78 8.19 -36.60
N GLU I 164 -19.37 7.62 -37.73
CA GLU I 164 -18.83 6.27 -37.72
C GLU I 164 -17.39 6.21 -37.24
N GLY I 165 -16.71 7.35 -37.16
CA GLY I 165 -15.38 7.37 -36.58
C GLY I 165 -15.39 7.60 -35.09
N LEU I 166 -16.52 8.06 -34.55
CA LEU I 166 -16.67 8.22 -33.11
C LEU I 166 -17.09 6.92 -32.44
N ARG I 167 -17.91 6.11 -33.12
CA ARG I 167 -18.47 4.93 -32.49
C ARG I 167 -17.40 3.90 -32.15
N THR I 168 -16.49 3.63 -33.07
CA THR I 168 -15.47 2.63 -32.80
C THR I 168 -14.56 3.06 -31.66
N TRP I 169 -14.16 4.33 -31.63
CA TRP I 169 -13.27 4.78 -30.59
C TRP I 169 -13.98 4.91 -29.25
N ALA I 170 -15.29 5.13 -29.26
CA ALA I 170 -16.05 5.05 -28.01
C ALA I 170 -16.23 3.63 -27.56
N ASP I 171 -16.24 2.67 -28.49
CA ASP I 171 -16.31 1.28 -28.12
C ASP I 171 -15.01 0.78 -27.53
N LYS I 172 -13.88 1.30 -28.00
CA LYS I 172 -12.59 0.89 -27.44
C LYS I 172 -12.44 1.32 -26.00
N ILE I 173 -12.99 2.50 -25.64
CA ILE I 173 -12.71 3.06 -24.33
C ILE I 173 -13.60 2.45 -23.26
N GLY I 174 -14.78 1.94 -23.62
CA GLY I 174 -15.69 1.38 -22.66
C GLY I 174 -16.98 2.15 -22.46
N ILE I 175 -17.32 3.05 -23.35
CA ILE I 175 -18.58 3.78 -23.25
C ILE I 175 -19.70 2.93 -23.86
N LYS I 176 -20.83 2.89 -23.19
CA LYS I 176 -21.99 2.22 -23.76
C LYS I 176 -22.60 3.08 -24.85
N LEU I 177 -22.88 2.47 -25.99
CA LEU I 177 -23.41 3.17 -27.14
C LEU I 177 -24.89 2.86 -27.31
N ILE I 178 -25.53 3.59 -28.21
CA ILE I 178 -26.92 3.36 -28.55
C ILE I 178 -27.04 3.43 -30.07
N ASP I 179 -28.14 2.92 -30.59
CA ASP I 179 -28.39 3.00 -32.03
C ASP I 179 -28.83 4.41 -32.39
N PRO I 180 -28.08 5.14 -33.22
CA PRO I 180 -28.49 6.51 -33.54
C PRO I 180 -29.74 6.58 -34.38
N LYS I 181 -30.00 5.56 -35.20
CA LYS I 181 -31.17 5.57 -36.07
C LYS I 181 -32.47 5.31 -35.32
N ASN I 182 -32.40 4.67 -34.15
CA ASN I 182 -33.57 4.38 -33.34
C ASN I 182 -33.70 5.29 -32.12
N PHE I 183 -32.98 6.41 -32.09
CA PHE I 183 -33.00 7.26 -30.90
C PHE I 183 -34.38 7.85 -30.68
N LYS I 184 -35.05 8.28 -31.75
CA LYS I 184 -36.37 8.90 -31.59
C LYS I 184 -37.37 7.91 -31.00
N ASN I 185 -37.45 6.70 -31.58
CA ASN I 185 -38.35 5.68 -31.07
C ASN I 185 -37.97 5.28 -29.65
N ILE I 186 -36.67 5.19 -29.36
CA ILE I 186 -36.21 4.86 -28.01
C ILE I 186 -36.69 5.90 -27.02
N LEU I 187 -36.52 7.18 -27.35
CA LEU I 187 -36.96 8.22 -26.44
C LEU I 187 -38.46 8.19 -26.27
N GLU I 188 -39.20 7.94 -27.35
CA GLU I 188 -40.66 7.89 -27.25
C GLU I 188 -41.12 6.75 -26.35
N SER I 189 -40.56 5.56 -26.53
CA SER I 189 -40.99 4.42 -25.74
C SER I 189 -40.56 4.56 -24.28
N LEU I 190 -39.44 5.24 -24.02
CA LEU I 190 -39.09 5.53 -22.65
C LEU I 190 -40.03 6.56 -22.04
N VAL I 191 -40.50 7.51 -22.85
CA VAL I 191 -41.43 8.53 -22.35
C VAL I 191 -42.78 7.93 -22.01
N ARG I 192 -43.32 7.11 -22.91
CA ARG I 192 -44.70 6.64 -22.76
C ARG I 192 -44.82 5.60 -21.66
N HIS I 193 -44.17 4.46 -21.83
CA HIS I 193 -44.25 3.38 -20.84
C HIS I 193 -43.27 3.61 -19.69
N MET J 4 21.26 5.46 -9.42
CA MET J 4 21.43 6.77 -10.04
C MET J 4 20.35 6.98 -11.09
N ASP J 5 20.46 8.07 -11.85
CA ASP J 5 19.46 8.41 -12.85
C ASP J 5 19.41 7.36 -13.95
N VAL J 6 18.22 7.20 -14.53
CA VAL J 6 17.97 6.20 -15.57
C VAL J 6 17.56 6.93 -16.84
N PHE J 7 18.25 6.65 -17.94
CA PHE J 7 18.02 7.35 -19.19
C PHE J 7 17.16 6.52 -20.12
N VAL J 8 16.15 7.14 -20.72
CA VAL J 8 15.34 6.50 -21.75
C VAL J 8 15.87 6.90 -23.11
N LEU J 9 16.48 5.95 -23.80
CA LEU J 9 17.11 6.24 -25.08
C LEU J 9 16.06 6.45 -26.15
N ASP J 10 16.53 6.61 -27.38
CA ASP J 10 15.65 6.83 -28.52
C ASP J 10 16.44 6.48 -29.79
N THR J 11 15.76 6.47 -30.92
CA THR J 11 16.45 6.27 -32.18
C THR J 11 17.23 7.50 -32.61
N SER J 12 16.86 8.67 -32.08
CA SER J 12 17.39 9.94 -32.58
C SER J 12 18.59 10.39 -31.77
N VAL J 13 19.35 9.44 -31.23
CA VAL J 13 20.51 9.75 -30.41
C VAL J 13 21.79 9.18 -31.00
N PHE J 14 21.69 8.12 -31.79
CA PHE J 14 22.85 7.66 -32.53
C PHE J 14 22.49 7.17 -33.94
N THR J 15 21.63 7.92 -34.64
CA THR J 15 21.57 7.83 -36.09
C THR J 15 21.54 9.20 -36.75
N ASN J 16 21.14 10.23 -36.01
CA ASN J 16 21.11 11.58 -36.54
C ASN J 16 22.55 12.03 -36.80
N PRO J 17 22.85 12.59 -37.98
CA PRO J 17 24.26 12.89 -38.32
C PRO J 17 24.97 13.78 -37.33
N GLU J 18 24.33 14.81 -36.78
CA GLU J 18 25.02 15.69 -35.84
C GLU J 18 25.41 14.95 -34.57
N ILE J 19 24.50 14.12 -34.04
CA ILE J 19 24.82 13.39 -32.82
C ILE J 19 25.65 12.16 -33.15
N TYR J 20 25.62 11.73 -34.42
CA TYR J 20 26.62 10.79 -34.91
C TYR J 20 28.01 11.38 -34.77
N ARG J 21 28.17 12.66 -35.15
CA ARG J 21 29.50 13.28 -35.14
C ARG J 21 29.98 13.59 -33.73
N THR J 22 29.11 14.13 -32.87
CA THR J 22 29.57 14.51 -31.54
C THR J 22 29.95 13.29 -30.70
N PHE J 23 29.56 12.09 -31.15
CA PHE J 23 29.85 10.85 -30.44
C PHE J 23 31.09 10.19 -31.04
N GLU J 24 32.24 10.83 -30.81
CA GLU J 24 33.55 10.25 -31.15
C GLU J 24 33.68 9.94 -32.64
N GLU J 25 32.85 10.59 -33.45
CA GLU J 25 32.86 10.41 -34.91
C GLU J 25 32.79 8.94 -35.33
N ARG J 28 30.17 3.51 -37.06
CA ARG J 28 30.36 2.35 -36.21
C ARG J 28 31.10 2.70 -34.93
N GLY J 29 32.11 3.56 -35.06
CA GLY J 29 32.88 3.97 -33.89
C GLY J 29 32.04 4.67 -32.84
N ALA J 30 31.05 5.44 -33.28
CA ALA J 30 30.17 6.11 -32.34
C ALA J 30 29.47 5.12 -31.43
N MET J 31 28.97 4.02 -32.01
CA MET J 31 28.27 3.01 -31.22
C MET J 31 29.16 2.41 -30.14
N GLU J 32 30.38 2.02 -30.50
CA GLU J 32 31.24 1.33 -29.54
C GLU J 32 31.76 2.28 -28.48
N THR J 33 32.08 3.53 -28.87
CA THR J 33 32.48 4.51 -27.85
C THR J 33 31.32 4.80 -26.90
N PHE J 34 30.11 4.95 -27.44
CA PHE J 34 28.92 5.11 -26.61
C PHE J 34 28.74 3.93 -25.68
N ILE J 35 28.97 2.72 -26.17
CA ILE J 35 28.78 1.52 -25.37
C ILE J 35 29.76 1.48 -24.21
N HIS J 36 31.04 1.74 -24.49
CA HIS J 36 32.03 1.73 -23.40
C HIS J 36 31.71 2.80 -22.38
N LEU J 37 31.38 4.01 -22.84
CA LEU J 37 31.01 5.08 -21.91
C LEU J 37 29.80 4.69 -21.09
N ALA J 38 28.81 4.04 -21.72
CA ALA J 38 27.58 3.67 -21.05
C ALA J 38 27.79 2.61 -19.97
N LEU J 39 28.66 1.62 -20.24
CA LEU J 39 28.83 0.53 -19.29
C LEU J 39 29.37 1.02 -17.96
N ASN J 40 29.92 2.23 -17.90
CA ASN J 40 30.50 2.75 -16.68
C ASN J 40 29.46 3.53 -15.85
N SER J 41 29.66 3.50 -14.54
CA SER J 41 28.94 4.28 -13.53
C SER J 41 27.51 3.84 -13.30
N ARG J 42 27.06 2.75 -13.94
CA ARG J 42 25.75 2.15 -13.65
C ARG J 42 24.61 3.14 -13.82
N ALA J 43 24.69 3.95 -14.87
CA ALA J 43 23.54 4.73 -15.33
C ALA J 43 22.69 3.84 -16.21
N GLU J 44 21.63 3.27 -15.63
CA GLU J 44 20.78 2.33 -16.35
C GLU J 44 20.11 3.04 -17.51
N PHE J 45 20.15 2.44 -18.70
CA PHE J 45 19.47 2.99 -19.86
C PHE J 45 18.23 2.17 -20.17
N TYR J 46 17.45 2.63 -21.13
CA TYR J 46 16.31 1.87 -21.59
C TYR J 46 16.00 2.26 -23.02
N MET J 47 15.33 1.37 -23.76
CA MET J 47 14.88 1.69 -25.10
C MET J 47 13.78 0.73 -25.52
N PRO J 48 12.65 1.24 -25.98
CA PRO J 48 11.54 0.36 -26.36
C PRO J 48 11.85 -0.51 -27.56
N THR J 49 11.17 -1.66 -27.63
CA THR J 49 11.41 -2.62 -28.69
C THR J 49 11.06 -2.05 -30.06
N SER J 50 9.95 -1.32 -30.16
CA SER J 50 9.54 -0.76 -31.44
C SER J 50 10.62 0.14 -32.02
N VAL J 51 11.15 1.06 -31.20
CA VAL J 51 12.25 1.91 -31.63
C VAL J 51 13.44 1.06 -32.05
N TYR J 52 13.70 -0.03 -31.30
CA TYR J 52 14.82 -0.90 -31.62
C TYR J 52 14.68 -1.52 -33.00
N THR J 53 13.48 -2.02 -33.32
CA THR J 53 13.31 -2.67 -34.61
C THR J 53 13.33 -1.66 -35.76
N GLU J 54 12.75 -0.48 -35.57
CA GLU J 54 12.85 0.55 -36.61
C GLU J 54 14.29 0.94 -36.84
N MET J 55 15.06 1.13 -35.76
CA MET J 55 16.44 1.56 -35.92
C MET J 55 17.28 0.48 -36.59
N ARG J 56 17.14 -0.77 -36.16
CA ARG J 56 17.92 -1.86 -36.76
C ARG J 56 17.53 -2.07 -38.21
N LYS J 57 16.24 -1.90 -38.53
CA LYS J 57 15.81 -1.95 -39.93
C LYS J 57 16.45 -0.83 -40.75
N ILE J 58 16.54 0.37 -40.17
CA ILE J 58 17.10 1.50 -40.90
C ILE J 58 18.62 1.43 -40.92
N MET J 59 19.23 1.12 -39.79
CA MET J 59 20.68 1.13 -39.67
C MET J 59 21.16 -0.19 -39.06
N ASP J 60 22.28 -0.69 -39.56
CA ASP J 60 22.81 -1.98 -39.11
C ASP J 60 24.31 -1.88 -38.90
N VAL J 61 24.79 -2.45 -37.80
CA VAL J 61 26.21 -2.56 -37.50
C VAL J 61 26.53 -4.02 -37.24
N GLY J 62 27.68 -4.48 -37.72
CA GLY J 62 28.04 -5.88 -37.64
C GLY J 62 28.61 -6.32 -36.31
N GLU J 63 27.88 -7.21 -35.64
CA GLU J 63 28.37 -7.98 -34.48
C GLU J 63 28.65 -7.10 -33.26
N LEU J 64 28.50 -5.78 -33.39
CA LEU J 64 28.62 -4.89 -32.25
C LEU J 64 27.37 -4.89 -31.37
N TRP J 65 26.27 -5.44 -31.87
CA TRP J 65 25.01 -5.39 -31.15
C TRP J 65 25.06 -6.10 -29.81
N ALA J 66 26.03 -6.99 -29.60
CA ALA J 66 26.04 -7.80 -28.38
C ALA J 66 26.09 -6.93 -27.14
N GLU J 67 27.07 -6.02 -27.06
CA GLU J 67 27.16 -5.20 -25.87
C GLU J 67 26.02 -4.19 -25.81
N PHE J 68 25.44 -3.84 -26.96
CA PHE J 68 24.27 -2.98 -26.97
C PHE J 68 23.09 -3.66 -26.28
N GLU J 69 22.88 -4.95 -26.58
CA GLU J 69 21.91 -5.73 -25.83
C GLU J 69 22.30 -5.84 -24.37
N MET J 70 23.61 -5.84 -24.10
CA MET J 70 24.08 -5.90 -22.71
C MET J 70 23.60 -4.72 -21.90
N VAL J 71 23.84 -3.50 -22.38
CA VAL J 71 23.69 -2.32 -21.54
C VAL J 71 22.33 -1.65 -21.70
N VAL J 72 21.88 -1.48 -22.94
CA VAL J 72 20.64 -0.76 -23.20
C VAL J 72 19.49 -1.75 -23.16
N LYS J 73 18.71 -1.71 -22.09
CA LYS J 73 17.61 -2.64 -21.93
C LYS J 73 16.49 -2.32 -22.91
N ILE J 74 15.82 -3.37 -23.39
CA ILE J 74 14.82 -3.26 -24.44
C ILE J 74 13.48 -3.78 -23.92
N ARG J 75 12.66 -2.87 -23.40
CA ARG J 75 11.37 -3.24 -22.86
C ARG J 75 10.22 -2.82 -23.76
N SER J 76 9.01 -3.02 -23.27
CA SER J 76 7.80 -2.40 -23.76
C SER J 76 7.13 -1.71 -22.58
N PRO J 77 6.39 -0.62 -22.82
CA PRO J 77 6.02 0.26 -21.70
C PRO J 77 5.09 -0.36 -20.66
N ARG J 78 4.60 -1.58 -20.86
CA ARG J 78 3.51 -2.12 -20.04
C ARG J 78 2.30 -1.18 -20.11
N ARG J 79 1.75 -1.05 -21.32
CA ARG J 79 0.72 -0.06 -21.57
C ARG J 79 -0.62 -0.39 -20.92
N PHE J 80 -0.67 -1.41 -20.07
CA PHE J 80 -1.92 -1.76 -19.41
C PHE J 80 -2.06 -1.11 -18.05
N GLN J 81 -0.96 -0.68 -17.43
CA GLN J 81 -1.02 -0.06 -16.12
C GLN J 81 -0.75 1.44 -16.16
N LEU J 82 -0.74 2.04 -17.35
CA LEU J 82 -0.43 3.46 -17.49
C LEU J 82 -1.66 4.23 -17.94
N THR J 83 -1.72 5.50 -17.51
CA THR J 83 -2.81 6.39 -17.88
C THR J 83 -2.24 7.75 -18.22
N VAL J 84 -2.72 8.32 -19.31
CA VAL J 84 -2.26 9.63 -19.79
C VAL J 84 -3.39 10.63 -19.57
N PRO J 85 -3.10 11.81 -19.03
CA PRO J 85 -4.18 12.76 -18.71
C PRO J 85 -4.95 13.20 -19.95
N ALA J 86 -6.24 13.47 -19.75
CA ALA J 86 -7.13 13.74 -20.87
C ALA J 86 -6.76 15.01 -21.62
N ASP J 87 -6.30 16.04 -20.91
CA ASP J 87 -5.96 17.30 -21.56
C ASP J 87 -4.85 17.12 -22.58
N PHE J 88 -3.95 16.15 -22.33
CA PHE J 88 -2.90 15.83 -23.30
C PHE J 88 -3.52 15.41 -24.63
N LEU J 89 -4.45 14.46 -24.59
CA LEU J 89 -5.10 14.01 -25.82
C LEU J 89 -5.90 15.14 -26.46
N TYR J 90 -6.58 15.95 -25.64
CA TYR J 90 -7.36 17.07 -26.16
C TYR J 90 -6.47 18.01 -26.97
N GLU J 91 -5.34 18.43 -26.39
CA GLU J 91 -4.43 19.32 -27.09
C GLU J 91 -3.83 18.69 -28.32
N PHE J 92 -3.45 17.41 -28.23
CA PHE J 92 -2.91 16.72 -29.40
C PHE J 92 -3.86 16.79 -30.58
N ILE J 93 -5.12 16.41 -30.36
CA ILE J 93 -6.05 16.36 -31.49
C ILE J 93 -6.43 17.76 -31.95
N GLU J 94 -6.54 18.72 -31.03
CA GLU J 94 -6.84 20.09 -31.42
C GLU J 94 -5.76 20.65 -32.34
N GLU J 95 -4.49 20.37 -32.05
CA GLU J 95 -3.43 20.84 -32.94
C GLU J 95 -3.38 20.05 -34.25
N LEU J 96 -3.66 18.74 -34.17
CA LEU J 96 -3.62 17.91 -35.37
C LEU J 96 -4.64 18.38 -36.42
N ARG J 97 -5.80 18.87 -35.97
CA ARG J 97 -6.78 19.35 -36.94
C ARG J 97 -6.22 20.50 -37.77
N TYR J 98 -5.55 21.47 -37.12
CA TYR J 98 -4.94 22.57 -37.86
C TYR J 98 -3.88 22.06 -38.83
N ARG J 99 -3.08 21.10 -38.37
CA ARG J 99 -2.05 20.56 -39.27
C ARG J 99 -2.66 19.96 -40.52
N ILE J 100 -3.76 19.20 -40.35
CA ILE J 100 -4.39 18.55 -41.51
C ILE J 100 -4.91 19.61 -42.50
N ASN J 101 -5.54 20.66 -41.98
CA ASN J 101 -6.03 21.71 -42.88
C ASN J 101 -4.88 22.37 -43.64
N LYS J 102 -3.77 22.65 -42.95
CA LYS J 102 -2.63 23.25 -43.62
C LYS J 102 -2.10 22.34 -44.72
N GLY J 103 -2.02 21.04 -44.45
CA GLY J 103 -1.56 20.10 -45.47
C GLY J 103 -2.48 20.09 -46.68
N LEU J 104 -3.79 20.14 -46.46
CA LEU J 104 -4.73 20.17 -47.57
C LEU J 104 -4.53 21.43 -48.42
N ARG J 105 -4.34 22.57 -47.78
CA ARG J 105 -4.12 23.81 -48.53
C ARG J 105 -2.85 23.73 -49.37
N ILE J 106 -1.77 23.19 -48.79
CA ILE J 106 -0.54 23.05 -49.56
C ILE J 106 -0.74 22.13 -50.75
N ALA J 107 -1.47 21.02 -50.55
CA ALA J 107 -1.74 20.11 -51.66
C ALA J 107 -2.50 20.83 -52.76
N GLU J 108 -3.51 21.63 -52.39
CA GLU J 108 -4.25 22.40 -53.38
C GLU J 108 -3.34 23.31 -54.19
N GLU J 109 -2.52 24.12 -53.51
CA GLU J 109 -1.71 25.09 -54.24
C GLU J 109 -0.70 24.39 -55.14
N HIS J 110 -0.17 23.24 -54.71
CA HIS J 110 0.73 22.51 -55.58
C HIS J 110 0.01 21.87 -56.76
N THR J 111 -1.26 21.48 -56.60
CA THR J 111 -2.01 21.01 -57.77
C THR J 111 -2.15 22.11 -58.80
N ARG J 112 -2.47 23.33 -58.37
CA ARG J 112 -2.59 24.43 -59.32
C ARG J 112 -1.26 24.74 -59.98
N GLU J 113 -0.16 24.71 -59.22
CA GLU J 113 1.14 24.96 -59.81
C GLU J 113 1.49 23.88 -60.83
N ALA J 114 1.13 22.63 -60.55
CA ALA J 114 1.35 21.56 -61.51
C ALA J 114 0.55 21.79 -62.78
N SER J 115 -0.70 22.25 -62.64
CA SER J 115 -1.49 22.60 -63.80
C SER J 115 -0.84 23.73 -64.60
N GLY J 116 -0.14 24.63 -63.90
CA GLY J 116 0.47 25.76 -64.57
C GLY J 116 1.57 25.40 -65.53
N CYS J 117 2.55 24.61 -65.07
CA CYS J 117 3.75 24.34 -65.85
C CYS J 117 4.11 22.86 -65.81
N GLU J 118 4.88 22.41 -66.81
CA GLU J 118 5.28 21.02 -66.93
C GLU J 118 6.68 20.80 -66.34
N ASP J 119 6.73 20.82 -65.01
CA ASP J 119 7.95 20.55 -64.25
C ASP J 119 7.65 19.55 -63.14
N VAL J 120 7.03 18.43 -63.50
CA VAL J 120 6.35 17.58 -62.54
C VAL J 120 7.31 17.05 -61.48
N GLY J 121 8.52 16.64 -61.88
CA GLY J 121 9.42 16.01 -60.92
C GLY J 121 9.85 16.95 -59.80
N LYS J 122 10.24 18.17 -60.16
CA LYS J 122 10.66 19.14 -59.15
C LYS J 122 9.50 19.51 -58.23
N LEU J 123 8.30 19.64 -58.79
CA LEU J 123 7.15 19.97 -57.96
C LEU J 123 6.77 18.82 -57.04
N ILE J 124 6.91 17.57 -57.50
CA ILE J 124 6.68 16.44 -56.61
C ILE J 124 7.68 16.44 -55.47
N ALA J 125 8.96 16.72 -55.77
CA ALA J 125 9.94 16.82 -54.70
C ALA J 125 9.59 17.92 -53.71
N ARG J 126 9.14 19.07 -54.22
CA ARG J 126 8.74 20.17 -53.35
C ARG J 126 7.53 19.80 -52.50
N LEU J 127 6.60 19.03 -53.07
CA LEU J 127 5.45 18.56 -52.31
C LEU J 127 5.88 17.62 -51.19
N ARG J 128 6.81 16.71 -51.47
CA ARG J 128 7.37 15.89 -50.41
C ARG J 128 7.95 16.74 -49.29
N GLU J 129 8.70 17.78 -49.63
CA GLU J 129 9.26 18.66 -48.61
C GLU J 129 8.18 19.37 -47.80
N LYS J 130 7.18 19.95 -48.47
CA LYS J 130 6.22 20.81 -47.80
C LYS J 130 5.19 20.02 -46.99
N TYR J 131 4.69 18.91 -47.52
CA TYR J 131 3.67 18.15 -46.81
C TYR J 131 4.20 17.55 -45.51
N ARG J 132 5.42 17.00 -45.56
CA ARG J 132 6.02 16.45 -44.35
C ARG J 132 6.23 17.53 -43.30
N GLU J 133 6.67 18.71 -43.72
CA GLU J 133 6.80 19.82 -42.77
C GLU J 133 5.43 20.26 -42.25
N ALA J 134 4.38 20.13 -43.06
CA ALA J 134 3.06 20.58 -42.64
C ALA J 134 2.47 19.66 -41.59
N LEU J 135 2.66 18.35 -41.72
CA LEU J 135 2.02 17.40 -40.82
C LEU J 135 2.98 16.74 -39.85
N ARG J 136 4.02 16.07 -40.36
CA ARG J 136 4.83 15.22 -39.49
C ARG J 136 5.73 16.03 -38.57
N GLN J 137 6.02 17.28 -38.94
CA GLN J 137 6.96 18.09 -38.18
C GLN J 137 6.22 18.84 -37.07
N GLY J 138 6.62 18.58 -35.82
CA GLY J 138 6.15 19.36 -34.69
C GLY J 138 5.43 18.58 -33.61
N ILE J 139 4.79 17.47 -33.95
CA ILE J 139 4.03 16.69 -32.98
C ILE J 139 4.46 15.22 -33.06
N LEU J 140 3.84 14.40 -32.23
CA LEU J 140 4.06 12.96 -32.23
C LEU J 140 3.50 12.38 -33.53
N ASP J 141 4.39 11.90 -34.40
CA ASP J 141 3.94 11.44 -35.70
C ASP J 141 3.67 9.93 -35.70
N SER J 142 4.66 9.12 -35.36
CA SER J 142 4.56 7.68 -35.42
C SER J 142 4.33 7.10 -34.03
N LYS J 143 4.30 5.76 -33.95
CA LYS J 143 4.03 5.11 -32.68
C LYS J 143 5.29 4.94 -31.85
N GLU J 144 6.47 4.97 -32.48
CA GLU J 144 7.71 4.86 -31.72
C GLU J 144 7.86 6.00 -30.73
N ASP J 145 7.43 7.21 -31.11
CA ASP J 145 7.54 8.34 -30.20
C ASP J 145 6.61 8.18 -29.00
N VAL J 146 5.38 7.73 -29.23
CA VAL J 146 4.46 7.48 -28.13
C VAL J 146 4.99 6.40 -27.21
N ASP J 147 5.62 5.38 -27.80
CA ASP J 147 6.22 4.34 -26.98
C ASP J 147 7.34 4.90 -26.12
N VAL J 148 8.16 5.79 -26.69
CA VAL J 148 9.22 6.41 -25.91
C VAL J 148 8.63 7.21 -24.75
N LEU J 149 7.59 8.00 -25.04
CA LEU J 149 6.95 8.76 -23.97
C LEU J 149 6.46 7.86 -22.86
N LEU J 150 5.71 6.81 -23.19
CA LEU J 150 5.11 5.97 -22.15
C LEU J 150 6.17 5.21 -21.36
N LEU J 151 7.21 4.70 -22.03
CA LEU J 151 8.28 4.03 -21.31
C LEU J 151 8.99 5.00 -20.38
N ALA J 152 9.26 6.23 -20.83
CA ALA J 152 9.94 7.20 -19.99
C ALA J 152 9.04 7.77 -18.92
N TYR J 153 7.73 7.59 -19.06
CA TYR J 153 6.78 8.19 -18.11
C TYR J 153 6.63 7.32 -16.87
N GLU J 154 6.67 6.00 -17.03
CA GLU J 154 6.50 5.12 -15.87
C GLU J 154 7.77 4.96 -15.05
N LEU J 155 8.94 4.96 -15.68
CA LEU J 155 10.19 4.77 -14.96
C LEU J 155 10.76 6.06 -14.39
N ASP J 156 10.10 7.19 -14.61
CA ASP J 156 10.62 8.50 -14.23
C ASP J 156 12.02 8.68 -14.79
N GLY J 157 12.20 8.33 -16.06
CA GLY J 157 13.48 8.41 -16.71
C GLY J 157 13.72 9.73 -17.40
N VAL J 158 14.96 9.93 -17.81
CA VAL J 158 15.39 11.18 -18.44
C VAL J 158 15.35 10.98 -19.95
N LEU J 159 14.30 11.51 -20.59
CA LEU J 159 14.14 11.32 -22.04
C LEU J 159 15.28 11.99 -22.78
N VAL J 160 15.78 11.32 -23.81
CA VAL J 160 16.91 11.80 -24.61
C VAL J 160 16.53 11.70 -26.07
N SER J 161 16.30 12.85 -26.72
CA SER J 161 15.89 12.82 -28.11
C SER J 161 16.27 14.13 -28.79
N ALA J 162 16.53 14.03 -30.09
CA ALA J 162 16.75 15.18 -30.95
C ALA J 162 15.50 15.60 -31.69
N ASP J 163 14.35 14.99 -31.39
CA ASP J 163 13.10 15.30 -32.06
C ASP J 163 12.45 16.49 -31.39
N GLU J 164 12.21 17.54 -32.16
CA GLU J 164 11.62 18.75 -31.60
C GLU J 164 10.11 18.63 -31.40
N GLY J 165 9.47 17.63 -32.00
CA GLY J 165 8.07 17.39 -31.74
C GLY J 165 7.84 16.47 -30.57
N LEU J 166 8.88 15.76 -30.13
CA LEU J 166 8.79 14.93 -28.94
C LEU J 166 9.03 15.72 -27.67
N ARG J 167 9.91 16.72 -27.72
CA ARG J 167 10.31 17.43 -26.51
C ARG J 167 9.15 18.21 -25.92
N THR J 168 8.39 18.93 -26.74
CA THR J 168 7.29 19.73 -26.20
C THR J 168 6.23 18.84 -25.58
N TRP J 169 5.89 17.73 -26.24
CA TRP J 169 4.84 16.86 -25.71
C TRP J 169 5.32 16.08 -24.49
N ALA J 170 6.63 15.83 -24.38
CA ALA J 170 7.16 15.27 -23.14
C ALA J 170 7.19 16.30 -22.03
N ASP J 171 7.33 17.58 -22.38
CA ASP J 171 7.27 18.63 -21.38
C ASP J 171 5.86 18.83 -20.85
N LYS J 172 4.85 18.65 -21.71
CA LYS J 172 3.47 18.81 -21.25
C LYS J 172 3.10 17.74 -20.23
N ILE J 173 3.62 16.52 -20.40
CA ILE J 173 3.16 15.39 -19.59
C ILE J 173 3.82 15.39 -18.22
N GLY J 174 5.02 15.95 -18.09
CA GLY J 174 5.73 15.95 -16.83
C GLY J 174 6.99 15.11 -16.80
N ILE J 175 7.53 14.74 -17.95
CA ILE J 175 8.78 14.00 -17.99
C ILE J 175 9.93 14.98 -17.93
N LYS J 176 10.94 14.65 -17.13
CA LYS J 176 12.15 15.45 -17.10
C LYS J 176 12.98 15.20 -18.35
N LEU J 177 13.42 16.27 -18.99
CA LEU J 177 14.17 16.19 -20.23
C LEU J 177 15.64 16.48 -19.96
N ILE J 178 16.46 16.24 -20.98
CA ILE J 178 17.88 16.55 -20.93
C ILE J 178 18.26 17.21 -22.25
N ASP J 179 19.42 17.87 -22.27
CA ASP J 179 19.90 18.47 -23.49
C ASP J 179 20.46 17.38 -24.40
N PRO J 180 19.90 17.19 -25.59
CA PRO J 180 20.42 16.11 -26.46
C PRO J 180 21.80 16.40 -27.01
N LYS J 181 22.14 17.68 -27.17
CA LYS J 181 23.45 18.04 -27.73
C LYS J 181 24.58 17.84 -26.73
N ASN J 182 24.28 17.85 -25.43
CA ASN J 182 25.29 17.66 -24.40
C ASN J 182 25.24 16.28 -23.76
N PHE J 183 24.57 15.31 -24.39
CA PHE J 183 24.44 13.99 -23.77
C PHE J 183 25.79 13.31 -23.62
N LYS J 184 26.64 13.41 -24.64
CA LYS J 184 27.95 12.75 -24.57
C LYS J 184 28.79 13.29 -23.42
N ASN J 185 28.90 14.62 -23.32
CA ASN J 185 29.67 15.22 -22.24
C ASN J 185 29.02 14.92 -20.89
N ILE J 186 27.69 14.91 -20.83
CA ILE J 186 27.00 14.58 -19.58
C ILE J 186 27.35 13.16 -19.15
N LEU J 187 27.29 12.22 -20.08
CA LEU J 187 27.60 10.84 -19.73
C LEU J 187 29.06 10.72 -19.29
N GLU J 188 29.97 11.43 -19.98
CA GLU J 188 31.39 11.36 -19.62
C GLU J 188 31.63 11.90 -18.22
N SER J 189 31.04 13.06 -17.89
CA SER J 189 31.28 13.66 -16.59
C SER J 189 30.63 12.85 -15.48
N LEU J 190 29.51 12.19 -15.78
CA LEU J 190 28.93 11.28 -14.80
C LEU J 190 29.81 10.04 -14.60
N VAL J 191 30.45 9.58 -15.67
CA VAL J 191 31.32 8.41 -15.57
C VAL J 191 32.57 8.71 -14.76
N ARG J 192 33.21 9.85 -15.05
CA ARG J 192 34.52 10.13 -14.47
C ARG J 192 34.41 10.50 -12.99
N HIS J 193 33.74 11.61 -12.70
CA HIS J 193 33.61 12.07 -11.32
C HIS J 193 32.46 11.36 -10.62
N MET K 4 -35.00 20.23 -9.13
CA MET K 4 -34.74 20.73 -10.47
C MET K 4 -33.42 21.50 -10.49
N ASP K 5 -33.12 22.14 -11.62
CA ASP K 5 -31.86 22.85 -11.78
C ASP K 5 -31.77 24.02 -10.82
N VAL K 6 -30.54 24.35 -10.42
CA VAL K 6 -30.27 25.41 -9.46
C VAL K 6 -29.43 26.48 -10.15
N PHE K 7 -29.89 27.72 -10.10
CA PHE K 7 -29.23 28.82 -10.81
C PHE K 7 -28.37 29.62 -9.86
N VAL K 8 -27.15 29.93 -10.27
CA VAL K 8 -26.27 30.81 -9.51
C VAL K 8 -26.37 32.21 -10.11
N LEU K 9 -26.99 33.12 -9.37
CA LEU K 9 -27.24 34.46 -9.88
C LEU K 9 -25.94 35.25 -9.89
N ASP K 10 -26.06 36.53 -10.23
CA ASP K 10 -24.91 37.42 -10.31
C ASP K 10 -25.44 38.85 -10.24
N THR K 11 -24.52 39.81 -10.15
CA THR K 11 -24.93 41.21 -10.18
C THR K 11 -25.31 41.65 -11.58
N SER K 12 -24.84 40.93 -12.60
CA SER K 12 -24.95 41.39 -13.98
C SER K 12 -26.19 40.80 -14.65
N VAL K 13 -27.24 40.55 -13.87
CA VAL K 13 -28.47 39.96 -14.38
C VAL K 13 -29.67 40.87 -14.16
N PHE K 14 -29.62 41.74 -13.16
CA PHE K 14 -30.64 42.77 -13.02
C PHE K 14 -30.06 44.10 -12.55
N THR K 15 -28.94 44.51 -13.12
CA THR K 15 -28.55 45.93 -13.10
C THR K 15 -28.08 46.40 -14.47
N ASN K 16 -27.66 45.48 -15.33
CA ASN K 16 -27.23 45.85 -16.68
C ASN K 16 -28.44 46.36 -17.45
N PRO K 17 -28.32 47.50 -18.15
CA PRO K 17 -29.52 48.10 -18.78
C PRO K 17 -30.25 47.19 -19.75
N GLU K 18 -29.55 46.40 -20.56
CA GLU K 18 -30.23 45.54 -21.52
C GLU K 18 -31.06 44.48 -20.81
N ILE K 19 -30.50 43.86 -19.77
CA ILE K 19 -31.23 42.83 -19.06
C ILE K 19 -32.20 43.46 -18.07
N TYR K 20 -31.97 44.73 -17.72
CA TYR K 20 -33.00 45.53 -17.08
C TYR K 20 -34.24 45.62 -17.97
N ARG K 21 -34.03 45.89 -19.26
CA ARG K 21 -35.15 46.09 -20.17
C ARG K 21 -35.87 44.79 -20.48
N THR K 22 -35.14 43.71 -20.78
CA THR K 22 -35.81 42.48 -21.17
C THR K 22 -36.61 41.89 -20.00
N PHE K 23 -36.39 42.37 -18.79
CA PHE K 23 -37.10 41.88 -17.61
C PHE K 23 -38.29 42.79 -17.28
N GLU K 24 -39.30 42.76 -18.16
CA GLU K 24 -40.57 43.43 -17.92
C GLU K 24 -40.41 44.93 -17.74
N GLU K 25 -39.30 45.48 -18.23
CA GLU K 25 -39.00 46.91 -18.14
C GLU K 25 -39.15 47.46 -16.72
N ARG K 28 -37.40 49.19 -10.95
CA ARG K 28 -38.03 48.54 -9.81
C ARG K 28 -38.95 47.41 -10.25
N GLY K 29 -39.71 47.65 -11.33
CA GLY K 29 -40.62 46.64 -11.83
C GLY K 29 -39.92 45.36 -12.24
N ALA K 30 -38.72 45.48 -12.80
CA ALA K 30 -37.95 44.30 -13.19
C ALA K 30 -37.71 43.39 -12.00
N MET K 31 -37.33 43.97 -10.87
CA MET K 31 -37.06 43.16 -9.67
C MET K 31 -38.29 42.38 -9.23
N GLU K 32 -39.44 43.04 -9.15
CA GLU K 32 -40.63 42.36 -8.62
C GLU K 32 -41.17 41.34 -9.61
N THR K 33 -41.13 41.63 -10.91
CA THR K 33 -41.53 40.64 -11.89
C THR K 33 -40.60 39.43 -11.85
N PHE K 34 -39.29 39.67 -11.76
CA PHE K 34 -38.32 38.60 -11.59
C PHE K 34 -38.62 37.78 -10.34
N ILE K 35 -38.97 38.46 -9.24
CA ILE K 35 -39.23 37.76 -7.99
C ILE K 35 -40.45 36.85 -8.12
N HIS K 36 -41.54 37.36 -8.66
CA HIS K 36 -42.73 36.53 -8.82
C HIS K 36 -42.45 35.34 -9.73
N LEU K 37 -41.76 35.59 -10.85
CA LEU K 37 -41.41 34.50 -11.75
C LEU K 37 -40.53 33.48 -11.04
N ALA K 38 -39.58 33.95 -10.23
CA ALA K 38 -38.65 33.07 -9.53
C ALA K 38 -39.32 32.20 -8.49
N LEU K 39 -40.29 32.75 -7.75
CA LEU K 39 -40.91 31.98 -6.68
C LEU K 39 -41.62 30.74 -7.20
N ASN K 40 -41.90 30.69 -8.49
CA ASN K 40 -42.63 29.56 -9.05
C ASN K 40 -41.68 28.46 -9.53
N SER K 41 -42.18 27.22 -9.46
CA SER K 41 -41.57 25.99 -9.99
C SER K 41 -40.35 25.52 -9.21
N ARG K 42 -40.01 26.16 -8.10
CA ARG K 42 -38.96 25.68 -7.20
C ARG K 42 -37.63 25.49 -7.91
N ALA K 43 -37.28 26.44 -8.78
CA ALA K 43 -35.93 26.54 -9.30
C ALA K 43 -35.10 27.31 -8.29
N GLU K 44 -34.34 26.59 -7.46
CA GLU K 44 -33.56 27.20 -6.40
C GLU K 44 -32.51 28.11 -7.00
N PHE K 45 -32.40 29.34 -6.50
CA PHE K 45 -31.38 30.26 -6.94
C PHE K 45 -30.30 30.38 -5.87
N TYR K 46 -29.23 31.10 -6.20
CA TYR K 46 -28.20 31.39 -5.23
C TYR K 46 -27.49 32.66 -5.63
N MET K 47 -26.88 33.33 -4.66
CA MET K 47 -26.06 34.50 -4.96
C MET K 47 -25.12 34.78 -3.79
N PRO K 48 -23.83 34.93 -4.04
CA PRO K 48 -22.87 35.15 -2.96
C PRO K 48 -23.08 36.49 -2.26
N THR K 49 -22.65 36.53 -0.99
CA THR K 49 -22.83 37.73 -0.17
C THR K 49 -22.06 38.91 -0.73
N SER K 50 -20.83 38.69 -1.20
CA SER K 50 -20.03 39.79 -1.72
C SER K 50 -20.74 40.48 -2.87
N VAL K 51 -21.23 39.70 -3.83
CA VAL K 51 -22.00 40.25 -4.94
C VAL K 51 -23.20 41.00 -4.42
N TYR K 52 -23.85 40.46 -3.38
CA TYR K 52 -25.03 41.11 -2.81
C TYR K 52 -24.70 42.48 -2.25
N THR K 53 -23.59 42.60 -1.52
CA THR K 53 -23.27 43.89 -0.92
C THR K 53 -22.81 44.89 -1.97
N GLU K 54 -22.04 44.44 -2.98
CA GLU K 54 -21.69 45.37 -4.05
C GLU K 54 -22.92 45.86 -4.79
N MET K 55 -23.85 44.95 -5.09
CA MET K 55 -25.06 45.35 -5.82
C MET K 55 -25.91 46.30 -5.01
N ARG K 56 -26.14 45.99 -3.73
CA ARG K 56 -26.96 46.86 -2.90
C ARG K 56 -26.30 48.22 -2.69
N LYS K 57 -24.98 48.24 -2.58
CA LYS K 57 -24.25 49.50 -2.52
C LYS K 57 -24.43 50.30 -3.79
N ILE K 58 -24.40 49.64 -4.95
CA ILE K 58 -24.52 50.33 -6.22
C ILE K 58 -25.97 50.69 -6.51
N MET K 59 -26.88 49.76 -6.29
CA MET K 59 -28.29 49.94 -6.61
C MET K 59 -29.15 49.60 -5.40
N ASP K 60 -30.21 50.38 -5.20
CA ASP K 60 -31.09 50.21 -4.05
C ASP K 60 -32.55 50.31 -4.48
N VAL K 61 -33.37 49.41 -3.97
CA VAL K 61 -34.81 49.43 -4.17
C VAL K 61 -35.48 49.42 -2.80
N GLY K 62 -36.56 50.18 -2.66
CA GLY K 62 -37.21 50.34 -1.37
C GLY K 62 -38.16 49.22 -0.99
N GLU K 63 -37.81 48.49 0.09
CA GLU K 63 -38.70 47.57 0.78
C GLU K 63 -39.07 46.36 -0.07
N LEU K 64 -38.62 46.30 -1.31
CA LEU K 64 -38.82 45.12 -2.14
C LEU K 64 -37.84 44.00 -1.80
N TRP K 65 -36.79 44.31 -1.05
CA TRP K 65 -35.74 43.33 -0.77
C TRP K 65 -36.27 42.12 -0.01
N ALA K 66 -37.43 42.22 0.65
CA ALA K 66 -37.88 41.14 1.52
C ALA K 66 -38.05 39.84 0.73
N GLU K 67 -38.79 39.87 -0.37
CA GLU K 67 -38.98 38.63 -1.12
C GLU K 67 -37.70 38.23 -1.84
N PHE K 68 -36.81 39.19 -2.11
CA PHE K 68 -35.52 38.84 -2.67
C PHE K 68 -34.71 38.01 -1.70
N GLU K 69 -34.71 38.39 -0.42
CA GLU K 69 -34.11 37.55 0.60
C GLU K 69 -34.86 36.23 0.72
N MET K 70 -36.17 36.24 0.43
CA MET K 70 -36.95 35.00 0.46
C MET K 70 -36.43 33.98 -0.53
N VAL K 71 -36.29 34.36 -1.80
CA VAL K 71 -36.11 33.37 -2.86
C VAL K 71 -34.63 33.17 -3.20
N VAL K 72 -33.88 34.25 -3.35
CA VAL K 72 -32.49 34.17 -3.78
C VAL K 72 -31.61 33.99 -2.55
N LYS K 73 -31.12 32.77 -2.34
CA LYS K 73 -30.30 32.49 -1.16
C LYS K 73 -28.95 33.17 -1.28
N ILE K 74 -28.42 33.60 -0.14
CA ILE K 74 -27.20 34.40 -0.08
C ILE K 74 -26.16 33.67 0.76
N ARG K 75 -25.30 32.89 0.11
CA ARG K 75 -24.29 32.12 0.80
C ARG K 75 -22.91 32.71 0.58
N SER K 76 -21.91 31.99 1.09
CA SER K 76 -20.51 32.14 0.74
C SER K 76 -20.01 30.77 0.28
N PRO K 77 -19.03 30.73 -0.61
CA PRO K 77 -18.74 29.47 -1.30
C PRO K 77 -18.24 28.33 -0.43
N ARG K 78 -17.97 28.54 0.85
CA ARG K 78 -17.25 27.58 1.67
C ARG K 78 -15.89 27.29 1.04
N ARG K 79 -15.06 28.32 0.96
CA ARG K 79 -13.81 28.24 0.22
C ARG K 79 -12.77 27.36 0.90
N PHE K 80 -13.13 26.64 1.96
CA PHE K 80 -12.17 25.77 2.63
C PHE K 80 -12.22 24.34 2.10
N GLN K 81 -13.31 23.94 1.47
CA GLN K 81 -13.44 22.58 0.96
C GLN K 81 -13.36 22.51 -0.56
N LEU K 82 -12.97 23.60 -1.23
CA LEU K 82 -12.93 23.65 -2.67
C LEU K 82 -11.50 23.73 -3.18
N THR K 83 -11.28 23.16 -4.37
CA THR K 83 -9.97 23.18 -5.00
C THR K 83 -10.14 23.48 -6.47
N VAL K 84 -9.31 24.38 -6.99
CA VAL K 84 -9.36 24.79 -8.38
C VAL K 84 -8.13 24.23 -9.09
N PRO K 85 -8.28 23.64 -10.28
CA PRO K 85 -7.13 22.99 -10.93
C PRO K 85 -6.02 23.98 -11.25
N ALA K 86 -4.79 23.48 -11.21
CA ALA K 86 -3.63 24.35 -11.32
C ALA K 86 -3.53 25.01 -12.69
N ASP K 87 -3.92 24.31 -13.75
CA ASP K 87 -3.81 24.87 -15.09
C ASP K 87 -4.68 26.12 -15.24
N PHE K 88 -5.78 26.18 -14.50
CA PHE K 88 -6.62 27.38 -14.48
C PHE K 88 -5.83 28.59 -14.01
N LEU K 89 -5.14 28.46 -12.87
CA LEU K 89 -4.33 29.55 -12.36
C LEU K 89 -3.19 29.88 -13.30
N TYR K 90 -2.56 28.85 -13.89
CA TYR K 90 -1.48 29.06 -14.83
C TYR K 90 -1.93 29.93 -16.00
N GLU K 91 -3.05 29.56 -16.62
CA GLU K 91 -3.56 30.33 -17.75
C GLU K 91 -3.97 31.74 -17.34
N PHE K 92 -4.62 31.87 -16.18
CA PHE K 92 -5.02 33.20 -15.70
C PHE K 92 -3.81 34.13 -15.63
N ILE K 93 -2.75 33.70 -14.96
CA ILE K 93 -1.61 34.58 -14.76
C ILE K 93 -0.85 34.80 -16.06
N GLU K 94 -0.77 33.78 -16.91
CA GLU K 94 -0.10 33.95 -18.20
C GLU K 94 -0.79 35.00 -19.04
N GLU K 95 -2.12 35.03 -19.05
CA GLU K 95 -2.83 36.07 -19.80
C GLU K 95 -2.73 37.42 -19.13
N LEU K 96 -2.75 37.45 -17.80
CA LEU K 96 -2.68 38.70 -17.07
C LEU K 96 -1.38 39.45 -17.35
N ARG K 97 -0.29 38.71 -17.53
CA ARG K 97 0.98 39.39 -17.83
C ARG K 97 0.88 40.19 -19.13
N TYR K 98 0.31 39.60 -20.18
CA TYR K 98 0.12 40.32 -21.43
C TYR K 98 -0.76 41.53 -21.24
N ARG K 99 -1.83 41.38 -20.47
CA ARG K 99 -2.72 42.52 -20.23
C ARG K 99 -1.96 43.68 -19.58
N ILE K 100 -1.13 43.38 -18.58
CA ILE K 100 -0.39 44.42 -17.88
C ILE K 100 0.56 45.16 -18.84
N ASN K 101 1.25 44.41 -19.69
CA ASN K 101 2.15 45.05 -20.65
C ASN K 101 1.38 45.96 -21.60
N LYS K 102 0.22 45.50 -22.09
CA LYS K 102 -0.58 46.34 -22.97
C LYS K 102 -1.02 47.62 -22.28
N GLY K 103 -1.43 47.52 -21.01
CA GLY K 103 -1.82 48.71 -20.28
C GLY K 103 -0.68 49.69 -20.12
N LEU K 104 0.53 49.18 -19.85
CA LEU K 104 1.69 50.07 -19.74
C LEU K 104 1.97 50.79 -21.06
N ARG K 105 1.86 50.07 -22.18
CA ARG K 105 2.10 50.71 -23.46
C ARG K 105 1.08 51.81 -23.74
N ILE K 106 -0.19 51.55 -23.42
CA ILE K 106 -1.22 52.57 -23.61
C ILE K 106 -0.95 53.78 -22.75
N ALA K 107 -0.53 53.56 -21.50
CA ALA K 107 -0.21 54.67 -20.61
C ALA K 107 0.93 55.50 -21.20
N GLU K 108 1.96 54.83 -21.73
CA GLU K 108 3.06 55.56 -22.36
C GLU K 108 2.58 56.43 -23.51
N GLU K 109 1.81 55.86 -24.44
CA GLU K 109 1.42 56.63 -25.61
C GLU K 109 0.52 57.80 -25.22
N HIS K 110 -0.32 57.62 -24.20
CA HIS K 110 -1.13 58.74 -23.75
C HIS K 110 -0.30 59.81 -23.04
N THR K 111 0.78 59.43 -22.34
CA THR K 111 1.67 60.43 -21.79
C THR K 111 2.27 61.29 -22.89
N ARG K 112 2.73 60.67 -23.98
CA ARG K 112 3.30 61.43 -25.07
C ARG K 112 2.25 62.33 -25.72
N GLU K 113 1.03 61.83 -25.90
CA GLU K 113 -0.02 62.66 -26.48
C GLU K 113 -0.35 63.85 -25.57
N ALA K 114 -0.33 63.63 -24.26
CA ALA K 114 -0.53 64.74 -23.32
C ALA K 114 0.58 65.76 -23.45
N SER K 115 1.82 65.31 -23.59
CA SER K 115 2.92 66.24 -23.82
C SER K 115 2.73 67.01 -25.12
N GLY K 116 2.08 66.39 -26.11
CA GLY K 116 1.90 67.04 -27.39
C GLY K 116 1.00 68.26 -27.34
N CYS K 117 -0.20 68.11 -26.78
CA CYS K 117 -1.22 69.15 -26.84
C CYS K 117 -1.87 69.36 -25.47
N GLU K 118 -2.46 70.53 -25.28
CA GLU K 118 -3.11 70.90 -24.03
C GLU K 118 -4.62 70.65 -24.10
N ASP K 119 -4.99 69.37 -24.06
CA ASP K 119 -6.38 68.92 -24.03
C ASP K 119 -6.56 67.88 -22.92
N VAL K 120 -6.11 68.24 -21.71
CA VAL K 120 -5.88 67.25 -20.67
C VAL K 120 -7.14 66.48 -20.31
N GLY K 121 -8.28 67.17 -20.23
CA GLY K 121 -9.50 66.50 -19.76
C GLY K 121 -9.96 65.40 -20.70
N LYS K 122 -10.01 65.70 -22.00
CA LYS K 122 -10.43 64.71 -22.97
C LYS K 122 -9.47 63.53 -23.00
N LEU K 123 -8.17 63.80 -22.90
CA LEU K 123 -7.20 62.71 -22.90
C LEU K 123 -7.30 61.85 -21.65
N ILE K 124 -7.59 62.47 -20.49
CA ILE K 124 -7.82 61.69 -19.27
C ILE K 124 -9.04 60.79 -19.44
N ALA K 125 -10.11 61.33 -20.03
CA ALA K 125 -11.28 60.49 -20.28
C ALA K 125 -10.94 59.33 -21.22
N ARG K 126 -10.16 59.60 -22.26
CA ARG K 126 -9.75 58.55 -23.18
C ARG K 126 -8.88 57.51 -22.48
N LEU K 127 -8.01 57.95 -21.57
CA LEU K 127 -7.21 57.01 -20.81
C LEU K 127 -8.07 56.13 -19.92
N ARG K 128 -9.08 56.70 -19.26
CA ARG K 128 -10.04 55.88 -18.54
C ARG K 128 -10.67 54.83 -19.42
N GLU K 129 -11.08 55.19 -20.63
CA GLU K 129 -11.66 54.22 -21.55
C GLU K 129 -10.68 53.13 -21.95
N LYS K 130 -9.45 53.51 -22.33
CA LYS K 130 -8.52 52.55 -22.89
C LYS K 130 -7.89 51.63 -21.85
N TYR K 131 -7.53 52.16 -20.68
CA TYR K 131 -6.88 51.35 -19.66
C TYR K 131 -7.82 50.27 -19.13
N ARG K 132 -9.08 50.63 -18.87
CA ARG K 132 -10.05 49.66 -18.41
C ARG K 132 -10.27 48.56 -19.44
N GLU K 133 -10.34 48.92 -20.72
CA GLU K 133 -10.44 47.91 -21.76
C GLU K 133 -9.18 47.06 -21.84
N ALA K 134 -8.03 47.65 -21.52
CA ALA K 134 -6.77 46.90 -21.63
C ALA K 134 -6.63 45.85 -20.54
N LEU K 135 -7.07 46.17 -19.32
CA LEU K 135 -6.88 45.26 -18.19
C LEU K 135 -8.15 44.59 -17.71
N ARG K 136 -9.17 45.38 -17.34
CA ARG K 136 -10.31 44.81 -16.65
C ARG K 136 -11.21 44.03 -17.59
N GLN K 137 -11.15 44.31 -18.88
CA GLN K 137 -12.04 43.68 -19.84
C GLN K 137 -11.44 42.37 -20.33
N GLY K 138 -12.16 41.26 -20.09
CA GLY K 138 -11.82 39.98 -20.68
C GLY K 138 -11.55 38.86 -19.68
N ILE K 139 -11.08 39.18 -18.48
CA ILE K 139 -10.77 38.16 -17.49
C ILE K 139 -11.46 38.49 -16.17
N LEU K 140 -11.24 37.64 -15.17
CA LEU K 140 -11.76 37.85 -13.83
C LEU K 140 -11.05 39.05 -13.22
N ASP K 141 -11.78 40.14 -13.01
CA ASP K 141 -11.15 41.36 -12.53
C ASP K 141 -11.21 41.47 -11.01
N SER K 142 -12.40 41.45 -10.43
CA SER K 142 -12.59 41.64 -9.01
C SER K 142 -12.81 40.30 -8.31
N LYS K 143 -13.09 40.38 -7.00
CA LYS K 143 -13.28 39.16 -6.22
C LYS K 143 -14.70 38.63 -6.30
N GLU K 144 -15.66 39.50 -6.64
CA GLU K 144 -17.05 39.04 -6.78
C GLU K 144 -17.17 37.98 -7.86
N ASP K 145 -16.43 38.12 -8.95
CA ASP K 145 -16.49 37.14 -10.03
C ASP K 145 -15.93 35.80 -9.59
N VAL K 146 -14.81 35.81 -8.86
CA VAL K 146 -14.25 34.57 -8.35
C VAL K 146 -15.19 33.91 -7.37
N ASP K 147 -15.86 34.73 -6.55
CA ASP K 147 -16.85 34.19 -5.63
C ASP K 147 -18.00 33.53 -6.39
N VAL K 148 -18.45 34.15 -7.48
CA VAL K 148 -19.52 33.55 -8.28
C VAL K 148 -19.05 32.22 -8.85
N LEU K 149 -17.83 32.18 -9.38
CA LEU K 149 -17.31 30.93 -9.91
C LEU K 149 -17.30 29.84 -8.85
N LEU K 150 -16.73 30.12 -7.68
CA LEU K 150 -16.58 29.08 -6.68
C LEU K 150 -17.92 28.62 -6.13
N LEU K 151 -18.86 29.55 -5.91
CA LEU K 151 -20.19 29.15 -5.47
C LEU K 151 -20.88 28.29 -6.52
N ALA K 152 -20.77 28.66 -7.80
CA ALA K 152 -21.41 27.89 -8.85
C ALA K 152 -20.68 26.58 -9.13
N TYR K 153 -19.44 26.45 -8.66
CA TYR K 153 -18.65 25.27 -8.97
C TYR K 153 -18.96 24.12 -8.01
N GLU K 154 -19.25 24.44 -6.75
CA GLU K 154 -19.54 23.37 -5.79
C GLU K 154 -20.98 22.87 -5.87
N LEU K 155 -21.94 23.73 -6.19
CA LEU K 155 -23.33 23.32 -6.24
C LEU K 155 -23.73 22.74 -7.59
N ASP K 156 -22.82 22.69 -8.55
CA ASP K 156 -23.12 22.29 -9.91
C ASP K 156 -24.29 23.11 -10.46
N GLY K 157 -24.22 24.42 -10.24
CA GLY K 157 -25.29 25.31 -10.64
C GLY K 157 -25.06 25.89 -12.02
N VAL K 158 -26.11 26.54 -12.53
CA VAL K 158 -26.11 27.10 -13.88
C VAL K 158 -25.75 28.58 -13.75
N LEU K 159 -24.50 28.92 -14.07
CA LEU K 159 -24.05 30.30 -13.94
C LEU K 159 -24.82 31.19 -14.90
N VAL K 160 -25.19 32.38 -14.43
CA VAL K 160 -25.98 33.33 -15.20
C VAL K 160 -25.29 34.68 -15.10
N SER K 161 -24.68 35.14 -16.20
CA SER K 161 -23.98 36.41 -16.17
C SER K 161 -23.90 37.00 -17.56
N ALA K 162 -23.86 38.33 -17.60
CA ALA K 162 -23.63 39.08 -18.83
C ALA K 162 -22.17 39.49 -18.99
N ASP K 163 -21.29 39.02 -18.11
CA ASP K 163 -19.89 39.37 -18.16
C ASP K 163 -19.17 38.45 -19.14
N GLU K 164 -18.54 39.02 -20.16
CA GLU K 164 -17.85 38.22 -21.16
C GLU K 164 -16.50 37.71 -20.68
N GLY K 165 -15.97 38.28 -19.60
CA GLY K 165 -14.74 37.75 -19.02
C GLY K 165 -15.00 36.66 -18.01
N LEU K 166 -16.23 36.54 -17.53
CA LEU K 166 -16.59 35.46 -16.62
C LEU K 166 -16.95 34.19 -17.38
N ARG K 167 -17.57 34.32 -18.55
CA ARG K 167 -18.09 33.15 -19.26
C ARG K 167 -16.96 32.23 -19.71
N THR K 168 -15.89 32.79 -20.29
CA THR K 168 -14.81 31.95 -20.78
C THR K 168 -14.13 31.21 -19.64
N TRP K 169 -13.89 31.89 -18.53
CA TRP K 169 -13.21 31.26 -17.41
C TRP K 169 -14.10 30.27 -16.68
N ALA K 170 -15.42 30.47 -16.74
CA ALA K 170 -16.34 29.44 -16.24
C ALA K 170 -16.41 28.26 -17.19
N ASP K 171 -16.18 28.48 -18.47
CA ASP K 171 -16.14 27.37 -19.42
C ASP K 171 -14.89 26.55 -19.26
N LYS K 172 -13.77 27.18 -18.90
CA LYS K 172 -12.54 26.42 -18.71
C LYS K 172 -12.64 25.48 -17.52
N ILE K 173 -13.35 25.89 -16.47
CA ILE K 173 -13.34 25.12 -15.23
C ILE K 173 -14.29 23.93 -15.29
N GLY K 174 -15.33 24.00 -16.11
CA GLY K 174 -16.31 22.94 -16.19
C GLY K 174 -17.69 23.28 -15.67
N ILE K 175 -18.01 24.55 -15.50
CA ILE K 175 -19.34 24.94 -15.06
C ILE K 175 -20.25 25.01 -16.28
N LYS K 176 -21.46 24.48 -16.15
CA LYS K 176 -22.45 24.62 -17.21
C LYS K 176 -22.98 26.05 -17.22
N LEU K 177 -23.03 26.65 -18.40
CA LEU K 177 -23.48 28.01 -18.56
C LEU K 177 -24.87 28.04 -19.17
N ILE K 178 -25.47 29.23 -19.20
CA ILE K 178 -26.76 29.45 -19.82
C ILE K 178 -26.67 30.73 -20.62
N ASP K 179 -27.62 30.92 -21.52
CA ASP K 179 -27.68 32.15 -22.30
C ASP K 179 -28.22 33.28 -21.43
N PRO K 180 -27.45 34.34 -21.18
CA PRO K 180 -27.97 35.41 -20.30
C PRO K 180 -29.09 36.20 -20.93
N LYS K 181 -29.12 36.30 -22.26
CA LYS K 181 -30.14 37.07 -22.95
C LYS K 181 -31.49 36.37 -22.96
N ASN K 182 -31.51 35.05 -22.81
CA ASN K 182 -32.75 34.28 -22.81
C ASN K 182 -33.14 33.80 -21.42
N PHE K 183 -32.57 34.38 -20.36
CA PHE K 183 -32.86 33.90 -19.02
C PHE K 183 -34.31 34.12 -18.65
N LYS K 184 -34.87 35.27 -19.01
CA LYS K 184 -36.26 35.57 -18.65
C LYS K 184 -37.22 34.57 -19.30
N ASN K 185 -37.07 34.35 -20.61
CA ASN K 185 -37.91 33.39 -21.32
C ASN K 185 -37.69 31.97 -20.79
N ILE K 186 -36.44 31.64 -20.47
CA ILE K 186 -36.14 30.31 -19.91
C ILE K 186 -36.87 30.12 -18.59
N LEU K 187 -36.81 31.12 -17.71
CA LEU K 187 -37.47 31.01 -16.43
C LEU K 187 -38.98 30.90 -16.62
N GLU K 188 -39.53 31.69 -17.55
CA GLU K 188 -40.98 31.64 -17.80
C GLU K 188 -41.42 30.28 -18.30
N SER K 189 -40.70 29.72 -19.27
CA SER K 189 -41.11 28.43 -19.82
C SER K 189 -40.91 27.31 -18.83
N LEU K 190 -39.92 27.43 -17.94
CA LEU K 190 -39.79 26.45 -16.87
C LEU K 190 -40.92 26.59 -15.86
N VAL K 191 -41.39 27.82 -15.62
CA VAL K 191 -42.48 28.04 -14.68
C VAL K 191 -43.79 27.49 -15.21
N ARG K 192 -44.10 27.78 -16.47
CA ARG K 192 -45.42 27.46 -17.01
C ARG K 192 -45.58 25.96 -17.26
N HIS K 193 -44.78 25.41 -18.17
CA HIS K 193 -44.88 24.00 -18.50
C HIS K 193 -44.10 23.14 -17.51
N MET L 4 17.13 12.73 1.91
CA MET L 4 17.23 13.99 2.64
C MET L 4 16.33 15.03 1.98
N ASP L 5 16.41 16.27 2.45
CA ASP L 5 15.56 17.34 1.96
C ASP L 5 15.84 17.62 0.48
N VAL L 6 14.81 18.07 -0.23
CA VAL L 6 14.89 18.33 -1.66
C VAL L 6 14.61 19.82 -1.88
N PHE L 7 15.52 20.50 -2.58
CA PHE L 7 15.41 21.94 -2.77
C PHE L 7 14.85 22.24 -4.15
N VAL L 8 13.88 23.16 -4.20
CA VAL L 8 13.36 23.66 -5.47
C VAL L 8 14.07 24.97 -5.80
N LEU L 9 14.91 24.94 -6.82
CA LEU L 9 15.71 26.10 -7.16
C LEU L 9 14.84 27.15 -7.84
N ASP L 10 15.49 28.21 -8.30
CA ASP L 10 14.79 29.32 -8.95
C ASP L 10 15.83 30.08 -9.77
N THR L 11 15.37 31.04 -10.56
CA THR L 11 16.29 31.90 -11.29
C THR L 11 16.95 32.91 -10.37
N SER L 12 16.34 33.19 -9.21
CA SER L 12 16.76 34.31 -8.38
C SER L 12 17.73 33.85 -7.29
N VAL L 13 18.51 32.81 -7.59
CA VAL L 13 19.45 32.25 -6.63
C VAL L 13 20.89 32.32 -7.14
N PHE L 14 21.08 32.34 -8.45
CA PHE L 14 22.41 32.61 -9.00
C PHE L 14 22.35 33.48 -10.25
N THR L 15 21.54 34.54 -10.23
CA THR L 15 21.74 35.66 -11.13
C THR L 15 21.63 36.99 -10.42
N ASN L 16 20.98 37.03 -9.26
CA ASN L 16 20.85 38.25 -8.49
C ASN L 16 22.24 38.64 -7.97
N PRO L 17 22.66 39.90 -8.12
CA PRO L 17 24.04 40.26 -7.76
C PRO L 17 24.45 39.94 -6.34
N GLU L 18 23.57 40.14 -5.36
CA GLU L 18 23.96 39.85 -3.97
C GLU L 18 24.22 38.36 -3.77
N ILE L 19 23.36 37.52 -4.32
CA ILE L 19 23.56 36.08 -4.15
C ILE L 19 24.60 35.58 -5.14
N TYR L 20 24.85 36.35 -6.21
CA TYR L 20 26.05 36.14 -7.02
C TYR L 20 27.30 36.29 -6.16
N ARG L 21 27.35 37.33 -5.33
CA ARG L 21 28.54 37.61 -4.54
C ARG L 21 28.72 36.62 -3.40
N THR L 22 27.65 36.31 -2.66
CA THR L 22 27.82 35.41 -1.51
C THR L 22 28.20 34.00 -1.95
N PHE L 23 28.07 33.69 -3.24
CA PHE L 23 28.41 32.36 -3.77
C PHE L 23 29.82 32.38 -4.35
N GLU L 24 30.81 32.51 -3.48
CA GLU L 24 32.22 32.37 -3.84
C GLU L 24 32.65 33.39 -4.89
N GLU L 25 31.89 34.48 -5.02
CA GLU L 25 32.19 35.55 -5.97
C GLU L 25 32.40 35.02 -7.39
N ARG L 28 30.91 33.39 -13.28
CA ARG L 28 31.12 32.02 -13.69
C ARG L 28 31.55 31.14 -12.52
N GLY L 29 32.45 31.69 -11.69
CA GLY L 29 32.93 30.94 -10.54
C GLY L 29 31.84 30.55 -9.58
N ALA L 30 30.83 31.42 -9.41
CA ALA L 30 29.71 31.11 -8.54
C ALA L 30 29.02 29.82 -8.98
N MET L 31 28.78 29.68 -10.29
CA MET L 31 28.10 28.50 -10.79
C MET L 31 28.87 27.22 -10.48
N GLU L 32 30.18 27.21 -10.74
CA GLU L 32 30.95 25.98 -10.56
C GLU L 32 31.13 25.65 -9.08
N THR L 33 31.34 26.67 -8.24
CA THR L 33 31.40 26.41 -6.80
C THR L 33 30.08 25.87 -6.28
N PHE L 34 28.97 26.47 -6.72
CA PHE L 34 27.65 25.97 -6.38
C PHE L 34 27.48 24.52 -6.84
N ILE L 35 27.95 24.21 -8.04
CA ILE L 35 27.80 22.85 -8.58
C ILE L 35 28.55 21.84 -7.75
N HIS L 36 29.81 22.14 -7.42
CA HIS L 36 30.59 21.21 -6.61
C HIS L 36 29.95 21.03 -5.25
N LEU L 37 29.53 22.12 -4.62
CA LEU L 37 28.87 22.02 -3.32
C LEU L 37 27.60 21.20 -3.43
N ALA L 38 26.83 21.39 -4.51
CA ALA L 38 25.57 20.70 -4.71
C ALA L 38 25.74 19.21 -4.90
N LEU L 39 26.76 18.79 -5.65
CA LEU L 39 26.92 17.38 -5.94
C LEU L 39 27.14 16.55 -4.68
N ASN L 40 27.51 17.19 -3.58
CA ASN L 40 27.78 16.46 -2.35
C ASN L 40 26.52 16.31 -1.49
N SER L 41 26.48 15.21 -0.72
CA SER L 41 25.49 14.89 0.32
C SER L 41 24.12 14.54 -0.22
N ARG L 42 23.95 14.44 -1.54
CA ARG L 42 22.72 13.95 -2.15
C ARG L 42 21.49 14.73 -1.69
N ALA L 43 21.64 16.06 -1.62
CA ALA L 43 20.49 16.95 -1.50
C ALA L 43 19.93 17.18 -2.90
N GLU L 44 18.88 16.45 -3.25
CA GLU L 44 18.30 16.53 -4.59
C GLU L 44 17.76 17.94 -4.82
N PHE L 45 18.09 18.53 -5.96
CA PHE L 45 17.55 19.83 -6.31
C PHE L 45 16.52 19.67 -7.41
N TYR L 46 15.86 20.77 -7.76
CA TYR L 46 14.92 20.77 -8.87
C TYR L 46 14.81 22.17 -9.43
N MET L 47 14.43 22.28 -10.69
CA MET L 47 14.18 23.59 -11.28
C MET L 47 13.31 23.43 -12.52
N PRO L 48 12.21 24.16 -12.63
CA PRO L 48 11.32 24.01 -13.78
C PRO L 48 11.96 24.46 -15.09
N THR L 49 11.47 23.88 -16.18
CA THR L 49 12.01 24.17 -17.51
C THR L 49 11.84 25.63 -17.89
N SER L 50 10.67 26.21 -17.59
CA SER L 50 10.42 27.60 -17.97
C SER L 50 11.45 28.52 -17.34
N VAL L 51 11.69 28.37 -16.04
CA VAL L 51 12.72 29.14 -15.36
C VAL L 51 14.07 28.91 -16.01
N TYR L 52 14.34 27.67 -16.41
CA TYR L 52 15.61 27.34 -17.04
C TYR L 52 15.80 28.10 -18.34
N THR L 53 14.76 28.15 -19.18
CA THR L 53 14.92 28.81 -20.47
C THR L 53 14.99 30.32 -20.30
N GLU L 54 14.22 30.90 -19.37
CA GLU L 54 14.36 32.34 -19.12
C GLU L 54 15.75 32.67 -18.62
N MET L 55 16.28 31.86 -17.70
CA MET L 55 17.60 32.15 -17.15
C MET L 55 18.69 32.00 -18.20
N ARG L 56 18.64 30.93 -19.00
CA ARG L 56 19.66 30.75 -20.03
C ARG L 56 19.57 31.82 -21.10
N LYS L 57 18.35 32.25 -21.42
CA LYS L 57 18.18 33.37 -22.34
C LYS L 57 18.78 34.66 -21.77
N ILE L 58 18.60 34.89 -20.47
CA ILE L 58 19.11 36.11 -19.85
C ILE L 58 20.61 35.99 -19.59
N MET L 59 21.05 34.86 -19.07
CA MET L 59 22.44 34.68 -18.69
C MET L 59 22.98 33.39 -19.29
N ASP L 60 24.24 33.42 -19.74
CA ASP L 60 24.86 32.28 -20.39
C ASP L 60 26.27 32.08 -19.87
N VAL L 61 26.62 30.82 -19.61
CA VAL L 61 27.96 30.43 -19.22
C VAL L 61 28.44 29.34 -20.18
N GLY L 62 29.72 29.41 -20.56
CA GLY L 62 30.24 28.49 -21.55
C GLY L 62 30.62 27.12 -21.04
N GLU L 63 29.93 26.09 -21.52
CA GLU L 63 30.31 24.69 -21.39
C GLU L 63 30.25 24.21 -19.93
N LEU L 64 29.93 25.09 -18.99
CA LEU L 64 29.74 24.68 -17.60
C LEU L 64 28.36 24.04 -17.38
N TRP L 65 27.45 24.19 -18.34
CA TRP L 65 26.08 23.72 -18.16
C TRP L 65 26.01 22.21 -17.96
N ALA L 66 27.05 21.46 -18.35
CA ALA L 66 26.96 20.01 -18.31
C ALA L 66 26.66 19.50 -16.91
N GLU L 67 27.47 19.91 -15.92
CA GLU L 67 27.24 19.43 -14.57
C GLU L 67 25.97 20.04 -13.98
N PHE L 68 25.56 21.21 -14.48
CA PHE L 68 24.30 21.78 -14.05
C PHE L 68 23.13 20.90 -14.47
N GLU L 69 23.17 20.40 -15.70
CA GLU L 69 22.18 19.41 -16.11
C GLU L 69 22.34 18.14 -15.30
N MET L 70 23.56 17.83 -14.86
CA MET L 70 23.79 16.65 -14.03
C MET L 70 23.01 16.72 -12.73
N VAL L 71 23.16 17.81 -11.98
CA VAL L 71 22.71 17.82 -10.59
C VAL L 71 21.31 18.42 -10.45
N VAL L 72 21.06 19.56 -11.09
CA VAL L 72 19.80 20.27 -10.93
C VAL L 72 18.81 19.72 -11.95
N LYS L 73 17.86 18.92 -11.48
CA LYS L 73 16.88 18.31 -12.38
C LYS L 73 15.92 19.37 -12.92
N ILE L 74 15.49 19.17 -14.17
CA ILE L 74 14.69 20.16 -14.89
C ILE L 74 13.38 19.51 -15.30
N ARG L 75 12.35 19.67 -14.46
CA ARG L 75 11.05 19.09 -14.73
C ARG L 75 10.03 20.14 -15.14
N SER L 76 8.79 19.70 -15.28
CA SER L 76 7.61 20.53 -15.32
C SER L 76 6.66 20.02 -14.25
N PRO L 77 5.83 20.89 -13.68
CA PRO L 77 5.14 20.53 -12.43
C PRO L 77 4.14 19.38 -12.54
N ARG L 78 3.87 18.86 -13.72
CA ARG L 78 2.74 17.95 -13.93
C ARG L 78 1.44 18.62 -13.48
N ARG L 79 1.11 19.71 -14.17
CA ARG L 79 0.00 20.56 -13.75
C ARG L 79 -1.36 19.91 -13.94
N PHE L 80 -1.42 18.63 -14.29
CA PHE L 80 -2.71 17.97 -14.47
C PHE L 80 -3.17 17.26 -13.21
N GLN L 81 -2.26 16.95 -12.28
CA GLN L 81 -2.64 16.25 -11.06
C GLN L 81 -2.59 17.15 -9.83
N LEU L 82 -2.45 18.46 -10.01
CA LEU L 82 -2.32 19.39 -8.90
C LEU L 82 -3.55 20.28 -8.79
N THR L 83 -3.86 20.68 -7.56
CA THR L 83 -4.99 21.56 -7.29
C THR L 83 -4.56 22.60 -6.27
N VAL L 84 -4.92 23.85 -6.53
CA VAL L 84 -4.57 24.97 -5.66
C VAL L 84 -5.85 25.45 -4.98
N PRO L 85 -5.83 25.69 -3.67
CA PRO L 85 -7.07 26.05 -2.96
C PRO L 85 -7.66 27.36 -3.48
N ALA L 86 -8.99 27.44 -3.42
CA ALA L 86 -9.70 28.55 -4.03
C ALA L 86 -9.40 29.88 -3.36
N ASP L 87 -9.21 29.87 -2.04
CA ASP L 87 -8.96 31.12 -1.33
C ASP L 87 -7.66 31.77 -1.80
N PHE L 88 -6.70 30.95 -2.24
CA PHE L 88 -5.46 31.48 -2.82
C PHE L 88 -5.76 32.35 -4.03
N LEU L 89 -6.55 31.82 -4.98
CA LEU L 89 -6.91 32.58 -6.17
C LEU L 89 -7.73 33.81 -5.79
N TYR L 90 -8.65 33.67 -4.84
CA TYR L 90 -9.47 34.79 -4.41
C TYR L 90 -8.60 35.93 -3.90
N GLU L 91 -7.66 35.64 -3.01
CA GLU L 91 -6.78 36.68 -2.49
C GLU L 91 -5.88 37.27 -3.57
N PHE L 92 -5.35 36.43 -4.46
CA PHE L 92 -4.52 36.93 -5.55
C PHE L 92 -5.25 37.98 -6.36
N ILE L 93 -6.46 37.66 -6.81
CA ILE L 93 -7.18 38.58 -7.68
C ILE L 93 -7.66 39.82 -6.91
N GLU L 94 -8.06 39.63 -5.65
CA GLU L 94 -8.47 40.77 -4.84
C GLU L 94 -7.35 41.78 -4.68
N GLU L 95 -6.11 41.30 -4.47
CA GLU L 95 -4.98 42.23 -4.36
C GLU L 95 -4.61 42.82 -5.72
N LEU L 96 -4.72 42.02 -6.77
CA LEU L 96 -4.35 42.51 -8.10
C LEU L 96 -5.21 43.68 -8.54
N ARG L 97 -6.49 43.67 -8.15
CA ARG L 97 -7.35 44.79 -8.52
C ARG L 97 -6.81 46.11 -7.95
N TYR L 98 -6.42 46.12 -6.67
CA TYR L 98 -5.86 47.32 -6.07
C TYR L 98 -4.59 47.73 -6.79
N ARG L 99 -3.74 46.76 -7.13
CA ARG L 99 -2.51 47.10 -7.84
C ARG L 99 -2.80 47.79 -9.17
N ILE L 100 -3.79 47.29 -9.91
CA ILE L 100 -4.13 47.88 -11.21
C ILE L 100 -4.60 49.32 -11.03
N ASN L 101 -5.45 49.57 -10.04
CA ASN L 101 -5.92 50.93 -9.82
C ASN L 101 -4.77 51.87 -9.47
N LYS L 102 -3.84 51.41 -8.62
CA LYS L 102 -2.69 52.24 -8.27
C LYS L 102 -1.86 52.56 -9.51
N GLY L 103 -1.65 51.57 -10.37
CA GLY L 103 -0.89 51.83 -11.60
C GLY L 103 -1.57 52.85 -12.49
N LEU L 104 -2.90 52.77 -12.60
CA LEU L 104 -3.61 53.75 -13.41
C LEU L 104 -3.45 55.16 -12.84
N ARG L 105 -3.54 55.29 -11.51
CA ARG L 105 -3.37 56.62 -10.91
C ARG L 105 -1.97 57.18 -11.17
N ILE L 106 -0.95 56.33 -11.05
CA ILE L 106 0.41 56.78 -11.32
C ILE L 106 0.55 57.23 -12.78
N ALA L 107 -0.04 56.46 -13.70
CA ALA L 107 0.02 56.84 -15.11
C ALA L 107 -0.64 58.19 -15.32
N GLU L 108 -1.79 58.42 -14.69
CA GLU L 108 -2.45 59.73 -14.79
C GLU L 108 -1.55 60.86 -14.32
N GLU L 109 -0.99 60.73 -13.11
CA GLU L 109 -0.21 61.84 -12.58
C GLU L 109 1.04 62.09 -13.43
N HIS L 110 1.63 61.04 -13.98
CA HIS L 110 2.77 61.27 -14.87
C HIS L 110 2.36 61.89 -16.19
N THR L 111 1.16 61.60 -16.70
CA THR L 111 0.68 62.31 -17.88
C THR L 111 0.58 63.81 -17.62
N ARG L 112 0.01 64.18 -16.47
CA ARG L 112 -0.09 65.60 -16.14
C ARG L 112 1.28 66.24 -16.00
N GLU L 113 2.22 65.54 -15.34
CA GLU L 113 3.56 66.09 -15.20
C GLU L 113 4.24 66.25 -16.56
N ALA L 114 4.01 65.32 -17.48
CA ALA L 114 4.54 65.46 -18.83
C ALA L 114 3.94 66.67 -19.53
N SER L 115 2.64 66.90 -19.36
CA SER L 115 2.02 68.10 -19.90
C SER L 115 2.63 69.36 -19.30
N GLY L 116 3.07 69.28 -18.05
CA GLY L 116 3.62 70.45 -17.38
C GLY L 116 4.92 70.95 -17.99
N CYS L 117 5.90 70.05 -18.14
CA CYS L 117 7.25 70.45 -18.53
C CYS L 117 7.79 69.54 -19.62
N GLU L 118 8.78 70.03 -20.36
CA GLU L 118 9.39 69.28 -21.47
C GLU L 118 10.68 68.59 -21.01
N ASP L 119 10.50 67.53 -20.23
CA ASP L 119 11.59 66.69 -19.76
C ASP L 119 11.25 65.22 -19.98
N VAL L 120 10.87 64.91 -21.23
CA VAL L 120 10.15 63.66 -21.52
C VAL L 120 10.97 62.44 -21.14
N GLY L 121 12.28 62.44 -21.41
CA GLY L 121 13.08 61.25 -21.18
C GLY L 121 13.16 60.87 -19.71
N LYS L 122 13.45 61.85 -18.86
CA LYS L 122 13.54 61.58 -17.42
C LYS L 122 12.20 61.12 -16.87
N LEU L 123 11.11 61.72 -17.33
CA LEU L 123 9.79 61.31 -16.85
C LEU L 123 9.42 59.91 -17.33
N ILE L 124 9.82 59.55 -18.55
CA ILE L 124 9.60 58.18 -19.01
C ILE L 124 10.38 57.19 -18.15
N ALA L 125 11.63 57.52 -17.82
CA ALA L 125 12.39 56.66 -16.93
C ALA L 125 11.73 56.53 -15.57
N ARG L 126 11.21 57.64 -15.03
CA ARG L 126 10.52 57.60 -13.75
C ARG L 126 9.24 56.77 -13.84
N LEU L 127 8.54 56.84 -14.97
CA LEU L 127 7.35 56.02 -15.16
C LEU L 127 7.71 54.54 -15.19
N ARG L 128 8.79 54.18 -15.88
CA ARG L 128 9.27 52.80 -15.81
C ARG L 128 9.52 52.37 -14.38
N GLU L 129 10.17 53.20 -13.58
CA GLU L 129 10.41 52.85 -12.18
C GLU L 129 9.11 52.69 -11.39
N LYS L 130 8.18 53.63 -11.52
CA LYS L 130 7.00 53.64 -10.66
C LYS L 130 5.97 52.59 -11.05
N TYR L 131 5.73 52.40 -12.35
CA TYR L 131 4.71 51.44 -12.79
C TYR L 131 5.10 50.02 -12.41
N ARG L 132 6.36 49.66 -12.62
CA ARG L 132 6.83 48.32 -12.25
C ARG L 132 6.70 48.09 -10.75
N GLU L 133 7.02 49.10 -9.94
CA GLU L 133 6.82 48.98 -8.51
C GLU L 133 5.35 48.89 -8.15
N ALA L 134 4.49 49.54 -8.94
CA ALA L 134 3.06 49.54 -8.63
C ALA L 134 2.42 48.18 -8.90
N LEU L 135 2.82 47.51 -9.98
CA LEU L 135 2.17 46.26 -10.36
C LEU L 135 3.03 45.03 -10.14
N ARG L 136 4.23 44.99 -10.73
CA ARG L 136 4.98 43.74 -10.75
C ARG L 136 5.59 43.43 -9.39
N GLN L 137 5.76 44.44 -8.55
CA GLN L 137 6.43 44.23 -7.26
C GLN L 137 5.42 43.82 -6.21
N GLY L 138 5.62 42.64 -5.62
CA GLY L 138 4.86 42.21 -4.47
C GLY L 138 4.08 40.92 -4.64
N ILE L 139 3.65 40.59 -5.85
CA ILE L 139 2.87 39.39 -6.09
C ILE L 139 3.50 38.57 -7.21
N LEU L 140 2.87 37.45 -7.53
CA LEU L 140 3.28 36.59 -8.63
C LEU L 140 3.05 37.34 -9.94
N ASP L 141 4.13 37.71 -10.63
CA ASP L 141 3.98 38.52 -11.83
C ASP L 141 3.93 37.64 -13.09
N SER L 142 4.96 36.84 -13.33
CA SER L 142 5.07 36.05 -14.55
C SER L 142 4.68 34.60 -14.27
N LYS L 143 4.83 33.76 -15.30
CA LYS L 143 4.44 32.36 -15.16
C LYS L 143 5.55 31.51 -14.56
N GLU L 144 6.80 31.98 -14.63
CA GLU L 144 7.90 31.22 -14.02
C GLU L 144 7.70 31.08 -12.52
N ASP L 145 7.18 32.11 -11.87
CA ASP L 145 6.97 32.04 -10.43
C ASP L 145 5.88 31.04 -10.07
N VAL L 146 4.79 31.03 -10.84
CA VAL L 146 3.73 30.05 -10.62
C VAL L 146 4.24 28.65 -10.85
N ASP L 147 5.10 28.48 -11.86
CA ASP L 147 5.70 27.17 -12.11
C ASP L 147 6.55 26.74 -10.93
N VAL L 148 7.33 27.67 -10.36
CA VAL L 148 8.14 27.34 -9.19
C VAL L 148 7.26 26.92 -8.04
N LEU L 149 6.17 27.66 -7.79
CA LEU L 149 5.25 27.28 -6.72
C LEU L 149 4.71 25.88 -6.92
N LEU L 150 4.18 25.58 -8.11
CA LEU L 150 3.54 24.29 -8.32
C LEU L 150 4.54 23.15 -8.27
N LEU L 151 5.73 23.33 -8.82
CA LEU L 151 6.76 22.28 -8.71
C LEU L 151 7.15 22.06 -7.25
N ALA L 152 7.32 23.14 -6.48
CA ALA L 152 7.70 22.98 -5.09
C ALA L 152 6.54 22.50 -4.22
N TYR L 153 5.32 22.58 -4.73
CA TYR L 153 4.16 22.23 -3.92
C TYR L 153 3.90 20.72 -3.95
N GLU L 154 4.17 20.08 -5.09
CA GLU L 154 3.91 18.64 -5.17
C GLU L 154 5.03 17.80 -4.56
N LEU L 155 6.29 18.24 -4.66
CA LEU L 155 7.40 17.47 -4.14
C LEU L 155 7.68 17.73 -2.67
N ASP L 156 6.91 18.62 -2.03
CA ASP L 156 7.17 19.04 -0.67
C ASP L 156 8.61 19.51 -0.52
N GLY L 157 9.05 20.33 -1.47
CA GLY L 157 10.41 20.82 -1.51
C GLY L 157 10.57 22.15 -0.79
N VAL L 158 11.82 22.52 -0.60
CA VAL L 158 12.18 23.74 0.14
C VAL L 158 12.42 24.83 -0.88
N LEU L 159 11.44 25.72 -1.05
CA LEU L 159 11.56 26.79 -2.04
C LEU L 159 12.72 27.72 -1.68
N VAL L 160 13.48 28.13 -2.68
CA VAL L 160 14.65 28.98 -2.50
C VAL L 160 14.54 30.13 -3.49
N SER L 161 14.28 31.34 -2.99
CA SER L 161 14.12 32.48 -3.88
C SER L 161 14.42 33.77 -3.14
N ALA L 162 14.91 34.75 -3.90
CA ALA L 162 15.12 36.10 -3.41
C ALA L 162 13.97 37.02 -3.76
N ASP L 163 12.89 36.49 -4.34
CA ASP L 163 11.74 37.29 -4.74
C ASP L 163 10.82 37.48 -3.54
N GLU L 164 10.57 38.75 -3.18
CA GLU L 164 9.73 39.03 -2.03
C GLU L 164 8.25 38.89 -2.34
N GLY L 165 7.87 38.82 -3.62
CA GLY L 165 6.49 38.55 -3.96
C GLY L 165 6.19 37.08 -4.08
N LEU L 166 7.23 36.26 -4.18
CA LEU L 166 7.04 34.80 -4.21
C LEU L 166 6.95 34.23 -2.80
N ARG L 167 7.68 34.81 -1.84
CA ARG L 167 7.76 34.22 -0.52
C ARG L 167 6.41 34.26 0.20
N THR L 168 5.71 35.40 0.14
CA THR L 168 4.44 35.49 0.85
C THR L 168 3.41 34.54 0.27
N TRP L 169 3.36 34.44 -1.05
CA TRP L 169 2.37 33.57 -1.67
C TRP L 169 2.73 32.10 -1.51
N ALA L 170 4.02 31.78 -1.37
CA ALA L 170 4.40 30.42 -1.01
C ALA L 170 4.10 30.13 0.44
N ASP L 171 4.10 31.15 1.29
CA ASP L 171 3.73 30.95 2.69
C ASP L 171 2.23 30.73 2.83
N LYS L 172 1.42 31.38 2.00
CA LYS L 172 -0.02 31.18 2.08
C LYS L 172 -0.41 29.76 1.71
N ILE L 173 0.30 29.15 0.76
CA ILE L 173 -0.14 27.86 0.23
C ILE L 173 0.27 26.71 1.14
N GLY L 174 1.34 26.87 1.91
CA GLY L 174 1.82 25.80 2.77
C GLY L 174 3.16 25.21 2.39
N ILE L 175 3.93 25.89 1.56
CA ILE L 175 5.27 25.42 1.22
C ILE L 175 6.24 25.87 2.29
N LYS L 176 7.13 24.97 2.69
CA LYS L 176 8.18 25.35 3.61
C LYS L 176 9.24 26.16 2.88
N LEU L 177 9.64 27.27 3.48
CA LEU L 177 10.60 28.18 2.87
C LEU L 177 11.94 28.05 3.57
N ILE L 178 12.95 28.69 2.99
CA ILE L 178 14.29 28.73 3.56
C ILE L 178 14.79 30.16 3.43
N ASP L 179 15.83 30.49 4.19
CA ASP L 179 16.43 31.81 4.09
C ASP L 179 17.29 31.88 2.83
N PRO L 180 16.97 32.76 1.88
CA PRO L 180 17.78 32.80 0.65
C PRO L 180 19.18 33.32 0.88
N LYS L 181 19.38 34.18 1.87
CA LYS L 181 20.69 34.77 2.12
C LYS L 181 21.64 33.78 2.77
N ASN L 182 21.14 32.75 3.44
CA ASN L 182 21.96 31.74 4.10
C ASN L 182 21.99 30.42 3.34
N PHE L 183 21.59 30.40 2.07
CA PHE L 183 21.53 29.15 1.34
C PHE L 183 22.92 28.55 1.16
N LYS L 184 23.92 29.37 0.87
CA LYS L 184 25.26 28.85 0.65
C LYS L 184 25.81 28.19 1.91
N ASN L 185 25.72 28.87 3.05
CA ASN L 185 26.18 28.31 4.31
C ASN L 185 25.37 27.08 4.68
N ILE L 186 24.07 27.10 4.42
CA ILE L 186 23.21 25.95 4.70
C ILE L 186 23.67 24.74 3.90
N LEU L 187 23.91 24.94 2.61
CA LEU L 187 24.35 23.83 1.78
C LEU L 187 25.71 23.32 2.23
N GLU L 188 26.62 24.24 2.61
CA GLU L 188 27.94 23.83 3.06
C GLU L 188 27.86 23.00 4.34
N SER L 189 27.08 23.45 5.31
CA SER L 189 27.00 22.73 6.58
C SER L 189 26.28 21.40 6.42
N LEU L 190 25.33 21.32 5.48
CA LEU L 190 24.72 20.03 5.18
C LEU L 190 25.72 19.10 4.50
N VAL L 191 26.61 19.65 3.67
CA VAL L 191 27.59 18.83 2.97
C VAL L 191 28.63 18.28 3.94
N ARG L 192 29.15 19.13 4.82
CA ARG L 192 30.28 18.75 5.66
C ARG L 192 29.87 17.79 6.76
N HIS L 193 29.00 18.24 7.66
CA HIS L 193 28.57 17.40 8.78
C HIS L 193 27.43 16.48 8.36
#